data_9HJ8
#
_entry.id   9HJ8
#
_cell.length_a   1.00
_cell.length_b   1.00
_cell.length_c   1.00
_cell.angle_alpha   90.00
_cell.angle_beta   90.00
_cell.angle_gamma   90.00
#
loop_
_entity.id
_entity.type
_entity.pdbx_description
1 polymer Mucolipin-1
2 branched 2-acetamido-2-deoxy-beta-D-glucopyranose-(1-4)-2-acetamido-2-deoxy-beta-D-glucopyranose
3 non-polymer '(2R)-3-{[(S)-hydroxy{[(1S,2R,3R,4S,5S,6R)-2,4,6-trihydroxy-3,5-bis(phosphonooxy)cyclohexyl]oxy}phosphoryl]oxy}propane-1,2-diyl dioctanoate'
4 non-polymer "N,N-dimethyl-4-[1'-[2,2,2-tris(fluoranyl)ethyl]spiro[2H-indole-3,4'-piperidine]-1-yl]sulfonyl-benzenesulfonamide"
5 non-polymer 1,2-DIACYL-SN-GLYCERO-3-PHOSPHOCHOLINE
6 non-polymer N-OCTANE
7 water water
#
_entity_poly.entity_id   1
_entity_poly.type   'polypeptide(L)'
_entity_poly.pdbx_seq_one_letter_code
;MHHHHHHHHGGSDYKDHDGDYKDHDIDYKDDDDKGGSGGSENLYFQGPGTAPAGPRGSETERLLTPNPGYGTQAGPSPAP
PTPPEEEDLRRRLKYFFMSPCDKFRAKGRKPCKLMLQVVKILVVTVQLILFGLSNQLAVTFREENTIAFRHLFLLGYSDG
ADDTFAAYTREQLYQAIFHAVDQYLALPDVSLGRYAYVRGGGDPWTNGSGLALCQRYYHRGHVDPANDTFDIDPMVVTDC
IQVDPPERPPPPPSDDLTLLESSSSYKNLTLKFHKLVNVTIHFRLKTINLQSLINNEIPDCYTFSVLITFDNKAHSGRIP
ISLETQAHIQECKHPSVFQHGDNSFRLLFDVVVILTCSLSFLLCARSLLRGFLLQNEFVGFMWRQRGRVISLWERLEFVN
GWYILLVTSDVLTISGTIMKIGIEAKNLASYDVCSILLGTSTLLVWVGVIRYLTFFHNYNILIATLRVALPSVMRFCCCV
AVIYLGYCFCGWIVLGPYHVKFRSLSMVSECLFSLINGDDMFVTFAAMQAQQGRSSLVWLFSQLYLYSFISLFIYMVLSL
FIALITGAYDTIKHPGGAGAEESELQAYIAQCQDSPTSGKFRRGSGSACSLLCCCGRDPSEEHSLLVN
;
_entity_poly.pdbx_strand_id   A,B,C,D
#
loop_
_chem_comp.id
_chem_comp.type
_chem_comp.name
_chem_comp.formula
A1IVD non-polymer N,N-dimethyl-4-[1'-[2,2,2-tris(fluoranyl)ethyl]spiro[2H-indole-3,4'-piperidine]-1-yl]sulfonyl-benzenesulfonamide 'C22 H26 F3 N3 O4 S2'
EUJ non-polymer '(2R)-3-{[(S)-hydroxy{[(1S,2R,3R,4S,5S,6R)-2,4,6-trihydroxy-3,5-bis(phosphonooxy)cyclohexyl]oxy}phosphoryl]oxy}propane-1,2-diyl dioctanoate' 'C25 H49 O19 P3'
NAG D-saccharide, beta linking 2-acetamido-2-deoxy-beta-D-glucopyranose 'C8 H15 N O6'
OCT non-polymer N-OCTANE 'C8 H18'
PC1 non-polymer 1,2-DIACYL-SN-GLYCERO-3-PHOSPHOCHOLINE 'C44 H88 N O8 P'
#
# COMPACT_ATOMS: atom_id res chain seq x y z
N GLU A 87 64.24 -16.88 0.00
CA GLU A 87 65.05 -15.66 -0.04
C GLU A 87 64.27 -14.52 -0.67
N ASP A 88 64.52 -14.25 -1.97
CA ASP A 88 63.78 -13.21 -2.67
C ASP A 88 62.31 -13.53 -2.80
N LEU A 89 61.92 -14.80 -2.68
CA LEU A 89 60.52 -15.16 -2.86
C LEU A 89 59.64 -14.50 -1.83
N ARG A 90 60.08 -14.45 -0.57
CA ARG A 90 59.29 -13.83 0.47
C ARG A 90 59.02 -12.36 0.15
N ARG A 91 60.08 -11.63 -0.23
CA ARG A 91 59.93 -10.23 -0.57
C ARG A 91 59.05 -10.04 -1.79
N ARG A 92 59.19 -10.93 -2.79
CA ARG A 92 58.36 -10.83 -3.98
C ARG A 92 56.89 -11.01 -3.65
N LEU A 93 56.57 -12.01 -2.83
CA LEU A 93 55.17 -12.22 -2.44
C LEU A 93 54.65 -11.04 -1.62
N LYS A 94 55.45 -10.56 -0.67
CA LYS A 94 55.02 -9.43 0.15
C LYS A 94 54.72 -8.21 -0.72
N TYR A 95 55.56 -7.95 -1.71
CA TYR A 95 55.28 -6.87 -2.65
C TYR A 95 54.02 -7.15 -3.46
N PHE A 96 53.84 -8.40 -3.89
CA PHE A 96 52.69 -8.76 -4.69
C PHE A 96 51.38 -8.52 -3.95
N PHE A 97 51.39 -8.59 -2.62
CA PHE A 97 50.16 -8.39 -1.84
C PHE A 97 50.08 -7.01 -1.21
N MET A 98 50.82 -6.02 -1.70
CA MET A 98 50.82 -4.70 -1.10
C MET A 98 49.78 -3.80 -1.77
N SER A 99 49.50 -2.66 -1.13
CA SER A 99 48.53 -1.70 -1.61
C SER A 99 49.16 -0.76 -2.62
N PRO A 100 48.35 -0.02 -3.38
CA PRO A 100 48.93 0.92 -4.36
C PRO A 100 49.88 1.93 -3.74
N CYS A 101 49.51 2.50 -2.58
CA CYS A 101 50.41 3.42 -1.91
C CYS A 101 51.68 2.72 -1.45
N ASP A 102 51.54 1.50 -0.91
CA ASP A 102 52.70 0.74 -0.48
C ASP A 102 53.62 0.42 -1.67
N LYS A 103 53.04 0.05 -2.80
CA LYS A 103 53.85 -0.25 -3.98
C LYS A 103 54.52 1.00 -4.52
N PHE A 104 53.82 2.14 -4.46
CA PHE A 104 54.45 3.40 -4.85
C PHE A 104 55.63 3.73 -3.95
N ARG A 105 55.48 3.49 -2.64
CA ARG A 105 56.60 3.68 -1.73
C ARG A 105 57.75 2.74 -2.06
N ALA A 106 57.43 1.48 -2.37
CA ALA A 106 58.47 0.48 -2.57
C ALA A 106 59.25 0.72 -3.85
N LYS A 107 58.57 0.69 -5.01
CA LYS A 107 59.23 0.75 -6.30
C LYS A 107 58.77 1.94 -7.13
N GLY A 108 58.15 2.95 -6.51
CA GLY A 108 57.75 4.14 -7.23
C GLY A 108 56.81 3.86 -8.38
N ARG A 109 55.89 2.91 -8.20
CA ARG A 109 54.97 2.54 -9.26
C ARG A 109 53.78 3.50 -9.27
N LYS A 110 53.48 4.06 -10.44
CA LYS A 110 52.35 4.97 -10.59
C LYS A 110 51.06 4.16 -10.71
N PRO A 111 50.03 4.49 -9.93
CA PRO A 111 48.78 3.68 -9.97
C PRO A 111 47.88 4.04 -11.15
N CYS A 112 48.23 3.53 -12.33
CA CYS A 112 47.44 3.86 -13.51
C CYS A 112 46.12 3.10 -13.54
N LYS A 113 46.06 1.92 -12.91
CA LYS A 113 44.81 1.17 -12.90
C LYS A 113 43.72 1.89 -12.13
N LEU A 114 44.09 2.55 -11.02
CA LEU A 114 43.10 3.26 -10.21
C LEU A 114 42.54 4.48 -10.96
N MET A 115 43.43 5.28 -11.56
CA MET A 115 42.95 6.42 -12.32
C MET A 115 42.14 5.96 -13.53
N LEU A 116 42.52 4.83 -14.12
CA LEU A 116 41.73 4.24 -15.19
C LEU A 116 40.34 3.87 -14.68
N GLN A 117 40.25 3.33 -13.47
CA GLN A 117 38.95 2.98 -12.92
C GLN A 117 38.08 4.21 -12.73
N VAL A 118 38.67 5.30 -12.25
CA VAL A 118 37.89 6.53 -12.05
C VAL A 118 37.39 7.06 -13.40
N VAL A 119 38.30 7.12 -14.38
CA VAL A 119 37.91 7.56 -15.72
C VAL A 119 36.82 6.66 -16.28
N LYS A 120 36.94 5.35 -16.04
CA LYS A 120 35.96 4.41 -16.54
C LYS A 120 34.59 4.67 -15.93
N ILE A 121 34.55 4.90 -14.62
CA ILE A 121 33.26 5.19 -13.99
C ILE A 121 32.62 6.38 -14.68
N LEU A 122 33.39 7.46 -14.83
CA LEU A 122 32.82 8.67 -15.44
C LEU A 122 32.30 8.39 -16.85
N VAL A 123 33.16 7.83 -17.72
CA VAL A 123 32.81 7.74 -19.14
C VAL A 123 31.72 6.70 -19.36
N VAL A 124 31.78 5.58 -18.64
CA VAL A 124 30.76 4.54 -18.81
C VAL A 124 29.40 5.05 -18.35
N THR A 125 29.34 5.77 -17.22
CA THR A 125 28.06 6.31 -16.79
C THR A 125 27.52 7.32 -17.81
N VAL A 126 28.39 8.19 -18.33
CA VAL A 126 27.94 9.17 -19.32
C VAL A 126 27.41 8.46 -20.57
N GLN A 127 28.12 7.43 -21.03
CA GLN A 127 27.68 6.69 -22.20
C GLN A 127 26.33 6.03 -21.94
N LEU A 128 26.12 5.48 -20.75
CA LEU A 128 24.84 4.88 -20.43
C LEU A 128 23.71 5.89 -20.52
N ILE A 129 23.92 7.08 -19.98
CA ILE A 129 22.86 8.10 -20.03
C ILE A 129 22.59 8.52 -21.48
N LEU A 130 23.66 8.73 -22.25
CA LEU A 130 23.49 9.14 -23.63
C LEU A 130 22.71 8.09 -24.43
N PHE A 131 23.02 6.81 -24.20
CA PHE A 131 22.25 5.75 -24.85
C PHE A 131 20.80 5.77 -24.37
N GLY A 132 20.59 6.01 -23.08
CA GLY A 132 19.25 6.03 -22.53
C GLY A 132 18.34 7.01 -23.24
N LEU A 133 18.90 8.12 -23.71
CA LEU A 133 18.06 9.07 -24.46
C LEU A 133 17.36 8.39 -25.65
N SER A 134 18.13 7.72 -26.51
CA SER A 134 17.55 7.09 -27.69
C SER A 134 16.71 5.87 -27.32
N ASN A 135 17.13 5.12 -26.30
CA ASN A 135 16.32 3.99 -25.84
C ASN A 135 14.93 4.46 -25.41
N GLN A 136 14.88 5.55 -24.65
CA GLN A 136 13.60 6.11 -24.24
C GLN A 136 12.77 6.54 -25.43
N LEU A 137 13.41 7.17 -26.42
CA LEU A 137 12.66 7.58 -27.62
C LEU A 137 11.98 6.38 -28.26
N ALA A 138 12.71 5.29 -28.46
CA ALA A 138 12.13 4.12 -29.12
C ALA A 138 10.98 3.52 -28.29
N VAL A 139 11.21 3.32 -27.00
CA VAL A 139 10.18 2.69 -26.17
C VAL A 139 8.93 3.55 -26.12
N THR A 140 9.11 4.86 -25.98
CA THR A 140 7.96 5.76 -25.94
C THR A 140 7.17 5.71 -27.23
N PHE A 141 7.86 5.70 -28.38
CA PHE A 141 7.14 5.62 -29.64
C PHE A 141 6.25 4.37 -29.66
N ARG A 142 6.83 3.22 -29.34
CA ARG A 142 6.04 1.98 -29.39
C ARG A 142 4.83 2.06 -28.46
N GLU A 143 5.05 2.45 -27.20
CA GLU A 143 3.96 2.41 -26.22
C GLU A 143 2.87 3.43 -26.53
N GLU A 144 3.26 4.65 -26.91
CA GLU A 144 2.26 5.67 -27.20
C GLU A 144 1.43 5.28 -28.41
N ASN A 145 2.06 4.71 -29.45
CA ASN A 145 1.29 4.25 -30.60
C ASN A 145 0.30 3.16 -30.18
N THR A 146 0.73 2.24 -29.31
CA THR A 146 -0.18 1.18 -28.89
C THR A 146 -1.38 1.74 -28.13
N ILE A 147 -1.16 2.71 -27.25
CA ILE A 147 -2.26 3.32 -26.52
C ILE A 147 -3.22 4.01 -27.48
N ALA A 148 -2.67 4.74 -28.46
CA ALA A 148 -3.52 5.39 -29.45
C ALA A 148 -4.34 4.37 -30.23
N PHE A 149 -3.74 3.22 -30.56
CA PHE A 149 -4.49 2.18 -31.26
C PHE A 149 -5.64 1.67 -30.40
N ARG A 150 -5.39 1.45 -29.11
CA ARG A 150 -6.47 1.01 -28.23
C ARG A 150 -7.61 2.01 -28.22
N HIS A 151 -7.30 3.31 -28.16
CA HIS A 151 -8.36 4.30 -28.15
C HIS A 151 -9.06 4.41 -29.50
N LEU A 152 -8.36 4.12 -30.61
CA LEU A 152 -8.96 4.26 -31.92
C LEU A 152 -9.85 3.07 -32.28
N PHE A 153 -9.44 1.85 -31.95
CA PHE A 153 -10.06 0.67 -32.52
C PHE A 153 -10.96 -0.09 -31.56
N LEU A 154 -10.90 0.17 -30.25
CA LEU A 154 -11.72 -0.55 -29.27
C LEU A 154 -12.89 0.34 -28.86
N LEU A 155 -14.10 -0.13 -29.16
CA LEU A 155 -15.31 0.66 -28.92
C LEU A 155 -15.55 0.81 -27.43
N GLY A 156 -15.62 2.06 -26.96
CA GLY A 156 -15.87 2.32 -25.56
C GLY A 156 -14.71 2.05 -24.64
N TYR A 157 -13.50 1.97 -25.17
CA TYR A 157 -12.33 1.73 -24.33
C TYR A 157 -11.98 2.98 -23.53
N SER A 158 -11.48 2.76 -22.31
CA SER A 158 -10.98 3.84 -21.48
C SER A 158 -9.74 3.36 -20.74
N ASP A 159 -8.89 4.31 -20.37
CA ASP A 159 -7.62 3.98 -19.74
C ASP A 159 -7.85 3.22 -18.43
N GLY A 160 -7.02 2.21 -18.21
CA GLY A 160 -7.13 1.39 -17.01
C GLY A 160 -8.12 0.26 -17.08
N ALA A 161 -8.79 0.06 -18.22
CA ALA A 161 -9.80 -0.96 -18.37
C ALA A 161 -9.29 -2.22 -19.06
N ASP A 162 -7.98 -2.33 -19.26
CA ASP A 162 -7.44 -3.42 -20.08
C ASP A 162 -7.81 -4.79 -19.51
N ASP A 163 -7.75 -4.93 -18.18
CA ASP A 163 -7.92 -6.25 -17.58
C ASP A 163 -9.37 -6.73 -17.59
N THR A 164 -10.34 -5.80 -17.59
CA THR A 164 -11.75 -6.17 -17.52
C THR A 164 -12.51 -5.94 -18.82
N PHE A 165 -11.90 -5.30 -19.81
CA PHE A 165 -12.59 -4.97 -21.05
C PHE A 165 -13.12 -6.24 -21.71
N ALA A 166 -14.44 -6.31 -21.91
CA ALA A 166 -15.07 -7.52 -22.41
C ALA A 166 -16.44 -7.19 -22.98
N ALA A 167 -16.93 -8.09 -23.83
CA ALA A 167 -18.30 -8.05 -24.34
C ALA A 167 -19.16 -9.07 -23.61
N TYR A 168 -20.47 -8.80 -23.56
CA TYR A 168 -21.39 -9.66 -22.84
C TYR A 168 -22.67 -9.98 -23.60
N THR A 169 -22.94 -9.33 -24.73
CA THR A 169 -24.08 -9.66 -25.56
C THR A 169 -23.61 -9.79 -27.01
N ARG A 170 -24.41 -10.50 -27.81
CA ARG A 170 -24.08 -10.66 -29.22
C ARG A 170 -24.01 -9.31 -29.91
N GLU A 171 -24.92 -8.40 -29.57
CA GLU A 171 -24.95 -7.09 -30.18
C GLU A 171 -23.70 -6.30 -29.84
N GLN A 172 -23.25 -6.36 -28.60
CA GLN A 172 -22.01 -5.69 -28.20
C GLN A 172 -20.83 -6.20 -29.00
N LEU A 173 -20.74 -7.52 -29.18
CA LEU A 173 -19.61 -8.10 -29.90
C LEU A 173 -19.62 -7.68 -31.36
N TYR A 174 -20.79 -7.75 -32.01
CA TYR A 174 -20.88 -7.30 -33.40
C TYR A 174 -20.50 -5.84 -33.52
N GLN A 175 -20.98 -5.00 -32.59
CA GLN A 175 -20.66 -3.59 -32.65
C GLN A 175 -19.16 -3.35 -32.48
N ALA A 176 -18.51 -4.08 -31.57
CA ALA A 176 -17.07 -3.91 -31.40
C ALA A 176 -16.30 -4.31 -32.65
N ILE A 177 -16.67 -5.44 -33.26
CA ILE A 177 -15.97 -5.90 -34.47
C ILE A 177 -16.12 -4.88 -35.59
N PHE A 178 -17.35 -4.44 -35.83
CA PHE A 178 -17.60 -3.50 -36.92
C PHE A 178 -16.96 -2.14 -36.63
N HIS A 179 -16.92 -1.73 -35.36
CA HIS A 179 -16.25 -0.47 -35.03
C HIS A 179 -14.77 -0.55 -35.34
N ALA A 180 -14.12 -1.66 -34.98
CA ALA A 180 -12.70 -1.80 -35.28
C ALA A 180 -12.46 -1.72 -36.78
N VAL A 181 -13.25 -2.45 -37.58
CA VAL A 181 -13.02 -2.44 -39.02
C VAL A 181 -13.30 -1.06 -39.62
N ASP A 182 -14.39 -0.41 -39.18
CA ASP A 182 -14.73 0.90 -39.71
C ASP A 182 -13.65 1.93 -39.37
N GLN A 183 -13.12 1.87 -38.16
CA GLN A 183 -12.05 2.78 -37.79
C GLN A 183 -10.80 2.51 -38.62
N TYR A 184 -10.49 1.24 -38.87
CA TYR A 184 -9.36 0.94 -39.75
C TYR A 184 -9.56 1.57 -41.12
N LEU A 185 -10.79 1.52 -41.65
CA LEU A 185 -11.03 2.10 -42.96
C LEU A 185 -11.05 3.64 -42.93
N ALA A 186 -11.41 4.23 -41.80
CA ALA A 186 -11.49 5.68 -41.69
C ALA A 186 -10.20 6.33 -41.19
N LEU A 187 -9.20 5.52 -40.85
CA LEU A 187 -7.98 6.02 -40.21
C LEU A 187 -7.39 7.28 -40.86
N PRO A 188 -7.24 7.37 -42.18
CA PRO A 188 -6.60 8.57 -42.75
C PRO A 188 -7.31 9.87 -42.42
N ASP A 189 -8.62 9.83 -42.21
CA ASP A 189 -9.39 11.06 -42.02
C ASP A 189 -9.54 11.45 -40.55
N VAL A 190 -9.33 10.54 -39.60
CA VAL A 190 -9.67 10.79 -38.21
C VAL A 190 -8.44 10.79 -37.33
N SER A 191 -7.42 10.04 -37.70
CA SER A 191 -6.28 9.84 -36.81
C SER A 191 -5.40 11.07 -36.74
N LEU A 192 -4.84 11.31 -35.55
CA LEU A 192 -3.85 12.36 -35.37
C LEU A 192 -2.47 11.96 -35.89
N GLY A 193 -2.17 10.67 -35.94
CA GLY A 193 -0.93 10.20 -36.53
C GLY A 193 -1.07 9.99 -38.03
N ARG A 194 0.08 9.85 -38.68
CA ARG A 194 0.14 9.58 -40.11
C ARG A 194 0.58 8.14 -40.31
N TYR A 195 -0.31 7.33 -40.87
CA TYR A 195 -0.07 5.90 -41.04
C TYR A 195 -0.26 5.51 -42.49
N ALA A 196 0.52 4.53 -42.93
CA ALA A 196 0.37 3.94 -44.24
C ALA A 196 -0.07 2.48 -44.11
N TYR A 197 -0.91 2.05 -45.05
CA TYR A 197 -1.39 0.68 -45.06
C TYR A 197 -0.34 -0.27 -45.64
N VAL A 198 -0.39 -1.51 -45.18
CA VAL A 198 0.40 -2.60 -45.72
C VAL A 198 -0.55 -3.64 -46.32
N ARG A 199 -0.24 -4.11 -47.51
CA ARG A 199 -1.07 -5.06 -48.23
C ARG A 199 -0.29 -6.34 -48.50
N GLY A 200 -1.05 -7.43 -48.70
CA GLY A 200 -0.44 -8.67 -49.14
C GLY A 200 0.50 -9.25 -48.10
N GLY A 201 1.57 -9.86 -48.58
CA GLY A 201 2.47 -10.60 -47.72
C GLY A 201 1.92 -11.99 -47.42
N GLY A 202 2.49 -12.59 -46.38
CA GLY A 202 2.07 -13.93 -46.00
C GLY A 202 0.67 -13.96 -45.43
N ASP A 203 0.32 -15.05 -44.75
CA ASP A 203 -0.97 -15.16 -44.11
C ASP A 203 -1.01 -14.28 -42.87
N PRO A 204 -2.21 -13.89 -42.42
CA PRO A 204 -3.53 -14.27 -42.91
C PRO A 204 -4.03 -13.42 -44.06
N TRP A 205 -3.21 -12.53 -44.61
CA TRP A 205 -3.65 -11.61 -45.66
C TRP A 205 -3.44 -12.24 -47.03
N THR A 206 -4.47 -12.16 -47.87
CA THR A 206 -4.30 -12.47 -49.28
C THR A 206 -3.66 -11.27 -49.98
N ASN A 207 -3.25 -11.48 -51.22
CA ASN A 207 -2.62 -10.41 -51.98
C ASN A 207 -3.60 -9.26 -52.14
N GLY A 208 -3.13 -8.05 -51.86
CA GLY A 208 -3.95 -6.86 -51.96
C GLY A 208 -4.80 -6.56 -50.74
N SER A 209 -4.82 -7.44 -49.75
CA SER A 209 -5.66 -7.28 -48.58
C SER A 209 -4.88 -6.63 -47.45
N GLY A 210 -5.52 -5.67 -46.77
CA GLY A 210 -4.88 -4.98 -45.67
C GLY A 210 -5.32 -5.47 -44.31
N LEU A 211 -6.56 -5.93 -44.20
CA LEU A 211 -7.11 -6.37 -42.92
C LEU A 211 -7.70 -7.77 -43.05
N ALA A 212 -7.40 -8.63 -42.09
CA ALA A 212 -7.95 -9.98 -42.05
C ALA A 212 -8.84 -10.11 -40.83
N LEU A 213 -10.10 -10.50 -41.05
CA LEU A 213 -11.08 -10.66 -39.98
C LEU A 213 -11.45 -12.14 -39.94
N CYS A 214 -10.93 -12.87 -38.95
CA CYS A 214 -11.00 -14.32 -38.93
C CYS A 214 -11.72 -14.83 -37.70
N GLN A 215 -12.68 -15.73 -37.90
CA GLN A 215 -13.35 -16.43 -36.81
C GLN A 215 -12.97 -17.91 -36.85
N ARG A 216 -12.70 -18.45 -35.66
CA ARG A 216 -12.26 -19.82 -35.48
C ARG A 216 -13.27 -20.54 -34.59
N TYR A 217 -13.76 -21.69 -35.08
CA TYR A 217 -14.82 -22.43 -34.41
C TYR A 217 -14.61 -23.92 -34.61
N TYR A 218 -15.33 -24.73 -33.83
CA TYR A 218 -15.22 -26.18 -33.94
C TYR A 218 -15.78 -26.68 -35.26
N HIS A 219 -15.13 -27.71 -35.82
CA HIS A 219 -15.59 -28.27 -37.08
C HIS A 219 -17.03 -28.75 -36.99
N ARG A 220 -17.34 -29.52 -35.97
CA ARG A 220 -18.72 -29.92 -35.68
C ARG A 220 -18.99 -29.59 -34.21
N GLY A 221 -19.93 -28.69 -33.97
CA GLY A 221 -20.40 -28.48 -32.62
C GLY A 221 -21.90 -28.52 -32.50
N HIS A 222 -22.43 -29.53 -31.81
N HIS A 222 -22.43 -29.52 -31.81
CA HIS A 222 -23.84 -29.59 -31.46
CA HIS A 222 -23.84 -29.59 -31.46
C HIS A 222 -23.91 -29.59 -29.94
C HIS A 222 -23.92 -29.60 -29.94
N VAL A 223 -24.43 -28.52 -29.37
CA VAL A 223 -24.44 -28.32 -27.92
C VAL A 223 -25.89 -28.23 -27.48
N ASP A 224 -26.31 -29.12 -26.57
CA ASP A 224 -27.70 -29.22 -26.15
C ASP A 224 -27.74 -29.36 -24.64
N PRO A 225 -27.52 -28.26 -23.91
CA PRO A 225 -27.62 -28.33 -22.44
C PRO A 225 -29.00 -28.70 -21.95
N ALA A 226 -30.05 -28.43 -22.73
CA ALA A 226 -31.41 -28.79 -22.32
C ALA A 226 -31.54 -30.29 -22.17
N ASN A 227 -30.96 -31.06 -23.10
CA ASN A 227 -30.96 -32.51 -23.04
C ASN A 227 -29.68 -33.08 -22.45
N ASP A 228 -28.79 -32.23 -21.94
CA ASP A 228 -27.55 -32.68 -21.32
C ASP A 228 -26.68 -33.47 -22.30
N THR A 229 -26.59 -32.99 -23.54
CA THR A 229 -25.89 -33.73 -24.57
C THR A 229 -25.01 -32.81 -25.40
N PHE A 230 -24.01 -33.39 -26.03
CA PHE A 230 -23.25 -32.66 -27.03
C PHE A 230 -22.55 -33.63 -27.96
N ASP A 231 -22.22 -33.13 -29.14
CA ASP A 231 -21.54 -33.89 -30.18
C ASP A 231 -20.53 -32.94 -30.81
N ILE A 232 -19.25 -33.16 -30.52
CA ILE A 232 -18.20 -32.22 -30.86
C ILE A 232 -17.09 -32.94 -31.61
N ASP A 233 -16.65 -32.35 -32.71
CA ASP A 233 -15.35 -32.63 -33.32
C ASP A 233 -14.46 -31.43 -33.04
N PRO A 234 -13.52 -31.53 -32.08
CA PRO A 234 -12.82 -30.32 -31.63
C PRO A 234 -11.86 -29.72 -32.64
N MET A 235 -11.76 -30.25 -33.84
CA MET A 235 -10.87 -29.66 -34.84
C MET A 235 -11.32 -28.25 -35.18
N VAL A 236 -10.37 -27.33 -35.20
CA VAL A 236 -10.66 -25.90 -35.36
C VAL A 236 -10.67 -25.56 -36.85
N VAL A 237 -11.73 -24.91 -37.29
CA VAL A 237 -11.87 -24.38 -38.63
C VAL A 237 -11.76 -22.87 -38.55
N THR A 238 -10.94 -22.30 -39.43
CA THR A 238 -10.74 -20.86 -39.54
C THR A 238 -11.41 -20.38 -40.82
N ASP A 239 -12.29 -19.39 -40.69
CA ASP A 239 -12.94 -18.75 -41.83
C ASP A 239 -12.72 -17.26 -41.70
N CYS A 240 -12.26 -16.61 -42.77
CA CYS A 240 -12.08 -15.18 -42.61
C CYS A 240 -12.16 -14.36 -43.88
N ILE A 241 -12.48 -13.08 -43.65
CA ILE A 241 -12.82 -12.09 -44.65
C ILE A 241 -11.64 -11.16 -44.82
N GLN A 242 -11.34 -10.82 -46.07
CA GLN A 242 -10.26 -9.92 -46.41
C GLN A 242 -10.84 -8.55 -46.75
N VAL A 243 -10.28 -7.51 -46.14
CA VAL A 243 -10.72 -6.15 -46.37
C VAL A 243 -9.55 -5.38 -46.97
N ASP A 244 -9.77 -4.82 -48.15
CA ASP A 244 -8.80 -3.94 -48.78
C ASP A 244 -8.87 -2.55 -48.17
N PRO A 245 -7.73 -1.91 -47.90
CA PRO A 245 -7.77 -0.54 -47.39
C PRO A 245 -8.35 0.41 -48.43
N PRO A 246 -8.89 1.55 -47.99
CA PRO A 246 -9.57 2.48 -48.91
C PRO A 246 -8.62 3.09 -49.94
N SER A 265 -18.84 -6.04 -47.14
CA SER A 265 -18.74 -7.50 -47.24
C SER A 265 -18.40 -8.10 -45.87
N TYR A 266 -17.53 -7.42 -45.13
CA TYR A 266 -17.29 -7.80 -43.75
C TYR A 266 -18.52 -7.54 -42.89
N LYS A 267 -19.43 -6.69 -43.33
CA LYS A 267 -20.67 -6.43 -42.60
C LYS A 267 -21.62 -7.62 -42.62
N ASN A 268 -21.40 -8.59 -43.50
CA ASN A 268 -22.21 -9.78 -43.58
C ASN A 268 -21.72 -10.89 -42.66
N LEU A 269 -20.73 -10.61 -41.83
CA LEU A 269 -20.20 -11.61 -40.91
C LEU A 269 -21.31 -12.21 -40.06
N THR A 270 -21.33 -13.54 -39.97
CA THR A 270 -22.25 -14.28 -39.13
C THR A 270 -21.45 -15.18 -38.21
N LEU A 271 -21.51 -14.90 -36.91
CA LEU A 271 -20.74 -15.64 -35.93
C LEU A 271 -21.48 -16.89 -35.48
N LYS A 272 -20.75 -18.00 -35.38
CA LYS A 272 -21.31 -19.28 -34.92
C LYS A 272 -21.10 -19.36 -33.42
N PHE A 273 -21.99 -18.70 -32.68
CA PHE A 273 -21.74 -18.40 -31.28
C PHE A 273 -21.57 -19.66 -30.44
N HIS A 274 -22.38 -20.68 -30.69
CA HIS A 274 -22.39 -21.84 -29.79
C HIS A 274 -21.11 -22.67 -29.89
N LYS A 275 -20.38 -22.60 -31.00
CA LYS A 275 -19.12 -23.32 -31.14
C LYS A 275 -17.96 -22.39 -31.48
N LEU A 276 -18.10 -21.09 -31.19
CA LEU A 276 -17.07 -20.12 -31.51
C LEU A 276 -15.89 -20.24 -30.57
N VAL A 277 -14.69 -20.33 -31.12
CA VAL A 277 -13.48 -20.36 -30.30
C VAL A 277 -12.88 -18.97 -30.12
N ASN A 278 -12.68 -18.23 -31.21
CA ASN A 278 -12.32 -16.82 -31.05
C ASN A 278 -12.50 -16.07 -32.35
N VAL A 279 -12.33 -14.75 -32.27
CA VAL A 279 -12.33 -13.87 -33.42
C VAL A 279 -11.09 -13.00 -33.34
N THR A 280 -10.42 -12.81 -34.47
CA THR A 280 -9.21 -12.00 -34.52
C THR A 280 -9.27 -11.05 -35.71
N ILE A 281 -8.66 -9.88 -35.51
CA ILE A 281 -8.48 -8.88 -36.56
C ILE A 281 -6.98 -8.59 -36.65
N HIS A 282 -6.44 -8.74 -37.85
CA HIS A 282 -5.02 -8.56 -38.11
C HIS A 282 -4.82 -7.47 -39.14
N PHE A 283 -3.95 -6.50 -38.84
CA PHE A 283 -3.55 -5.54 -39.86
C PHE A 283 -2.23 -4.88 -39.48
N ARG A 284 -1.56 -4.31 -40.47
CA ARG A 284 -0.26 -3.67 -40.28
C ARG A 284 -0.34 -2.21 -40.69
N LEU A 285 0.38 -1.35 -39.97
CA LEU A 285 0.44 0.07 -40.23
C LEU A 285 1.89 0.54 -40.22
N LYS A 286 2.24 1.44 -41.13
CA LYS A 286 3.59 1.98 -41.21
C LYS A 286 3.59 3.44 -40.77
N THR A 287 4.61 3.81 -40.00
CA THR A 287 4.72 5.18 -39.50
C THR A 287 6.21 5.51 -39.32
N ILE A 288 6.49 6.77 -39.02
CA ILE A 288 7.84 7.27 -38.90
C ILE A 288 8.01 7.93 -37.54
N ASN A 289 9.10 7.59 -36.85
CA ASN A 289 9.37 8.10 -35.50
C ASN A 289 10.10 9.44 -35.61
N LEU A 290 9.31 10.50 -35.84
CA LEU A 290 9.89 11.82 -36.09
C LEU A 290 10.59 12.40 -34.87
N GLN A 291 10.19 12.00 -33.66
CA GLN A 291 10.75 12.60 -32.47
C GLN A 291 12.26 12.42 -32.39
N SER A 292 12.81 11.43 -33.09
CA SER A 292 14.25 11.22 -33.09
C SER A 292 15.00 12.49 -33.48
N LEU A 293 14.35 13.38 -34.25
CA LEU A 293 15.00 14.61 -34.67
C LEU A 293 15.50 15.42 -33.48
N ILE A 294 14.81 15.35 -32.33
CA ILE A 294 15.25 16.15 -31.19
C ILE A 294 16.59 15.67 -30.64
N ASN A 295 16.94 14.42 -30.88
CA ASN A 295 18.22 13.87 -30.44
C ASN A 295 19.27 13.90 -31.55
N ASN A 296 19.03 14.68 -32.61
CA ASN A 296 19.96 14.77 -33.74
C ASN A 296 20.19 13.41 -34.38
N GLU A 297 19.12 12.62 -34.49
CA GLU A 297 19.19 11.31 -35.11
C GLU A 297 18.20 11.26 -36.28
N ILE A 298 18.50 10.44 -37.27
CA ILE A 298 17.60 10.27 -38.41
C ILE A 298 16.41 9.41 -37.98
N PRO A 299 15.17 9.83 -38.23
CA PRO A 299 14.03 9.00 -37.86
C PRO A 299 14.04 7.63 -38.52
N ASP A 300 13.56 6.64 -37.78
CA ASP A 300 13.41 5.28 -38.29
C ASP A 300 12.00 5.07 -38.83
N CYS A 301 11.85 4.00 -39.62
CA CYS A 301 10.56 3.59 -40.16
C CYS A 301 10.06 2.39 -39.36
N TYR A 302 8.86 2.52 -38.80
CA TYR A 302 8.25 1.49 -37.97
C TYR A 302 7.10 0.83 -38.71
N THR A 303 6.99 -0.49 -38.59
CA THR A 303 5.80 -1.23 -38.97
C THR A 303 5.21 -1.84 -37.71
N PHE A 304 3.95 -1.50 -37.43
CA PHE A 304 3.21 -2.05 -36.30
C PHE A 304 2.28 -3.14 -36.84
N SER A 305 2.44 -4.35 -36.33
CA SER A 305 1.51 -5.44 -36.57
C SER A 305 0.51 -5.47 -35.43
N VAL A 306 -0.76 -5.25 -35.74
CA VAL A 306 -1.82 -5.07 -34.77
C VAL A 306 -2.71 -6.30 -34.80
N LEU A 307 -2.93 -6.90 -33.64
CA LEU A 307 -3.83 -8.03 -33.46
C LEU A 307 -4.87 -7.67 -32.41
N ILE A 308 -6.14 -7.76 -32.79
CA ILE A 308 -7.26 -7.56 -31.87
C ILE A 308 -7.94 -8.91 -31.69
N THR A 309 -8.05 -9.35 -30.44
CA THR A 309 -8.60 -10.66 -30.12
C THR A 309 -9.87 -10.51 -29.30
N PHE A 310 -10.92 -11.19 -29.73
CA PHE A 310 -12.14 -11.42 -28.97
C PHE A 310 -12.14 -12.89 -28.60
N ASP A 311 -11.89 -13.18 -27.32
CA ASP A 311 -11.55 -14.53 -26.87
C ASP A 311 -12.78 -15.20 -26.25
N ASN A 312 -13.17 -16.34 -26.80
CA ASN A 312 -14.30 -17.11 -26.29
C ASN A 312 -13.89 -18.53 -25.89
N LYS A 313 -12.62 -18.73 -25.54
CA LYS A 313 -12.15 -20.08 -25.25
C LYS A 313 -12.81 -20.65 -24.00
N ALA A 314 -13.25 -19.79 -23.07
CA ALA A 314 -13.91 -20.26 -21.87
C ALA A 314 -15.39 -20.59 -22.07
N HIS A 315 -16.01 -20.10 -23.14
CA HIS A 315 -17.42 -20.36 -23.42
C HIS A 315 -18.29 -20.05 -22.20
N SER A 316 -18.02 -18.91 -21.57
CA SER A 316 -18.63 -18.57 -20.29
C SER A 316 -19.66 -17.45 -20.38
N GLY A 317 -19.98 -16.96 -21.57
CA GLY A 317 -20.83 -15.81 -21.72
C GLY A 317 -20.12 -14.48 -21.60
N ARG A 318 -18.83 -14.47 -21.28
CA ARG A 318 -18.02 -13.26 -21.21
C ARG A 318 -16.85 -13.41 -22.18
N ILE A 319 -16.74 -12.49 -23.13
CA ILE A 319 -15.70 -12.55 -24.15
C ILE A 319 -14.74 -11.39 -23.94
N PRO A 320 -13.58 -11.61 -23.33
CA PRO A 320 -12.61 -10.51 -23.19
C PRO A 320 -12.04 -10.08 -24.53
N ILE A 321 -11.78 -8.78 -24.63
CA ILE A 321 -11.30 -8.13 -25.84
C ILE A 321 -9.97 -7.47 -25.54
N SER A 322 -8.97 -7.73 -26.39
CA SER A 322 -7.65 -7.17 -26.18
C SER A 322 -7.03 -6.76 -27.51
N LEU A 323 -6.07 -5.84 -27.42
CA LEU A 323 -5.30 -5.37 -28.57
C LEU A 323 -3.82 -5.45 -28.23
N GLU A 324 -3.04 -6.03 -29.14
CA GLU A 324 -1.60 -6.13 -28.97
C GLU A 324 -0.90 -5.72 -30.25
N THR A 325 0.33 -5.23 -30.10
CA THR A 325 1.13 -4.77 -31.23
C THR A 325 2.52 -5.37 -31.16
N GLN A 326 3.10 -5.57 -32.34
CA GLN A 326 4.51 -5.92 -32.48
C GLN A 326 5.16 -4.92 -33.43
N ALA A 327 6.29 -4.35 -33.02
CA ALA A 327 6.94 -3.29 -33.78
C ALA A 327 8.18 -3.83 -34.47
N HIS A 328 8.32 -3.52 -35.76
CA HIS A 328 9.50 -3.85 -36.53
C HIS A 328 10.12 -2.55 -37.03
N ILE A 329 11.40 -2.35 -36.74
CA ILE A 329 12.11 -1.12 -37.06
C ILE A 329 13.00 -1.37 -38.26
N GLN A 330 13.01 -0.43 -39.20
CA GLN A 330 13.89 -0.51 -40.35
C GLN A 330 14.32 0.88 -40.77
N GLU A 331 15.44 0.94 -41.49
CA GLU A 331 15.91 2.20 -42.04
C GLU A 331 15.03 2.62 -43.21
N CYS A 332 14.75 3.91 -43.30
CA CYS A 332 13.95 4.44 -44.38
C CYS A 332 14.79 4.61 -45.64
N LYS A 333 14.12 4.75 -46.78
CA LYS A 333 14.79 4.85 -48.07
C LYS A 333 15.16 6.30 -48.35
N HIS A 334 16.45 6.54 -48.57
CA HIS A 334 17.01 7.85 -48.92
C HIS A 334 16.26 8.99 -48.24
N PRO A 335 16.29 9.08 -46.92
CA PRO A 335 15.64 10.19 -46.23
C PRO A 335 16.45 11.48 -46.37
N SER A 336 15.79 12.59 -46.07
CA SER A 336 16.41 13.92 -46.15
C SER A 336 16.06 14.70 -44.90
N VAL A 337 17.07 15.09 -44.14
CA VAL A 337 16.92 16.01 -43.03
C VAL A 337 17.85 17.19 -43.29
N PHE A 338 17.29 18.39 -43.36
CA PHE A 338 18.08 19.59 -43.55
C PHE A 338 19.05 19.76 -42.39
N GLN A 339 20.35 19.70 -42.69
CA GLN A 339 21.39 19.69 -41.65
C GLN A 339 21.18 18.52 -40.71
N HIS A 340 21.31 17.32 -41.25
CA HIS A 340 21.06 16.05 -40.54
C HIS A 340 21.33 16.13 -39.05
N PHE A 345 30.43 13.27 -32.55
CA PHE A 345 30.78 13.31 -31.14
C PHE A 345 30.54 11.96 -30.48
N ARG A 346 29.33 11.44 -30.62
CA ARG A 346 28.97 10.19 -29.96
C ARG A 346 29.85 9.05 -30.44
N LEU A 347 30.21 9.04 -31.73
CA LEU A 347 31.11 8.01 -32.23
C LEU A 347 32.48 8.11 -31.56
N LEU A 348 33.01 9.34 -31.44
CA LEU A 348 34.30 9.52 -30.79
C LEU A 348 34.23 9.14 -29.32
N PHE A 349 33.12 9.47 -28.65
CA PHE A 349 32.97 9.09 -27.25
C PHE A 349 32.93 7.57 -27.09
N ASP A 350 32.24 6.88 -28.00
CA ASP A 350 32.23 5.42 -27.96
C ASP A 350 33.63 4.87 -28.18
N VAL A 351 34.38 5.44 -29.12
CA VAL A 351 35.76 5.00 -29.34
C VAL A 351 36.61 5.22 -28.10
N VAL A 352 36.40 6.34 -27.41
CA VAL A 352 37.13 6.61 -26.17
C VAL A 352 36.81 5.58 -25.11
N VAL A 353 35.52 5.25 -24.96
CA VAL A 353 35.12 4.22 -24.00
C VAL A 353 35.81 2.90 -24.36
N ILE A 354 35.84 2.56 -25.64
CA ILE A 354 36.46 1.31 -26.07
C ILE A 354 37.94 1.31 -25.74
N LEU A 355 38.63 2.42 -25.99
CA LEU A 355 40.06 2.49 -25.68
C LEU A 355 40.31 2.35 -24.19
N THR A 356 39.52 3.04 -23.36
CA THR A 356 39.70 2.96 -21.92
C THR A 356 39.49 1.54 -21.43
N CYS A 357 38.42 0.88 -21.90
CA CYS A 357 38.15 -0.48 -21.47
C CYS A 357 39.22 -1.45 -21.97
N SER A 358 39.74 -1.22 -23.18
CA SER A 358 40.79 -2.09 -23.71
C SER A 358 42.06 -1.97 -22.87
N LEU A 359 42.45 -0.74 -22.52
CA LEU A 359 43.64 -0.57 -21.69
C LEU A 359 43.44 -1.20 -20.32
N SER A 360 42.26 -1.01 -19.72
CA SER A 360 41.99 -1.62 -18.43
C SER A 360 42.06 -3.14 -18.53
N PHE A 361 41.49 -3.71 -19.60
CA PHE A 361 41.54 -5.15 -19.80
C PHE A 361 42.99 -5.63 -19.92
N LEU A 362 43.81 -4.91 -20.68
CA LEU A 362 45.20 -5.34 -20.84
C LEU A 362 45.95 -5.32 -19.51
N LEU A 363 45.78 -4.25 -18.74
CA LEU A 363 46.46 -4.17 -17.45
C LEU A 363 46.00 -5.27 -16.51
N CYS A 364 44.69 -5.54 -16.47
CA CYS A 364 44.18 -6.58 -15.58
C CYS A 364 44.66 -7.95 -16.01
N ALA A 365 44.71 -8.22 -17.32
CA ALA A 365 45.23 -9.50 -17.80
C ALA A 365 46.70 -9.65 -17.46
N ARG A 366 47.48 -8.58 -17.58
CA ARG A 366 48.88 -8.65 -17.19
C ARG A 366 49.01 -8.96 -15.70
N SER A 367 48.20 -8.33 -14.88
CA SER A 367 48.24 -8.60 -13.44
C SER A 367 47.88 -10.06 -13.15
N LEU A 368 46.85 -10.57 -13.82
CA LEU A 368 46.45 -11.96 -13.60
C LEU A 368 47.55 -12.92 -14.02
N LEU A 369 48.21 -12.64 -15.14
CA LEU A 369 49.32 -13.50 -15.57
C LEU A 369 50.47 -13.46 -14.56
N ARG A 370 50.79 -12.27 -14.06
CA ARG A 370 51.85 -12.17 -13.06
C ARG A 370 51.50 -12.96 -11.81
N GLY A 371 50.24 -12.85 -11.36
CA GLY A 371 49.81 -13.64 -10.22
C GLY A 371 49.91 -15.13 -10.47
N PHE A 372 49.54 -15.57 -11.67
CA PHE A 372 49.63 -17.00 -11.99
C PHE A 372 51.07 -17.48 -11.97
N LEU A 373 51.99 -16.69 -12.53
CA LEU A 373 53.39 -17.08 -12.52
C LEU A 373 53.93 -17.15 -11.10
N LEU A 374 53.59 -16.15 -10.27
CA LEU A 374 54.04 -16.18 -8.88
C LEU A 374 53.46 -17.37 -8.14
N GLN A 375 52.20 -17.72 -8.41
CA GLN A 375 51.58 -18.88 -7.80
C GLN A 375 52.34 -20.15 -8.19
N ASN A 376 52.68 -20.28 -9.47
CA ASN A 376 53.41 -21.47 -9.90
C ASN A 376 54.77 -21.55 -9.22
N GLU A 377 55.47 -20.42 -9.12
CA GLU A 377 56.77 -20.42 -8.46
C GLU A 377 56.63 -20.83 -6.99
N PHE A 378 55.62 -20.30 -6.30
CA PHE A 378 55.43 -20.65 -4.89
C PHE A 378 55.09 -22.12 -4.72
N VAL A 379 54.25 -22.66 -5.61
CA VAL A 379 53.90 -24.08 -5.51
C VAL A 379 55.14 -24.93 -5.73
N GLY A 380 55.95 -24.58 -6.73
CA GLY A 380 57.19 -25.30 -6.94
C GLY A 380 58.11 -25.25 -5.74
N PHE A 381 58.20 -24.08 -5.10
CA PHE A 381 59.01 -23.95 -3.89
C PHE A 381 58.49 -24.85 -2.79
N MET A 382 57.17 -24.88 -2.58
CA MET A 382 56.61 -25.70 -1.52
C MET A 382 56.83 -27.19 -1.79
N TRP A 383 56.66 -27.62 -3.03
CA TRP A 383 56.77 -29.05 -3.32
C TRP A 383 58.14 -29.59 -2.96
N ARG A 384 59.19 -28.85 -3.29
CA ARG A 384 60.55 -29.25 -2.95
C ARG A 384 60.71 -29.37 -1.44
N SER A 391 47.23 -27.81 -2.21
CA SER A 391 45.93 -27.35 -1.71
C SER A 391 45.32 -26.34 -2.67
N LEU A 392 44.12 -26.66 -3.19
CA LEU A 392 43.52 -25.82 -4.22
C LEU A 392 43.26 -24.41 -3.70
N TRP A 393 42.79 -24.29 -2.45
CA TRP A 393 42.56 -22.97 -1.88
C TRP A 393 43.87 -22.20 -1.78
N GLU A 394 44.96 -22.87 -1.40
CA GLU A 394 46.25 -22.20 -1.29
C GLU A 394 46.74 -21.70 -2.63
N ARG A 395 46.19 -22.21 -3.74
CA ARG A 395 46.51 -21.69 -5.06
C ARG A 395 45.55 -20.57 -5.47
N LEU A 396 44.25 -20.77 -5.23
CA LEU A 396 43.27 -19.74 -5.53
C LEU A 396 43.53 -18.46 -4.73
N GLU A 397 44.29 -18.56 -3.65
CA GLU A 397 44.67 -17.35 -2.91
C GLU A 397 45.45 -16.38 -3.77
N PHE A 398 46.03 -16.84 -4.86
CA PHE A 398 46.79 -15.98 -5.77
C PHE A 398 45.92 -15.35 -6.86
N VAL A 399 44.64 -15.68 -6.91
CA VAL A 399 43.75 -15.17 -7.95
C VAL A 399 43.03 -13.95 -7.41
N ASN A 400 43.20 -12.82 -8.10
CA ASN A 400 42.52 -11.58 -7.74
C ASN A 400 41.13 -11.61 -8.37
N GLY A 401 40.11 -11.89 -7.55
CA GLY A 401 38.75 -11.93 -8.06
C GLY A 401 38.28 -10.58 -8.57
N TRP A 402 38.77 -9.50 -7.98
CA TRP A 402 38.40 -8.17 -8.44
C TRP A 402 38.81 -7.96 -9.89
N TYR A 403 39.97 -8.48 -10.28
CA TYR A 403 40.42 -8.31 -11.67
C TYR A 403 39.62 -9.18 -12.62
N ILE A 404 39.18 -10.36 -12.18
CA ILE A 404 38.26 -11.13 -13.00
C ILE A 404 36.97 -10.35 -13.22
N LEU A 405 36.44 -9.74 -12.16
CA LEU A 405 35.27 -8.89 -12.31
C LEU A 405 35.53 -7.76 -13.27
N LEU A 406 36.71 -7.14 -13.19
CA LEU A 406 37.03 -6.01 -14.05
C LEU A 406 37.12 -6.41 -15.51
N VAL A 407 37.73 -7.55 -15.81
CA VAL A 407 37.81 -8.00 -17.20
C VAL A 407 36.42 -8.38 -17.71
N THR A 408 35.59 -8.98 -16.87
CA THR A 408 34.21 -9.25 -17.27
C THR A 408 33.49 -7.96 -17.60
N SER A 409 33.66 -6.94 -16.76
CA SER A 409 33.03 -5.65 -17.00
C SER A 409 33.54 -5.01 -18.28
N ASP A 410 34.84 -5.14 -18.56
CA ASP A 410 35.40 -4.58 -19.79
C ASP A 410 34.82 -5.27 -21.02
N VAL A 411 34.71 -6.60 -20.98
CA VAL A 411 34.13 -7.32 -22.10
C VAL A 411 32.68 -6.89 -22.30
N LEU A 412 31.92 -6.78 -21.22
CA LEU A 412 30.52 -6.34 -21.32
C LEU A 412 30.44 -4.94 -21.91
N THR A 413 31.30 -4.03 -21.44
CA THR A 413 31.25 -2.66 -21.92
C THR A 413 31.60 -2.57 -23.40
N ILE A 414 32.62 -3.30 -23.84
CA ILE A 414 33.00 -3.25 -25.25
C ILE A 414 31.89 -3.84 -26.11
N SER A 415 31.30 -4.96 -25.69
CA SER A 415 30.21 -5.53 -26.46
C SER A 415 29.03 -4.56 -26.54
N GLY A 416 28.69 -3.93 -25.43
CA GLY A 416 27.60 -2.96 -25.44
C GLY A 416 27.89 -1.77 -26.32
N THR A 417 29.14 -1.29 -26.32
CA THR A 417 29.49 -0.16 -27.15
C THR A 417 29.44 -0.51 -28.62
N ILE A 418 29.89 -1.71 -28.98
CA ILE A 418 29.81 -2.14 -30.38
C ILE A 418 28.35 -2.24 -30.81
N MET A 419 27.50 -2.81 -29.95
CA MET A 419 26.08 -2.88 -30.26
C MET A 419 25.48 -1.48 -30.41
N LYS A 420 25.87 -0.56 -29.54
CA LYS A 420 25.35 0.81 -29.61
C LYS A 420 25.77 1.48 -30.91
N ILE A 421 27.02 1.30 -31.32
CA ILE A 421 27.48 1.86 -32.59
C ILE A 421 26.69 1.25 -33.75
N GLY A 422 26.47 -0.06 -33.71
CA GLY A 422 25.69 -0.69 -34.76
C GLY A 422 24.26 -0.17 -34.83
N ILE A 423 23.64 0.04 -33.67
CA ILE A 423 22.28 0.57 -33.64
C ILE A 423 22.26 1.99 -34.20
N GLU A 424 23.24 2.83 -33.81
CA GLU A 424 23.29 4.18 -34.32
C GLU A 424 23.51 4.20 -35.83
N ALA A 425 24.30 3.27 -36.34
CA ALA A 425 24.51 3.14 -37.79
C ALA A 425 23.31 2.52 -38.50
N LYS A 426 22.30 2.06 -37.76
CA LYS A 426 21.09 1.44 -38.29
C LYS A 426 21.32 0.01 -38.78
N ASN A 427 22.41 -0.62 -38.36
CA ASN A 427 22.62 -2.02 -38.66
C ASN A 427 21.88 -2.94 -37.72
N LEU A 428 21.54 -2.46 -36.52
CA LEU A 428 20.84 -3.26 -35.52
C LEU A 428 19.74 -2.41 -34.90
N ALA A 429 18.78 -3.09 -34.27
CA ALA A 429 17.72 -2.41 -33.54
C ALA A 429 17.42 -3.08 -32.20
N SER A 430 18.37 -3.83 -31.64
CA SER A 430 18.15 -4.54 -30.38
C SER A 430 18.48 -3.61 -29.21
N TYR A 431 17.56 -2.69 -28.94
CA TYR A 431 17.76 -1.71 -27.88
C TYR A 431 17.82 -2.39 -26.51
N ASP A 432 16.98 -3.40 -26.29
CA ASP A 432 16.90 -4.02 -24.96
C ASP A 432 18.21 -4.72 -24.59
N VAL A 433 18.78 -5.49 -25.52
CA VAL A 433 20.03 -6.19 -25.24
C VAL A 433 21.14 -5.19 -24.97
N CYS A 434 21.24 -4.14 -25.79
CA CYS A 434 22.26 -3.14 -25.59
C CYS A 434 22.11 -2.46 -24.22
N SER A 435 20.86 -2.12 -23.86
CA SER A 435 20.63 -1.47 -22.58
C SER A 435 21.02 -2.39 -21.43
N ILE A 436 20.70 -3.67 -21.52
CA ILE A 436 21.06 -4.59 -20.44
C ILE A 436 22.57 -4.70 -20.32
N LEU A 437 23.26 -4.86 -21.46
CA LEU A 437 24.72 -4.95 -21.42
C LEU A 437 25.33 -3.72 -20.78
N LEU A 438 24.94 -2.53 -21.25
CA LEU A 438 25.55 -1.31 -20.75
C LEU A 438 25.19 -1.05 -19.29
N GLY A 439 23.96 -1.32 -18.88
CA GLY A 439 23.59 -1.12 -17.49
C GLY A 439 24.32 -2.05 -16.55
N THR A 440 24.42 -3.33 -16.91
CA THR A 440 25.19 -4.27 -16.09
C THR A 440 26.66 -3.84 -16.01
N SER A 441 27.23 -3.42 -17.13
CA SER A 441 28.62 -3.00 -17.11
C SER A 441 28.82 -1.77 -16.24
N THR A 442 27.86 -0.84 -16.28
CA THR A 442 27.96 0.34 -15.42
C THR A 442 27.91 -0.04 -13.94
N LEU A 443 27.00 -0.94 -13.58
CA LEU A 443 26.93 -1.40 -12.19
C LEU A 443 28.24 -2.04 -11.77
N LEU A 444 28.80 -2.91 -12.62
CA LEU A 444 30.05 -3.59 -12.26
C LEU A 444 31.20 -2.59 -12.16
N VAL A 445 31.23 -1.59 -13.05
CA VAL A 445 32.30 -0.58 -12.99
C VAL A 445 32.20 0.19 -11.69
N TRP A 446 30.99 0.57 -11.27
CA TRP A 446 30.85 1.26 -10.00
C TRP A 446 31.28 0.38 -8.83
N VAL A 447 30.94 -0.91 -8.89
CA VAL A 447 31.30 -1.80 -7.78
C VAL A 447 32.80 -2.06 -7.75
N GLY A 448 33.48 -1.96 -8.89
CA GLY A 448 34.86 -2.38 -8.98
C GLY A 448 35.83 -1.60 -8.12
N VAL A 449 35.49 -0.36 -7.75
CA VAL A 449 36.44 0.47 -7.00
C VAL A 449 36.58 0.05 -5.54
N ILE A 450 35.69 -0.82 -5.04
CA ILE A 450 35.83 -1.34 -3.69
C ILE A 450 37.11 -2.16 -3.54
N ARG A 451 37.67 -2.62 -4.67
CA ARG A 451 38.94 -3.34 -4.64
C ARG A 451 40.01 -2.55 -3.90
N TYR A 452 40.01 -1.23 -4.07
CA TYR A 452 41.03 -0.40 -3.45
C TYR A 452 40.71 -0.05 -2.01
N LEU A 453 39.43 -0.11 -1.62
CA LEU A 453 39.07 0.03 -0.22
C LEU A 453 39.35 -1.24 0.57
N THR A 454 39.48 -2.39 -0.11
CA THR A 454 39.74 -3.63 0.61
C THR A 454 41.04 -3.60 1.40
N PHE A 455 41.96 -2.70 1.09
CA PHE A 455 43.25 -2.69 1.76
C PHE A 455 43.17 -2.16 3.19
N PHE A 456 42.12 -1.41 3.52
CA PHE A 456 42.02 -0.71 4.79
C PHE A 456 40.87 -1.31 5.60
N HIS A 457 41.19 -1.83 6.79
CA HIS A 457 40.20 -2.57 7.57
C HIS A 457 39.01 -1.71 7.94
N ASN A 458 39.27 -0.45 8.33
CA ASN A 458 38.18 0.42 8.73
C ASN A 458 37.19 0.68 7.60
N TYR A 459 37.58 0.45 6.35
CA TYR A 459 36.71 0.62 5.20
C TYR A 459 36.29 -0.69 4.56
N ASN A 460 36.69 -1.83 5.11
CA ASN A 460 36.50 -3.13 4.48
C ASN A 460 35.56 -4.03 5.27
N ILE A 461 34.65 -3.45 6.06
CA ILE A 461 33.80 -4.24 6.94
C ILE A 461 32.87 -5.13 6.11
N LEU A 462 32.25 -4.57 5.08
CA LEU A 462 31.26 -5.32 4.31
C LEU A 462 31.87 -6.55 3.64
N ILE A 463 32.96 -6.36 2.90
CA ILE A 463 33.57 -7.46 2.18
C ILE A 463 34.18 -8.46 3.15
N ALA A 464 34.86 -7.96 4.19
CA ALA A 464 35.48 -8.86 5.15
C ALA A 464 34.44 -9.73 5.84
N THR A 465 33.28 -9.15 6.18
CA THR A 465 32.23 -9.92 6.82
C THR A 465 31.59 -10.90 5.86
N LEU A 466 31.33 -10.48 4.62
CA LEU A 466 30.72 -11.37 3.64
C LEU A 466 31.61 -12.58 3.39
N ARG A 467 32.92 -12.37 3.31
CA ARG A 467 33.83 -13.49 3.06
C ARG A 467 33.70 -14.56 4.13
N VAL A 468 33.45 -14.16 5.38
CA VAL A 468 33.35 -15.14 6.45
C VAL A 468 31.94 -15.71 6.54
N ALA A 469 30.92 -14.93 6.17
CA ALA A 469 29.54 -15.36 6.37
C ALA A 469 29.03 -16.23 5.24
N LEU A 470 29.53 -16.04 4.02
CA LEU A 470 28.89 -16.64 2.85
C LEU A 470 28.74 -18.15 2.91
N PRO A 471 29.75 -18.93 3.31
CA PRO A 471 29.58 -20.40 3.29
C PRO A 471 28.45 -20.89 4.20
N SER A 472 28.40 -20.40 5.43
CA SER A 472 27.33 -20.80 6.34
C SER A 472 25.98 -20.31 5.84
N VAL A 473 25.94 -19.14 5.19
CA VAL A 473 24.70 -18.66 4.61
C VAL A 473 24.22 -19.61 3.52
N MET A 474 25.14 -20.07 2.67
CA MET A 474 24.77 -21.00 1.60
C MET A 474 24.25 -22.31 2.17
N ARG A 475 24.91 -22.83 3.20
CA ARG A 475 24.45 -24.07 3.83
C ARG A 475 23.07 -23.89 4.44
N PHE A 476 22.82 -22.73 5.07
CA PHE A 476 21.50 -22.43 5.61
C PHE A 476 20.44 -22.37 4.51
N CYS A 477 20.79 -21.74 3.39
CA CYS A 477 19.86 -21.66 2.27
C CYS A 477 19.53 -23.03 1.72
N CYS A 478 20.47 -23.98 1.78
CA CYS A 478 20.17 -25.33 1.33
C CYS A 478 18.92 -25.88 2.00
N CYS A 479 18.82 -25.72 3.32
CA CYS A 479 17.68 -26.22 4.06
C CYS A 479 16.45 -25.34 3.87
N VAL A 480 16.64 -24.02 3.79
CA VAL A 480 15.47 -23.14 3.70
C VAL A 480 14.78 -23.25 2.33
N ALA A 481 15.54 -23.56 1.28
CA ALA A 481 15.00 -23.49 -0.07
C ALA A 481 13.92 -24.53 -0.31
N VAL A 482 14.06 -25.73 0.27
CA VAL A 482 13.06 -26.77 0.02
C VAL A 482 11.73 -26.38 0.66
N ILE A 483 11.78 -25.80 1.86
CA ILE A 483 10.55 -25.30 2.49
C ILE A 483 9.93 -24.20 1.64
N TYR A 484 10.76 -23.28 1.17
CA TYR A 484 10.26 -22.17 0.36
C TYR A 484 9.59 -22.69 -0.91
N LEU A 485 10.21 -23.67 -1.57
CA LEU A 485 9.65 -24.21 -2.81
C LEU A 485 8.37 -25.00 -2.54
N GLY A 486 8.32 -25.74 -1.44
CA GLY A 486 7.08 -26.41 -1.09
C GLY A 486 5.93 -25.43 -0.93
N TYR A 487 6.20 -24.34 -0.21
CA TYR A 487 5.16 -23.31 -0.06
C TYR A 487 4.80 -22.70 -1.40
N CYS A 488 5.80 -22.45 -2.25
CA CYS A 488 5.51 -21.86 -3.55
C CYS A 488 4.56 -22.74 -4.37
N PHE A 489 4.89 -24.02 -4.49
CA PHE A 489 4.05 -24.91 -5.30
C PHE A 489 2.65 -25.06 -4.69
N CYS A 490 2.59 -25.26 -3.36
CA CYS A 490 1.29 -25.40 -2.72
C CYS A 490 0.42 -24.17 -2.95
N GLY A 491 0.96 -22.98 -2.70
CA GLY A 491 0.18 -21.77 -2.89
C GLY A 491 -0.22 -21.57 -4.34
N TRP A 492 0.71 -21.80 -5.26
CA TRP A 492 0.41 -21.61 -6.67
C TRP A 492 -0.75 -22.48 -7.11
N ILE A 493 -0.77 -23.75 -6.72
CA ILE A 493 -1.80 -24.63 -7.24
C ILE A 493 -3.11 -24.50 -6.46
N VAL A 494 -3.04 -24.38 -5.13
CA VAL A 494 -4.26 -24.36 -4.33
C VAL A 494 -4.93 -22.99 -4.36
N LEU A 495 -4.16 -21.92 -4.19
CA LEU A 495 -4.72 -20.58 -4.06
C LEU A 495 -4.77 -19.80 -5.36
N GLY A 496 -4.01 -20.22 -6.39
CA GLY A 496 -3.93 -19.47 -7.62
C GLY A 496 -5.25 -19.19 -8.30
N PRO A 497 -6.16 -20.16 -8.38
CA PRO A 497 -7.47 -19.88 -9.01
C PRO A 497 -8.29 -18.85 -8.24
N TYR A 498 -8.02 -18.62 -6.95
CA TYR A 498 -8.82 -17.72 -6.14
C TYR A 498 -8.14 -16.41 -5.80
N HIS A 499 -6.82 -16.34 -5.87
CA HIS A 499 -6.06 -15.22 -5.34
C HIS A 499 -5.28 -14.56 -6.47
N VAL A 500 -5.49 -13.26 -6.66
CA VAL A 500 -4.87 -12.54 -7.78
C VAL A 500 -3.36 -12.54 -7.68
N LYS A 501 -2.81 -12.67 -6.48
CA LYS A 501 -1.37 -12.64 -6.28
C LYS A 501 -0.71 -14.02 -6.38
N PHE A 502 -1.48 -15.06 -6.70
CA PHE A 502 -0.95 -16.41 -6.80
C PHE A 502 -1.16 -17.03 -8.18
N ARG A 503 -1.40 -16.19 -9.19
CA ARG A 503 -1.78 -16.71 -10.50
C ARG A 503 -0.67 -17.56 -11.12
N SER A 504 0.58 -17.11 -10.99
CA SER A 504 1.71 -17.75 -11.63
C SER A 504 2.81 -18.01 -10.61
N LEU A 505 3.70 -18.94 -10.96
CA LEU A 505 4.75 -19.33 -10.03
C LEU A 505 5.68 -18.15 -9.72
N SER A 506 6.06 -17.37 -10.74
CA SER A 506 6.90 -16.21 -10.51
C SER A 506 6.18 -15.19 -9.63
N MET A 507 4.89 -14.98 -9.87
CA MET A 507 4.10 -14.08 -9.05
C MET A 507 3.98 -14.61 -7.61
N VAL A 508 3.86 -15.92 -7.45
CA VAL A 508 3.81 -16.51 -6.11
C VAL A 508 5.12 -16.26 -5.38
N SER A 509 6.25 -16.45 -6.08
CA SER A 509 7.55 -16.20 -5.47
C SER A 509 7.67 -14.73 -5.05
N GLU A 510 7.22 -13.81 -5.90
CA GLU A 510 7.25 -12.40 -5.54
C GLU A 510 6.39 -12.14 -4.29
N CYS A 511 5.20 -12.71 -4.25
CA CYS A 511 4.30 -12.48 -3.12
C CYS A 511 4.91 -13.00 -1.82
N LEU A 512 5.46 -14.22 -1.86
CA LEU A 512 6.04 -14.79 -0.64
C LEU A 512 7.28 -14.04 -0.20
N PHE A 513 8.14 -13.66 -1.16
CA PHE A 513 9.33 -12.89 -0.82
C PHE A 513 8.95 -11.55 -0.19
N SER A 514 7.93 -10.88 -0.73
CA SER A 514 7.47 -9.63 -0.14
C SER A 514 6.88 -9.85 1.25
N LEU A 515 6.14 -10.94 1.43
CA LEU A 515 5.56 -11.23 2.74
C LEU A 515 6.65 -11.45 3.79
N ILE A 516 7.74 -12.12 3.41
CA ILE A 516 8.84 -12.31 4.34
C ILE A 516 9.36 -10.97 4.84
N ASN A 517 9.38 -9.97 3.96
CA ASN A 517 9.86 -8.65 4.30
C ASN A 517 8.77 -7.76 4.90
N GLY A 518 7.62 -8.33 5.23
CA GLY A 518 6.54 -7.60 5.88
C GLY A 518 5.66 -6.79 4.97
N ASP A 519 5.79 -6.94 3.65
CA ASP A 519 5.15 -6.05 2.69
C ASP A 519 3.85 -6.64 2.17
N ASP A 520 2.79 -5.83 2.16
CA ASP A 520 1.54 -6.14 1.48
C ASP A 520 0.76 -7.25 2.20
N MET A 521 0.91 -7.35 3.52
CA MET A 521 0.36 -8.48 4.26
C MET A 521 -1.17 -8.43 4.32
N PHE A 522 -1.73 -7.30 4.75
CA PHE A 522 -3.16 -7.25 4.98
C PHE A 522 -3.94 -7.43 3.69
N VAL A 523 -3.45 -6.87 2.58
CA VAL A 523 -4.14 -7.04 1.32
C VAL A 523 -4.09 -8.50 0.88
N THR A 524 -2.99 -9.19 1.15
CA THR A 524 -2.92 -10.62 0.87
C THR A 524 -3.98 -11.38 1.65
N PHE A 525 -4.13 -11.06 2.94
CA PHE A 525 -5.20 -11.68 3.72
C PHE A 525 -6.58 -11.32 3.18
N ALA A 526 -6.76 -10.07 2.77
CA ALA A 526 -8.08 -9.57 2.41
C ALA A 526 -8.56 -10.08 1.07
N ALA A 527 -7.64 -10.40 0.16
CA ALA A 527 -8.04 -10.94 -1.13
C ALA A 527 -8.84 -12.24 -0.97
N MET A 528 -8.69 -12.93 0.15
CA MET A 528 -9.39 -14.18 0.40
C MET A 528 -10.74 -13.98 1.10
N GLN A 529 -11.01 -12.79 1.64
CA GLN A 529 -12.24 -12.60 2.41
C GLN A 529 -13.49 -12.86 1.56
N ALA A 530 -13.38 -12.70 0.24
CA ALA A 530 -14.53 -12.97 -0.62
C ALA A 530 -14.92 -14.44 -0.60
N GLN A 531 -13.95 -15.34 -0.38
CA GLN A 531 -14.23 -16.77 -0.37
C GLN A 531 -14.74 -17.28 0.97
N GLN A 532 -14.72 -16.46 2.02
CA GLN A 532 -15.17 -16.93 3.32
C GLN A 532 -16.62 -17.38 3.28
N GLY A 533 -17.41 -16.83 2.37
CA GLY A 533 -18.80 -17.23 2.23
C GLY A 533 -19.03 -18.22 1.12
N ARG A 534 -18.21 -18.15 0.07
CA ARG A 534 -18.39 -19.04 -1.08
C ARG A 534 -17.69 -20.38 -0.87
N SER A 535 -16.38 -20.35 -0.63
CA SER A 535 -15.58 -21.56 -0.45
C SER A 535 -14.93 -21.48 0.92
N SER A 536 -15.64 -21.96 1.93
CA SER A 536 -15.16 -21.84 3.30
C SER A 536 -13.92 -22.69 3.54
N LEU A 537 -13.86 -23.87 2.96
CA LEU A 537 -12.70 -24.74 3.17
C LEU A 537 -11.44 -24.12 2.59
N VAL A 538 -11.54 -23.56 1.38
CA VAL A 538 -10.38 -22.90 0.78
C VAL A 538 -9.97 -21.69 1.61
N TRP A 539 -10.94 -20.94 2.13
CA TRP A 539 -10.62 -19.79 2.95
C TRP A 539 -9.89 -20.20 4.24
N LEU A 540 -10.36 -21.26 4.89
CA LEU A 540 -9.69 -21.75 6.09
C LEU A 540 -8.27 -22.21 5.77
N PHE A 541 -8.12 -22.93 4.66
CA PHE A 541 -6.78 -23.36 4.26
C PHE A 541 -5.87 -22.16 4.03
N SER A 542 -6.39 -21.12 3.37
CA SER A 542 -5.57 -19.95 3.11
C SER A 542 -5.16 -19.27 4.41
N GLN A 543 -6.07 -19.22 5.39
CA GLN A 543 -5.72 -18.69 6.70
C GLN A 543 -4.54 -19.45 7.29
N LEU A 544 -4.65 -20.78 7.36
CA LEU A 544 -3.58 -21.57 7.93
C LEU A 544 -2.28 -21.39 7.16
N TYR A 545 -2.37 -21.41 5.83
CA TYR A 545 -1.21 -21.28 4.96
C TYR A 545 -0.47 -19.96 5.23
N LEU A 546 -1.20 -18.84 5.19
CA LEU A 546 -0.55 -17.54 5.32
C LEU A 546 0.01 -17.35 6.73
N TYR A 547 -0.77 -17.71 7.76
CA TYR A 547 -0.28 -17.52 9.12
C TYR A 547 0.98 -18.36 9.37
N SER A 548 0.96 -19.63 8.95
CA SER A 548 2.11 -20.48 9.19
C SER A 548 3.33 -19.98 8.41
N PHE A 549 3.16 -19.61 7.15
CA PHE A 549 4.31 -19.13 6.38
C PHE A 549 4.91 -17.89 7.01
N ILE A 550 4.07 -16.90 7.32
CA ILE A 550 4.60 -15.64 7.86
C ILE A 550 5.32 -15.89 9.18
N SER A 551 4.67 -16.61 10.09
CA SER A 551 5.29 -16.86 11.39
C SER A 551 6.63 -17.56 11.23
N LEU A 552 6.64 -18.69 10.51
CA LEU A 552 7.86 -19.46 10.36
C LEU A 552 8.98 -18.62 9.76
N PHE A 553 8.70 -17.92 8.67
CA PHE A 553 9.79 -17.30 7.94
C PHE A 553 10.26 -16.00 8.57
N ILE A 554 9.34 -15.14 9.02
CA ILE A 554 9.77 -13.88 9.62
C ILE A 554 10.43 -14.13 10.97
N TYR A 555 9.85 -14.97 11.82
CA TYR A 555 10.32 -15.01 13.20
C TYR A 555 11.41 -16.05 13.43
N MET A 556 11.46 -17.14 12.67
CA MET A 556 12.47 -18.16 12.86
C MET A 556 13.58 -18.09 11.82
N VAL A 557 13.22 -18.16 10.54
CA VAL A 557 14.24 -18.29 9.49
C VAL A 557 15.05 -17.01 9.37
N LEU A 558 14.37 -15.88 9.18
CA LEU A 558 15.07 -14.61 8.95
C LEU A 558 15.91 -14.24 10.16
N SER A 559 15.41 -14.50 11.37
CA SER A 559 16.17 -14.20 12.57
C SER A 559 17.50 -14.93 12.58
N LEU A 560 17.48 -16.23 12.23
CA LEU A 560 18.72 -17.00 12.21
C LEU A 560 19.64 -16.56 11.08
N PHE A 561 19.08 -16.17 9.93
CA PHE A 561 19.90 -15.63 8.86
C PHE A 561 20.68 -14.39 9.32
N ILE A 562 19.96 -13.45 9.93
CA ILE A 562 20.61 -12.24 10.43
C ILE A 562 21.60 -12.59 11.52
N ALA A 563 21.28 -13.58 12.35
CA ALA A 563 22.21 -14.00 13.40
C ALA A 563 23.50 -14.53 12.80
N LEU A 564 23.41 -15.29 11.71
CA LEU A 564 24.62 -15.77 11.05
C LEU A 564 25.47 -14.60 10.56
N ILE A 565 24.83 -13.63 9.92
CA ILE A 565 25.60 -12.50 9.38
C ILE A 565 26.24 -11.70 10.51
N THR A 566 25.50 -11.41 11.58
CA THR A 566 26.05 -10.62 12.66
C THR A 566 27.10 -11.38 13.45
N GLY A 567 26.98 -12.72 13.54
CA GLY A 567 28.03 -13.50 14.16
C GLY A 567 29.31 -13.49 13.34
N ALA A 568 29.19 -13.55 12.01
CA ALA A 568 30.38 -13.40 11.17
C ALA A 568 31.02 -12.04 11.40
N TYR A 569 30.21 -10.98 11.47
CA TYR A 569 30.77 -9.66 11.75
C TYR A 569 31.48 -9.64 13.11
N ASP A 570 30.85 -10.22 14.13
CA ASP A 570 31.49 -10.31 15.44
C ASP A 570 32.84 -11.01 15.34
N THR A 571 32.92 -12.02 14.47
CA THR A 571 34.20 -12.71 14.28
C THR A 571 35.24 -11.80 13.66
N ILE A 572 34.90 -11.12 12.55
CA ILE A 572 35.88 -10.29 11.86
C ILE A 572 36.16 -8.98 12.57
N LYS A 573 35.47 -8.69 13.67
CA LYS A 573 35.69 -7.46 14.41
C LYS A 573 36.26 -7.78 15.79
N GLU B 87 26.45 -55.10 26.01
CA GLU B 87 27.37 -55.70 25.04
C GLU B 87 26.99 -55.31 23.61
N ASP B 88 26.24 -56.18 22.92
CA ASP B 88 25.79 -55.87 21.57
C ASP B 88 24.78 -54.73 21.55
N LEU B 89 24.12 -54.44 22.68
CA LEU B 89 23.10 -53.41 22.70
C LEU B 89 23.69 -52.04 22.35
N ARG B 90 24.87 -51.74 22.89
CA ARG B 90 25.50 -50.45 22.60
C ARG B 90 25.74 -50.29 21.11
N ARG B 91 26.31 -51.32 20.47
CA ARG B 91 26.57 -51.26 19.05
C ARG B 91 25.28 -51.17 18.25
N ARG B 92 24.25 -51.91 18.68
CA ARG B 92 22.97 -51.86 17.98
C ARG B 92 22.38 -50.46 18.02
N LEU B 93 22.39 -49.82 19.20
CA LEU B 93 21.86 -48.46 19.30
C LEU B 93 22.69 -47.49 18.47
N LYS B 94 24.02 -47.59 18.56
CA LYS B 94 24.88 -46.70 17.79
C LYS B 94 24.58 -46.82 16.29
N TYR B 95 24.41 -48.05 15.80
CA TYR B 95 24.01 -48.22 14.41
C TYR B 95 22.64 -47.64 14.14
N PHE B 96 21.70 -47.82 15.07
CA PHE B 96 20.35 -47.32 14.88
C PHE B 96 20.32 -45.80 14.74
N PHE B 97 21.28 -45.09 15.33
CA PHE B 97 21.30 -43.63 15.25
C PHE B 97 22.31 -43.10 14.24
N MET B 98 22.74 -43.91 13.28
CA MET B 98 23.74 -43.48 12.31
C MET B 98 23.08 -42.90 11.06
N SER B 99 23.90 -42.23 10.24
CA SER B 99 23.45 -41.59 9.02
C SER B 99 23.41 -42.60 7.87
N PRO B 100 22.75 -42.26 6.77
CA PRO B 100 22.72 -43.19 5.63
C PRO B 100 24.10 -43.57 5.13
N CYS B 101 25.01 -42.60 5.02
CA CYS B 101 26.37 -42.91 4.59
C CYS B 101 27.07 -43.77 5.63
N ASP B 102 26.88 -43.46 6.91
CA ASP B 102 27.48 -44.27 7.97
C ASP B 102 26.95 -45.70 7.94
N LYS B 103 25.65 -45.87 7.72
CA LYS B 103 25.07 -47.21 7.66
C LYS B 103 25.55 -47.96 6.43
N PHE B 104 25.71 -47.25 5.31
CA PHE B 104 26.29 -47.88 4.12
C PHE B 104 27.71 -48.35 4.40
N ARG B 105 28.51 -47.53 5.10
CA ARG B 105 29.85 -47.96 5.48
C ARG B 105 29.81 -49.18 6.39
N ALA B 106 28.87 -49.19 7.34
CA ALA B 106 28.84 -50.24 8.35
C ALA B 106 28.40 -51.57 7.75
N LYS B 107 27.17 -51.63 7.21
CA LYS B 107 26.59 -52.88 6.75
C LYS B 107 26.24 -52.84 5.26
N GLY B 108 26.79 -51.90 4.51
CA GLY B 108 26.55 -51.87 3.07
C GLY B 108 25.09 -51.72 2.72
N ARG B 109 24.34 -50.94 3.49
CA ARG B 109 22.92 -50.77 3.25
C ARG B 109 22.69 -49.70 2.18
N LYS B 110 21.90 -50.05 1.16
CA LYS B 110 21.60 -49.10 0.10
C LYS B 110 20.50 -48.15 0.56
N PRO B 111 20.67 -46.83 0.39
CA PRO B 111 19.67 -45.88 0.90
C PRO B 111 18.46 -45.73 -0.04
N CYS B 112 17.56 -46.71 0.03
CA CYS B 112 16.40 -46.68 -0.85
C CYS B 112 15.38 -45.64 -0.41
N LYS B 113 15.29 -45.36 0.89
CA LYS B 113 14.33 -44.37 1.36
C LYS B 113 14.65 -42.98 0.82
N LEU B 114 15.93 -42.64 0.72
CA LEU B 114 16.32 -41.31 0.24
C LEU B 114 15.99 -41.14 -1.24
N MET B 115 16.35 -42.12 -2.07
CA MET B 115 16.02 -42.03 -3.49
C MET B 115 14.50 -42.06 -3.67
N LEU B 116 13.79 -42.80 -2.83
CA LEU B 116 12.35 -42.77 -2.85
C LEU B 116 11.83 -41.38 -2.56
N GLN B 117 12.44 -40.69 -1.59
CA GLN B 117 12.02 -39.33 -1.27
C GLN B 117 12.23 -38.39 -2.45
N VAL B 118 13.35 -38.53 -3.15
CA VAL B 118 13.61 -37.67 -4.31
C VAL B 118 12.57 -37.94 -5.41
N VAL B 119 12.35 -39.23 -5.71
CA VAL B 119 11.35 -39.60 -6.70
C VAL B 119 9.97 -39.06 -6.29
N LYS B 120 9.66 -39.15 -5.00
CA LYS B 120 8.38 -38.68 -4.50
C LYS B 120 8.23 -37.18 -4.73
N ILE B 121 9.27 -36.41 -4.41
CA ILE B 121 9.19 -34.98 -4.65
C ILE B 121 8.84 -34.71 -6.11
N LEU B 122 9.59 -35.35 -7.01
CA LEU B 122 9.35 -35.12 -8.44
C LEU B 122 7.91 -35.46 -8.83
N VAL B 123 7.48 -36.69 -8.53
CA VAL B 123 6.21 -37.18 -9.06
C VAL B 123 5.04 -36.47 -8.39
N VAL B 124 5.13 -36.22 -7.09
CA VAL B 124 4.04 -35.55 -6.39
C VAL B 124 3.88 -34.12 -6.89
N THR B 125 4.99 -33.40 -7.11
CA THR B 125 4.87 -32.05 -7.64
C THR B 125 4.26 -32.07 -9.04
N VAL B 126 4.68 -33.01 -9.88
CA VAL B 126 4.13 -33.09 -11.24
C VAL B 126 2.63 -33.38 -11.18
N GLN B 127 2.23 -34.31 -10.31
CA GLN B 127 0.81 -34.63 -10.17
C GLN B 127 0.02 -33.42 -9.70
N LEU B 128 0.58 -32.65 -8.77
CA LEU B 128 -0.10 -31.44 -8.31
C LEU B 128 -0.34 -30.47 -9.47
N ILE B 129 0.67 -30.25 -10.30
CA ILE B 129 0.51 -29.32 -11.42
C ILE B 129 -0.53 -29.83 -12.41
N LEU B 130 -0.46 -31.13 -12.72
CA LEU B 130 -1.40 -31.71 -13.67
C LEU B 130 -2.84 -31.57 -13.16
N PHE B 131 -3.05 -31.81 -11.86
CA PHE B 131 -4.38 -31.61 -11.29
C PHE B 131 -4.77 -30.13 -11.36
N GLY B 132 -3.82 -29.25 -11.10
CA GLY B 132 -4.11 -27.82 -11.13
C GLY B 132 -4.69 -27.36 -12.45
N LEU B 133 -4.27 -27.98 -13.55
CA LEU B 133 -4.88 -27.63 -14.84
C LEU B 133 -6.41 -27.74 -14.80
N SER B 134 -6.92 -28.91 -14.41
CA SER B 134 -8.37 -29.11 -14.41
C SER B 134 -9.06 -28.31 -13.30
N ASN B 135 -8.40 -28.16 -12.15
CA ASN B 135 -8.95 -27.33 -11.08
C ASN B 135 -9.16 -25.90 -11.57
N GLN B 136 -8.17 -25.35 -12.26
CA GLN B 136 -8.28 -24.01 -12.82
C GLN B 136 -9.43 -23.94 -13.83
N LEU B 137 -9.56 -24.96 -14.68
CA LEU B 137 -10.66 -24.93 -15.64
C LEU B 137 -12.01 -24.82 -14.93
N ALA B 138 -12.23 -25.62 -13.90
CA ALA B 138 -13.51 -25.59 -13.19
C ALA B 138 -13.76 -24.23 -12.53
N VAL B 139 -12.76 -23.74 -11.79
CA VAL B 139 -12.94 -22.48 -11.06
C VAL B 139 -13.20 -21.34 -12.04
N THR B 140 -12.45 -21.30 -13.14
CA THR B 140 -12.64 -20.25 -14.13
C THR B 140 -14.04 -20.30 -14.72
N PHE B 141 -14.53 -21.50 -15.05
CA PHE B 141 -15.88 -21.58 -15.59
C PHE B 141 -16.88 -20.96 -14.63
N ARG B 142 -16.82 -21.36 -13.36
CA ARG B 142 -17.79 -20.83 -12.39
C ARG B 142 -17.71 -19.30 -12.30
N GLU B 143 -16.50 -18.77 -12.12
CA GLU B 143 -16.36 -17.33 -11.88
C GLU B 143 -16.72 -16.51 -13.10
N GLU B 144 -16.29 -16.93 -14.29
CA GLU B 144 -16.59 -16.18 -15.50
C GLU B 144 -18.09 -16.17 -15.76
N ASN B 145 -18.77 -17.30 -15.55
CA ASN B 145 -20.21 -17.31 -15.73
C ASN B 145 -20.88 -16.36 -14.74
N THR B 146 -20.41 -16.33 -13.49
CA THR B 146 -21.02 -15.42 -12.52
C THR B 146 -20.85 -13.96 -12.92
N ILE B 147 -19.66 -13.59 -13.42
CA ILE B 147 -19.44 -12.22 -13.86
C ILE B 147 -20.36 -11.88 -15.03
N ALA B 148 -20.50 -12.81 -15.98
CA ALA B 148 -21.40 -12.58 -17.10
C ALA B 148 -22.84 -12.40 -16.62
N PHE B 149 -23.25 -13.18 -15.63
CA PHE B 149 -24.60 -13.02 -15.08
C PHE B 149 -24.79 -11.64 -14.46
N ARG B 150 -23.78 -11.16 -13.73
CA ARG B 150 -23.89 -9.82 -13.15
C ARG B 150 -24.04 -8.77 -14.25
N HIS B 151 -23.29 -8.90 -15.34
CA HIS B 151 -23.43 -7.92 -16.41
C HIS B 151 -24.75 -8.06 -17.16
N LEU B 152 -25.32 -9.26 -17.22
CA LEU B 152 -26.56 -9.46 -17.97
C LEU B 152 -27.79 -9.01 -17.19
N PHE B 153 -27.83 -9.28 -15.88
CA PHE B 153 -29.08 -9.17 -15.13
C PHE B 153 -29.16 -7.95 -14.23
N LEU B 154 -28.06 -7.27 -13.94
CA LEU B 154 -28.05 -6.11 -13.05
C LEU B 154 -27.99 -4.83 -13.87
N LEU B 155 -29.05 -4.04 -13.79
CA LEU B 155 -29.16 -2.83 -14.59
C LEU B 155 -28.11 -1.81 -14.17
N GLY B 156 -27.28 -1.39 -15.12
CA GLY B 156 -26.26 -0.39 -14.85
C GLY B 156 -25.08 -0.89 -14.05
N TYR B 157 -24.87 -2.21 -13.98
CA TYR B 157 -23.75 -2.75 -13.25
C TYR B 157 -22.45 -2.50 -14.00
N SER B 158 -21.37 -2.28 -13.24
CA SER B 158 -20.04 -2.15 -13.80
C SER B 158 -19.05 -2.83 -12.86
N ASP B 159 -17.92 -3.26 -13.43
CA ASP B 159 -16.94 -4.00 -12.67
C ASP B 159 -16.41 -3.17 -11.51
N GLY B 160 -16.24 -3.83 -10.36
CA GLY B 160 -15.75 -3.16 -9.18
C GLY B 160 -16.80 -2.45 -8.35
N ALA B 161 -18.07 -2.53 -8.73
CA ALA B 161 -19.15 -1.84 -8.04
C ALA B 161 -19.92 -2.75 -7.09
N ASP B 162 -19.43 -3.97 -6.84
CA ASP B 162 -20.21 -4.95 -6.09
C ASP B 162 -20.56 -4.44 -4.70
N ASP B 163 -19.61 -3.80 -4.03
CA ASP B 163 -19.81 -3.43 -2.64
C ASP B 163 -20.76 -2.25 -2.45
N THR B 164 -20.89 -1.38 -3.45
CA THR B 164 -21.73 -0.19 -3.32
C THR B 164 -22.99 -0.24 -4.17
N PHE B 165 -23.14 -1.23 -5.04
CA PHE B 165 -24.28 -1.30 -5.94
C PHE B 165 -25.59 -1.32 -5.14
N ALA B 166 -26.45 -0.33 -5.38
CA ALA B 166 -27.66 -0.17 -4.59
C ALA B 166 -28.66 0.69 -5.34
N ALA B 167 -29.92 0.57 -4.94
CA ALA B 167 -30.99 1.44 -5.41
C ALA B 167 -31.34 2.46 -4.34
N TYR B 168 -31.86 3.60 -4.79
CA TYR B 168 -32.18 4.71 -3.88
C TYR B 168 -33.54 5.34 -4.11
N THR B 169 -34.25 5.00 -5.19
CA THR B 169 -35.60 5.47 -5.42
C THR B 169 -36.48 4.29 -5.79
N ARG B 170 -37.80 4.47 -5.60
CA ARG B 170 -38.73 3.41 -5.96
C ARG B 170 -38.64 3.09 -7.44
N GLU B 171 -38.48 4.11 -8.27
CA GLU B 171 -38.40 3.91 -9.70
C GLU B 171 -37.16 3.11 -10.08
N GLN B 172 -36.03 3.41 -9.45
CA GLN B 172 -34.80 2.65 -9.69
C GLN B 172 -34.99 1.18 -9.35
N LEU B 173 -35.64 0.89 -8.22
CA LEU B 173 -35.83 -0.49 -7.78
C LEU B 173 -36.74 -1.23 -8.75
N TYR B 174 -37.85 -0.61 -9.14
CA TYR B 174 -38.75 -1.25 -10.10
C TYR B 174 -38.02 -1.52 -11.41
N GLN B 175 -37.23 -0.55 -11.88
CA GLN B 175 -36.51 -0.73 -13.12
C GLN B 175 -35.50 -1.87 -13.02
N ALA B 176 -34.79 -1.99 -11.90
CA ALA B 176 -33.84 -3.08 -11.74
C ALA B 176 -34.54 -4.43 -11.74
N ILE B 177 -35.65 -4.55 -11.03
CA ILE B 177 -36.38 -5.83 -10.97
C ILE B 177 -36.86 -6.22 -12.36
N PHE B 178 -37.52 -5.29 -13.06
CA PHE B 178 -38.04 -5.60 -14.38
C PHE B 178 -36.92 -5.86 -15.38
N HIS B 179 -35.78 -5.17 -15.26
CA HIS B 179 -34.66 -5.45 -16.14
C HIS B 179 -34.16 -6.86 -15.95
N ALA B 180 -34.01 -7.30 -14.70
CA ALA B 180 -33.55 -8.66 -14.44
C ALA B 180 -34.50 -9.67 -15.07
N VAL B 181 -35.81 -9.51 -14.86
CA VAL B 181 -36.76 -10.48 -15.40
C VAL B 181 -36.76 -10.45 -16.93
N ASP B 182 -36.74 -9.25 -17.52
CA ASP B 182 -36.75 -9.15 -18.97
C ASP B 182 -35.51 -9.78 -19.59
N GLN B 183 -34.35 -9.57 -18.97
CA GLN B 183 -33.14 -10.20 -19.47
C GLN B 183 -33.21 -11.72 -19.34
N TYR B 184 -33.77 -12.22 -18.24
CA TYR B 184 -33.98 -13.65 -18.13
C TYR B 184 -34.83 -14.17 -19.28
N LEU B 185 -35.88 -13.44 -19.65
CA LEU B 185 -36.73 -13.90 -20.73
C LEU B 185 -36.06 -13.75 -22.10
N ALA B 186 -35.17 -12.78 -22.26
CA ALA B 186 -34.51 -12.53 -23.54
C ALA B 186 -33.20 -13.29 -23.70
N LEU B 187 -32.76 -14.02 -22.68
CA LEU B 187 -31.45 -14.65 -22.68
C LEU B 187 -31.08 -15.38 -23.96
N PRO B 188 -31.95 -16.22 -24.55
CA PRO B 188 -31.53 -16.97 -25.75
C PRO B 188 -31.11 -16.08 -26.91
N ASP B 189 -31.66 -14.88 -27.02
CA ASP B 189 -31.39 -14.02 -28.17
C ASP B 189 -30.22 -13.07 -27.98
N VAL B 190 -29.79 -12.82 -26.74
CA VAL B 190 -28.84 -11.75 -26.47
C VAL B 190 -27.54 -12.30 -25.92
N SER B 191 -27.60 -13.42 -25.21
CA SER B 191 -26.43 -13.90 -24.49
C SER B 191 -25.39 -14.50 -25.43
N LEU B 192 -24.12 -14.30 -25.08
CA LEU B 192 -23.02 -14.95 -25.79
C LEU B 192 -22.86 -16.41 -25.40
N GLY B 193 -23.27 -16.79 -24.20
CA GLY B 193 -23.27 -18.20 -23.81
C GLY B 193 -24.53 -18.91 -24.24
N ARG B 194 -24.48 -20.24 -24.18
CA ARG B 194 -25.63 -21.09 -24.49
C ARG B 194 -26.16 -21.67 -23.19
N TYR B 195 -27.38 -21.31 -22.83
CA TYR B 195 -27.98 -21.69 -21.57
C TYR B 195 -29.32 -22.37 -21.82
N ALA B 196 -29.65 -23.33 -20.97
CA ALA B 196 -30.95 -23.98 -20.98
C ALA B 196 -31.69 -23.66 -19.69
N TYR B 197 -33.00 -23.52 -19.80
CA TYR B 197 -33.85 -23.23 -18.65
C TYR B 197 -34.13 -24.49 -17.85
N VAL B 198 -34.32 -24.30 -16.55
CA VAL B 198 -34.78 -25.35 -15.64
C VAL B 198 -36.16 -24.95 -15.13
N ARG B 199 -37.08 -25.91 -15.11
CA ARG B 199 -38.45 -25.66 -14.67
C ARG B 199 -38.79 -26.58 -13.50
N GLY B 200 -39.78 -26.14 -12.72
CA GLY B 200 -40.32 -26.99 -11.66
C GLY B 200 -39.30 -27.26 -10.58
N GLY B 201 -39.35 -28.47 -10.03
CA GLY B 201 -38.55 -28.81 -8.88
C GLY B 201 -39.20 -28.31 -7.59
N GLY B 202 -38.39 -28.27 -6.54
CA GLY B 202 -38.88 -27.82 -5.26
C GLY B 202 -39.22 -26.35 -5.24
N ASP B 203 -39.35 -25.78 -4.05
CA ASP B 203 -39.61 -24.36 -3.91
C ASP B 203 -38.34 -23.57 -4.22
N PRO B 204 -38.46 -22.30 -4.59
CA PRO B 204 -39.70 -21.49 -4.66
C PRO B 204 -40.44 -21.62 -5.99
N TRP B 205 -40.04 -22.54 -6.87
CA TRP B 205 -40.65 -22.67 -8.17
C TRP B 205 -41.83 -23.63 -8.12
N THR B 206 -42.95 -23.23 -8.69
CA THR B 206 -44.04 -24.15 -8.95
C THR B 206 -43.72 -24.97 -10.20
N ASN B 207 -44.50 -26.02 -10.42
CA ASN B 207 -44.29 -26.87 -11.59
C ASN B 207 -44.43 -26.04 -12.86
N GLY B 208 -43.47 -26.18 -13.76
CA GLY B 208 -43.47 -25.44 -15.00
C GLY B 208 -42.90 -24.05 -14.93
N SER B 209 -42.54 -23.56 -13.75
CA SER B 209 -42.04 -22.21 -13.58
C SER B 209 -40.52 -22.20 -13.59
N GLY B 210 -39.95 -21.22 -14.29
CA GLY B 210 -38.51 -21.10 -14.37
C GLY B 210 -37.94 -20.04 -13.46
N LEU B 211 -38.69 -18.97 -13.22
CA LEU B 211 -38.21 -17.85 -12.41
C LEU B 211 -39.21 -17.56 -11.30
N ALA B 212 -38.70 -17.34 -10.09
CA ALA B 212 -39.53 -16.98 -8.94
C ALA B 212 -39.14 -15.58 -8.49
N LEU B 213 -40.12 -14.68 -8.44
CA LEU B 213 -39.92 -13.29 -8.03
C LEU B 213 -40.71 -13.08 -6.74
N CYS B 214 -40.01 -13.05 -5.61
CA CYS B 214 -40.65 -13.09 -4.30
C CYS B 214 -40.32 -11.86 -3.47
N GLN B 215 -41.36 -11.24 -2.91
CA GLN B 215 -41.19 -10.16 -1.95
C GLN B 215 -41.64 -10.61 -0.57
N ARG B 216 -40.83 -10.26 0.43
CA ARG B 216 -41.05 -10.63 1.82
C ARG B 216 -41.23 -9.36 2.63
N TYR B 217 -42.33 -9.31 3.40
CA TYR B 217 -42.69 -8.12 4.18
C TYR B 217 -43.30 -8.54 5.50
N TYR B 218 -43.55 -7.55 6.37
CA TYR B 218 -44.16 -7.83 7.67
C TYR B 218 -45.64 -8.12 7.51
N HIS B 219 -46.14 -9.06 8.32
CA HIS B 219 -47.56 -9.43 8.25
C HIS B 219 -48.45 -8.21 8.50
N ARG B 220 -48.17 -7.45 9.54
CA ARG B 220 -48.83 -6.17 9.79
C ARG B 220 -47.76 -5.13 10.02
N GLY B 221 -47.69 -4.12 9.16
CA GLY B 221 -46.85 -2.98 9.45
C GLY B 221 -47.55 -1.66 9.26
N HIS B 222 -47.75 -0.93 10.35
N HIS B 222 -47.74 -0.93 10.35
CA HIS B 222 -48.24 0.44 10.31
CA HIS B 222 -48.25 0.44 10.31
C HIS B 222 -47.15 1.33 10.90
C HIS B 222 -47.17 1.33 10.90
N VAL B 223 -46.55 2.16 10.06
CA VAL B 223 -45.39 2.97 10.46
C VAL B 223 -45.78 4.44 10.30
N ASP B 224 -45.71 5.19 11.39
CA ASP B 224 -46.17 6.58 11.42
C ASP B 224 -45.13 7.42 12.13
N PRO B 225 -44.01 7.72 11.46
CA PRO B 225 -43.00 8.59 12.10
C PRO B 225 -43.52 9.99 12.40
N ALA B 226 -44.52 10.46 11.65
CA ALA B 226 -45.08 11.79 11.93
C ALA B 226 -45.67 11.85 13.32
N ASN B 227 -46.38 10.80 13.74
CA ASN B 227 -46.96 10.72 15.07
C ASN B 227 -46.09 9.92 16.03
N ASP B 228 -44.89 9.52 15.62
CA ASP B 228 -43.96 8.78 16.47
C ASP B 228 -44.57 7.46 16.95
N THR B 229 -45.24 6.75 16.04
CA THR B 229 -45.95 5.54 16.42
C THR B 229 -45.72 4.44 15.40
N PHE B 230 -45.92 3.21 15.84
CA PHE B 230 -45.94 2.09 14.92
C PHE B 230 -46.68 0.92 15.55
N ASP B 231 -47.17 0.05 14.69
CA ASP B 231 -47.90 -1.15 15.07
C ASP B 231 -47.45 -2.26 14.14
N ILE B 232 -46.64 -3.19 14.66
CA ILE B 232 -45.95 -4.18 13.85
C ILE B 232 -46.24 -5.57 14.40
N ASP B 233 -46.58 -6.49 13.50
CA ASP B 233 -46.48 -7.92 13.73
C ASP B 233 -45.28 -8.41 12.91
N PRO B 234 -44.13 -8.70 13.52
CA PRO B 234 -42.91 -8.93 12.73
C PRO B 234 -42.91 -10.23 11.95
N MET B 235 -43.98 -11.01 11.97
CA MET B 235 -44.01 -12.24 11.19
C MET B 235 -43.90 -11.93 9.70
N VAL B 236 -43.03 -12.67 9.02
CA VAL B 236 -42.71 -12.40 7.63
C VAL B 236 -43.67 -13.16 6.73
N VAL B 237 -44.28 -12.45 5.78
CA VAL B 237 -45.13 -13.01 4.75
C VAL B 237 -44.35 -12.95 3.44
N THR B 238 -44.34 -14.07 2.72
CA THR B 238 -43.72 -14.17 1.41
C THR B 238 -44.81 -14.27 0.36
N ASP B 239 -44.77 -13.38 -0.62
CA ASP B 239 -45.69 -13.41 -1.76
C ASP B 239 -44.85 -13.40 -3.02
N CYS B 240 -45.12 -14.30 -3.96
CA CYS B 240 -44.31 -14.25 -5.15
C CYS B 240 -44.93 -14.81 -6.42
N ILE B 241 -44.38 -14.32 -7.52
CA ILE B 241 -44.89 -14.50 -8.86
C ILE B 241 -44.01 -15.50 -9.59
N GLN B 242 -44.64 -16.39 -10.34
CA GLN B 242 -43.94 -17.41 -11.11
C GLN B 242 -43.92 -16.99 -12.58
N VAL B 243 -42.74 -17.04 -13.18
CA VAL B 243 -42.56 -16.69 -14.58
C VAL B 243 -42.08 -17.94 -15.31
N ASP B 244 -42.82 -18.34 -16.32
CA ASP B 244 -42.42 -19.43 -17.19
C ASP B 244 -41.42 -18.92 -18.23
N PRO B 245 -40.36 -19.67 -18.51
CA PRO B 245 -39.42 -19.26 -19.55
C PRO B 245 -40.08 -19.25 -20.91
N PRO B 246 -39.57 -18.47 -21.86
CA PRO B 246 -40.21 -18.31 -23.18
C PRO B 246 -40.22 -19.61 -23.98
N SER B 265 -47.32 -10.32 -16.33
CA SER B 265 -47.96 -10.55 -15.05
C SER B 265 -47.03 -10.15 -13.91
N TYR B 266 -45.73 -10.43 -14.08
CA TYR B 266 -44.75 -9.90 -13.15
C TYR B 266 -44.65 -8.39 -13.24
N LYS B 267 -45.09 -7.79 -14.33
CA LYS B 267 -45.09 -6.34 -14.49
C LYS B 267 -46.10 -5.66 -13.57
N ASN B 268 -47.05 -6.41 -13.02
CA ASN B 268 -48.05 -5.86 -12.10
C ASN B 268 -47.57 -5.88 -10.66
N LEU B 269 -46.31 -6.21 -10.42
CA LEU B 269 -45.77 -6.25 -9.07
C LEU B 269 -45.98 -4.91 -8.37
N THR B 270 -46.47 -4.97 -7.15
CA THR B 270 -46.65 -3.79 -6.29
C THR B 270 -45.92 -4.04 -4.99
N LEU B 271 -44.88 -3.26 -4.74
CA LEU B 271 -44.06 -3.43 -3.54
C LEU B 271 -44.64 -2.67 -2.37
N LYS B 272 -44.65 -3.32 -1.21
CA LYS B 272 -45.14 -2.72 0.03
C LYS B 272 -43.95 -2.08 0.73
N PHE B 273 -43.60 -0.87 0.28
CA PHE B 273 -42.30 -0.30 0.61
C PHE B 273 -42.12 -0.10 2.11
N HIS B 274 -43.15 0.37 2.80
CA HIS B 274 -42.98 0.76 4.19
C HIS B 274 -42.73 -0.43 5.12
N LYS B 275 -43.15 -1.64 4.74
CA LYS B 275 -42.89 -2.83 5.54
C LYS B 275 -42.15 -3.90 4.77
N LEU B 276 -41.46 -3.53 3.70
CA LEU B 276 -40.76 -4.48 2.85
C LEU B 276 -39.49 -4.95 3.54
N VAL B 277 -39.31 -6.28 3.59
CA VAL B 277 -38.08 -6.85 4.15
C VAL B 277 -37.06 -7.13 3.07
N ASN B 278 -37.44 -7.83 2.00
CA ASN B 278 -36.54 -7.92 0.86
C ASN B 278 -37.29 -8.41 -0.37
N VAL B 279 -36.58 -8.40 -1.50
CA VAL B 279 -37.06 -8.95 -2.75
C VAL B 279 -35.98 -9.88 -3.30
N THR B 280 -36.39 -11.04 -3.80
CA THR B 280 -35.46 -12.01 -4.35
C THR B 280 -35.97 -12.53 -5.69
N ILE B 281 -35.01 -12.83 -6.56
CA ILE B 281 -35.28 -13.47 -7.85
C ILE B 281 -34.44 -14.75 -7.90
N HIS B 282 -35.11 -15.87 -8.15
CA HIS B 282 -34.48 -17.18 -8.17
C HIS B 282 -34.68 -17.82 -9.54
N PHE B 283 -33.59 -18.30 -10.14
CA PHE B 283 -33.74 -19.11 -11.35
C PHE B 283 -32.49 -19.95 -11.58
N ARG B 284 -32.64 -21.01 -12.38
CA ARG B 284 -31.55 -21.93 -12.66
C ARG B 284 -31.27 -21.98 -14.15
N LEU B 285 -30.00 -22.09 -14.51
CA LEU B 285 -29.57 -22.19 -15.91
C LEU B 285 -28.60 -23.34 -16.07
N LYS B 286 -28.72 -24.07 -17.17
CA LYS B 286 -27.84 -25.19 -17.47
C LYS B 286 -26.90 -24.83 -18.62
N THR B 287 -25.64 -25.24 -18.48
CA THR B 287 -24.64 -24.94 -19.50
C THR B 287 -23.59 -26.06 -19.48
N ILE B 288 -22.69 -26.03 -20.46
CA ILE B 288 -21.68 -27.06 -20.64
C ILE B 288 -20.30 -26.40 -20.66
N ASN B 289 -19.37 -26.97 -19.90
CA ASN B 289 -18.01 -26.43 -19.77
C ASN B 289 -17.15 -26.99 -20.91
N LEU B 290 -17.28 -26.37 -22.08
CA LEU B 290 -16.61 -26.87 -23.29
C LEU B 290 -15.10 -26.75 -23.20
N GLN B 291 -14.58 -25.78 -22.44
CA GLN B 291 -13.14 -25.57 -22.41
C GLN B 291 -12.37 -26.79 -21.96
N SER B 292 -13.03 -27.72 -21.26
CA SER B 292 -12.36 -28.94 -20.83
C SER B 292 -11.72 -29.67 -22.01
N LEU B 293 -12.27 -29.48 -23.22
CA LEU B 293 -11.71 -30.14 -24.39
C LEU B 293 -10.22 -29.85 -24.56
N ILE B 294 -9.76 -28.66 -24.17
CA ILE B 294 -8.37 -28.33 -24.37
C ILE B 294 -7.46 -29.19 -23.50
N ASN B 295 -7.97 -29.73 -22.39
CA ASN B 295 -7.20 -30.60 -21.51
C ASN B 295 -7.47 -32.08 -21.80
N ASN B 296 -8.05 -32.39 -22.96
CA ASN B 296 -8.37 -33.77 -23.33
C ASN B 296 -9.30 -34.42 -22.32
N GLU B 297 -10.27 -33.66 -21.83
CA GLU B 297 -11.25 -34.15 -20.88
C GLU B 297 -12.65 -33.96 -21.46
N ILE B 298 -13.56 -34.83 -21.06
CA ILE B 298 -14.96 -34.70 -21.51
C ILE B 298 -15.62 -33.54 -20.76
N PRO B 299 -16.28 -32.61 -21.44
CA PRO B 299 -16.96 -31.51 -20.73
C PRO B 299 -18.01 -32.01 -19.75
N ASP B 300 -18.13 -31.29 -18.64
CA ASP B 300 -19.16 -31.54 -17.65
C ASP B 300 -20.39 -30.68 -17.91
N CYS B 301 -21.51 -31.07 -17.29
CA CYS B 301 -22.75 -30.31 -17.35
C CYS B 301 -22.93 -29.56 -16.04
N TYR B 302 -23.07 -28.24 -16.13
CA TYR B 302 -23.21 -27.37 -14.97
C TYR B 302 -24.64 -26.86 -14.86
N THR B 303 -25.15 -26.81 -13.64
CA THR B 303 -26.37 -26.09 -13.32
C THR B 303 -26.02 -24.96 -12.37
N PHE B 304 -26.33 -23.73 -12.77
CA PHE B 304 -26.12 -22.54 -11.96
C PHE B 304 -27.44 -22.14 -11.35
N SER B 305 -27.49 -22.10 -10.02
CA SER B 305 -28.61 -21.55 -9.29
C SER B 305 -28.30 -20.09 -8.98
N VAL B 306 -29.10 -19.19 -9.52
CA VAL B 306 -28.86 -17.75 -9.46
C VAL B 306 -29.88 -17.12 -8.52
N LEU B 307 -29.38 -16.36 -7.55
CA LEU B 307 -30.19 -15.60 -6.61
C LEU B 307 -29.81 -14.13 -6.71
N ILE B 308 -30.79 -13.28 -7.00
CA ILE B 308 -30.61 -11.84 -6.99
C ILE B 308 -31.39 -11.28 -5.81
N THR B 309 -30.72 -10.54 -4.95
CA THR B 309 -31.31 -10.02 -3.73
C THR B 309 -31.29 -8.50 -3.74
N PHE B 310 -32.47 -7.91 -3.48
CA PHE B 310 -32.63 -6.50 -3.18
C PHE B 310 -32.97 -6.42 -1.70
N ASP B 311 -32.02 -5.97 -0.89
CA ASP B 311 -32.08 -6.11 0.56
C ASP B 311 -32.54 -4.81 1.21
N ASN B 312 -33.63 -4.86 1.96
CA ASN B 312 -34.18 -3.71 2.67
C ASN B 312 -34.25 -3.95 4.18
N LYS B 313 -33.42 -4.85 4.70
CA LYS B 313 -33.53 -5.18 6.12
C LYS B 313 -33.18 -4.01 7.02
N ALA B 314 -32.37 -3.06 6.53
CA ALA B 314 -32.02 -1.90 7.33
C ALA B 314 -33.07 -0.81 7.29
N HIS B 315 -33.98 -0.83 6.32
CA HIS B 315 -35.04 0.19 6.22
C HIS B 315 -34.46 1.60 6.27
N SER B 316 -33.37 1.81 5.53
CA SER B 316 -32.60 3.04 5.63
C SER B 316 -32.73 3.94 4.41
N GLY B 317 -33.58 3.60 3.45
CA GLY B 317 -33.64 4.33 2.20
C GLY B 317 -32.62 3.91 1.17
N ARG B 318 -31.71 3.01 1.50
CA ARG B 318 -30.72 2.47 0.58
C ARG B 318 -30.89 0.96 0.53
N ILE B 319 -31.16 0.43 -0.66
CA ILE B 319 -31.39 -1.00 -0.84
C ILE B 319 -30.25 -1.60 -1.64
N PRO B 320 -29.27 -2.25 -1.01
CA PRO B 320 -28.21 -2.89 -1.80
C PRO B 320 -28.72 -4.06 -2.61
N ILE B 321 -28.11 -4.23 -3.78
CA ILE B 321 -28.50 -5.24 -4.76
C ILE B 321 -27.29 -6.13 -5.01
N SER B 322 -27.51 -7.45 -4.95
CA SER B 322 -26.42 -8.40 -5.16
C SER B 322 -26.91 -9.59 -5.96
N LEU B 323 -25.96 -10.28 -6.59
CA LEU B 323 -26.21 -11.50 -7.33
C LEU B 323 -25.22 -12.57 -6.88
N GLU B 324 -25.73 -13.76 -6.58
CA GLU B 324 -24.89 -14.88 -6.18
C GLU B 324 -25.30 -16.13 -6.94
N THR B 325 -24.35 -17.04 -7.12
CA THR B 325 -24.57 -18.27 -7.85
C THR B 325 -24.04 -19.46 -7.05
N GLN B 326 -24.70 -20.59 -7.23
CA GLN B 326 -24.21 -21.88 -6.74
C GLN B 326 -24.16 -22.85 -7.91
N ALA B 327 -23.03 -23.52 -8.07
CA ALA B 327 -22.80 -24.39 -9.22
C ALA B 327 -22.89 -25.85 -8.79
N HIS B 328 -23.65 -26.64 -9.56
CA HIS B 328 -23.74 -28.07 -9.37
C HIS B 328 -23.24 -28.76 -10.64
N ILE B 329 -22.29 -29.67 -10.48
CA ILE B 329 -21.63 -30.33 -11.61
C ILE B 329 -22.16 -31.75 -11.71
N GLN B 330 -22.44 -32.18 -12.93
CA GLN B 330 -22.88 -33.55 -13.17
C GLN B 330 -22.37 -34.02 -14.52
N GLU B 331 -22.28 -35.34 -14.67
CA GLU B 331 -21.93 -35.93 -15.95
C GLU B 331 -23.07 -35.77 -16.93
N CYS B 332 -22.74 -35.50 -18.18
CA CYS B 332 -23.75 -35.36 -19.21
C CYS B 332 -24.16 -36.74 -19.73
N LYS B 333 -25.30 -36.78 -20.41
CA LYS B 333 -25.87 -38.03 -20.90
C LYS B 333 -25.28 -38.38 -22.26
N HIS B 334 -24.66 -39.55 -22.35
CA HIS B 334 -24.07 -40.11 -23.57
C HIS B 334 -23.47 -39.02 -24.46
N PRO B 335 -22.44 -38.32 -24.01
CA PRO B 335 -21.81 -37.31 -24.86
C PRO B 335 -20.95 -37.96 -25.94
N SER B 336 -20.60 -37.15 -26.94
CA SER B 336 -19.78 -37.61 -28.06
C SER B 336 -18.71 -36.57 -28.34
N VAL B 337 -17.45 -36.98 -28.23
CA VAL B 337 -16.30 -36.18 -28.64
C VAL B 337 -15.51 -36.99 -29.65
N PHE B 338 -15.37 -36.46 -30.86
CA PHE B 338 -14.59 -37.13 -31.88
C PHE B 338 -13.14 -37.29 -31.41
N GLN B 339 -12.71 -38.54 -31.25
CA GLN B 339 -11.41 -38.86 -30.66
C GLN B 339 -11.30 -38.26 -29.26
N HIS B 340 -12.17 -38.76 -28.37
CA HIS B 340 -12.29 -38.27 -27.00
C HIS B 340 -11.01 -37.69 -26.42
N PHE B 345 -2.63 -42.01 -19.77
CA PHE B 345 -1.39 -41.54 -19.17
C PHE B 345 -1.59 -41.09 -17.73
N ARG B 346 -2.56 -40.19 -17.53
CA ARG B 346 -2.79 -39.64 -16.21
C ARG B 346 -3.16 -40.73 -15.21
N LEU B 347 -3.93 -41.72 -15.64
CA LEU B 347 -4.26 -42.83 -14.77
C LEU B 347 -3.01 -43.60 -14.37
N LEU B 348 -2.13 -43.88 -15.33
CA LEU B 348 -0.90 -44.60 -15.02
C LEU B 348 0.00 -43.77 -14.11
N PHE B 349 0.05 -42.45 -14.33
CA PHE B 349 0.85 -41.60 -13.46
C PHE B 349 0.31 -41.60 -12.03
N ASP B 350 -1.01 -41.58 -11.89
CA ASP B 350 -1.61 -41.67 -10.55
C ASP B 350 -1.27 -43.00 -9.90
N VAL B 351 -1.33 -44.09 -10.67
CA VAL B 351 -0.96 -45.40 -10.12
C VAL B 351 0.50 -45.42 -9.69
N VAL B 352 1.36 -44.77 -10.46
CA VAL B 352 2.78 -44.70 -10.10
C VAL B 352 2.96 -43.93 -8.80
N VAL B 353 2.27 -42.80 -8.66
CA VAL B 353 2.32 -42.04 -7.41
C VAL B 353 1.87 -42.91 -6.25
N ILE B 354 0.79 -43.67 -6.45
CA ILE B 354 0.27 -44.52 -5.39
C ILE B 354 1.29 -45.58 -5.00
N LEU B 355 1.93 -46.20 -5.99
CA LEU B 355 2.93 -47.23 -5.69
C LEU B 355 4.11 -46.64 -4.94
N THR B 356 4.60 -45.47 -5.36
CA THR B 356 5.73 -44.84 -4.69
C THR B 356 5.38 -44.52 -3.25
N CYS B 357 4.20 -43.94 -3.02
CA CYS B 357 3.81 -43.59 -1.66
C CYS B 357 3.58 -44.83 -0.81
N SER B 358 3.07 -45.90 -1.41
CA SER B 358 2.87 -47.14 -0.66
C SER B 358 4.19 -47.73 -0.23
N LEU B 359 5.18 -47.77 -1.13
CA LEU B 359 6.49 -48.29 -0.76
C LEU B 359 7.13 -47.42 0.32
N SER B 360 7.03 -46.10 0.20
CA SER B 360 7.58 -45.22 1.23
C SER B 360 6.90 -45.47 2.57
N PHE B 361 5.58 -45.62 2.56
CA PHE B 361 4.84 -45.90 3.79
C PHE B 361 5.32 -47.21 4.41
N LEU B 362 5.48 -48.25 3.60
CA LEU B 362 5.91 -49.53 4.15
C LEU B 362 7.29 -49.44 4.78
N LEU B 363 8.22 -48.78 4.09
CA LEU B 363 9.57 -48.65 4.65
C LEU B 363 9.56 -47.85 5.94
N CYS B 364 8.80 -46.75 5.98
CA CYS B 364 8.75 -45.93 7.19
C CYS B 364 8.10 -46.69 8.34
N ALA B 365 7.05 -47.46 8.06
CA ALA B 365 6.43 -48.25 9.12
C ALA B 365 7.39 -49.31 9.64
N ARG B 366 8.15 -49.95 8.75
CA ARG B 366 9.15 -50.91 9.20
C ARG B 366 10.18 -50.24 10.10
N SER B 367 10.65 -49.05 9.71
CA SER B 367 11.61 -48.34 10.53
C SER B 367 11.03 -47.99 11.90
N LEU B 368 9.77 -47.54 11.93
CA LEU B 368 9.14 -47.20 13.20
C LEU B 368 9.00 -48.43 14.09
N LEU B 369 8.64 -49.57 13.51
CA LEU B 369 8.54 -50.79 14.30
C LEU B 369 9.90 -51.20 14.85
N ARG B 370 10.94 -51.10 14.03
CA ARG B 370 12.28 -51.44 14.50
C ARG B 370 12.69 -50.53 15.66
N GLY B 371 12.40 -49.23 15.53
CA GLY B 371 12.70 -48.31 16.61
C GLY B 371 11.94 -48.65 17.88
N PHE B 372 10.67 -49.02 17.75
CA PHE B 372 9.88 -49.39 18.91
C PHE B 372 10.45 -50.62 19.61
N LEU B 373 10.84 -51.63 18.83
CA LEU B 373 11.41 -52.83 19.41
C LEU B 373 12.73 -52.52 20.13
N LEU B 374 13.58 -51.71 19.50
CA LEU B 374 14.83 -51.33 20.15
C LEU B 374 14.57 -50.54 21.42
N GLN B 375 13.57 -49.66 21.41
CA GLN B 375 13.21 -48.92 22.60
C GLN B 375 12.78 -49.86 23.72
N ASN B 376 11.96 -50.86 23.39
CA ASN B 376 11.52 -51.80 24.41
C ASN B 376 12.70 -52.57 24.99
N GLU B 377 13.61 -53.01 24.12
CA GLU B 377 14.78 -53.74 24.61
C GLU B 377 15.62 -52.86 25.54
N PHE B 378 15.83 -51.60 25.16
CA PHE B 378 16.63 -50.71 25.99
C PHE B 378 15.96 -50.44 27.33
N VAL B 379 14.64 -50.26 27.33
CA VAL B 379 13.93 -50.04 28.59
C VAL B 379 14.05 -51.27 29.49
N GLY B 380 13.89 -52.46 28.91
CA GLY B 380 14.07 -53.67 29.69
C GLY B 380 15.47 -53.77 30.26
N PHE B 381 16.47 -53.41 29.47
CA PHE B 381 17.85 -53.42 29.97
C PHE B 381 18.02 -52.46 31.14
N MET B 382 17.47 -51.25 31.02
CA MET B 382 17.62 -50.27 32.09
C MET B 382 16.91 -50.73 33.36
N TRP B 383 15.71 -51.31 33.23
CA TRP B 383 14.95 -51.66 34.43
C TRP B 383 15.71 -52.67 35.29
N ARG B 384 16.32 -53.66 34.66
CA ARG B 384 17.12 -54.65 35.39
C ARG B 384 18.27 -53.96 36.13
N SER B 391 11.32 -42.98 32.14
CA SER B 391 11.21 -41.59 31.71
C SER B 391 10.59 -41.51 30.32
N LEU B 392 9.46 -40.83 30.21
CA LEU B 392 8.73 -40.81 28.94
C LEU B 392 9.57 -40.19 27.82
N TRP B 393 10.30 -39.11 28.13
CA TRP B 393 11.16 -38.50 27.13
C TRP B 393 12.25 -39.47 26.68
N GLU B 394 12.81 -40.23 27.63
CA GLU B 394 13.85 -41.19 27.28
C GLU B 394 13.32 -42.30 26.38
N ARG B 395 12.00 -42.48 26.31
CA ARG B 395 11.41 -43.41 25.37
C ARG B 395 11.07 -42.75 24.05
N LEU B 396 10.49 -41.55 24.10
CA LEU B 396 10.20 -40.81 22.88
C LEU B 396 11.45 -40.48 22.10
N GLU B 397 12.62 -40.55 22.74
CA GLU B 397 13.86 -40.35 22.00
C GLU B 397 14.05 -41.40 20.91
N PHE B 398 13.35 -42.52 20.99
CA PHE B 398 13.43 -43.57 19.98
C PHE B 398 12.44 -43.38 18.84
N VAL B 399 11.59 -42.36 18.89
CA VAL B 399 10.57 -42.14 17.88
C VAL B 399 11.11 -41.16 16.85
N ASN B 400 11.15 -41.59 15.59
CA ASN B 400 11.56 -40.72 14.49
C ASN B 400 10.36 -39.89 14.06
N GLY B 401 10.35 -38.62 14.47
CA GLY B 401 9.26 -37.74 14.08
C GLY B 401 9.19 -37.52 12.57
N TRP B 402 10.35 -37.52 11.91
CA TRP B 402 10.36 -37.35 10.46
C TRP B 402 9.57 -38.46 9.78
N TYR B 403 9.67 -39.69 10.29
CA TYR B 403 8.96 -40.80 9.66
C TYR B 403 7.46 -40.74 9.94
N ILE B 404 7.07 -40.21 11.11
CA ILE B 404 5.65 -39.95 11.33
C ILE B 404 5.15 -38.93 10.33
N LEU B 405 5.92 -37.87 10.10
CA LEU B 405 5.56 -36.90 9.08
C LEU B 405 5.45 -37.55 7.71
N LEU B 406 6.39 -38.44 7.39
CA LEU B 406 6.40 -39.08 6.07
C LEU B 406 5.18 -39.98 5.88
N VAL B 407 4.80 -40.74 6.91
CA VAL B 407 3.62 -41.59 6.76
C VAL B 407 2.36 -40.75 6.67
N THR B 408 2.29 -39.64 7.42
CA THR B 408 1.17 -38.73 7.26
C THR B 408 1.09 -38.20 5.84
N SER B 409 2.24 -37.81 5.28
CA SER B 409 2.27 -37.30 3.92
C SER B 409 1.85 -38.37 2.91
N ASP B 410 2.27 -39.62 3.14
CA ASP B 410 1.89 -40.71 2.24
C ASP B 410 0.39 -40.95 2.28
N VAL B 411 -0.20 -40.94 3.48
CA VAL B 411 -1.64 -41.12 3.60
C VAL B 411 -2.37 -39.99 2.88
N LEU B 412 -1.91 -38.75 3.09
CA LEU B 412 -2.53 -37.61 2.42
C LEU B 412 -2.42 -37.74 0.90
N THR B 413 -1.25 -38.13 0.40
CA THR B 413 -1.05 -38.23 -1.03
C THR B 413 -1.93 -39.32 -1.63
N ILE B 414 -2.02 -40.47 -0.99
CA ILE B 414 -2.85 -41.56 -1.51
C ILE B 414 -4.32 -41.14 -1.52
N SER B 415 -4.79 -40.51 -0.43
CA SER B 415 -6.16 -40.05 -0.41
C SER B 415 -6.43 -39.04 -1.51
N GLY B 416 -5.52 -38.10 -1.70
CA GLY B 416 -5.69 -37.11 -2.76
C GLY B 416 -5.70 -37.74 -4.13
N THR B 417 -4.83 -38.73 -4.36
CA THR B 417 -4.79 -39.39 -5.66
C THR B 417 -6.07 -40.18 -5.92
N ILE B 418 -6.60 -40.86 -4.90
CA ILE B 418 -7.86 -41.57 -5.09
C ILE B 418 -8.98 -40.59 -5.40
N MET B 419 -9.02 -39.46 -4.69
CA MET B 419 -10.02 -38.44 -4.99
C MET B 419 -9.86 -37.91 -6.41
N LYS B 420 -8.62 -37.69 -6.85
CA LYS B 420 -8.37 -37.19 -8.19
C LYS B 420 -8.83 -38.18 -9.25
N ILE B 421 -8.55 -39.47 -9.04
CA ILE B 421 -9.03 -40.50 -9.96
C ILE B 421 -10.54 -40.51 -10.01
N GLY B 422 -11.18 -40.41 -8.84
CA GLY B 422 -12.64 -40.39 -8.81
C GLY B 422 -13.22 -39.18 -9.54
N ILE B 423 -12.59 -38.02 -9.39
CA ILE B 423 -13.06 -36.83 -10.09
C ILE B 423 -12.89 -36.99 -11.59
N GLU B 424 -11.75 -37.54 -12.02
CA GLU B 424 -11.52 -37.75 -13.45
C GLU B 424 -12.51 -38.74 -14.03
N ALA B 425 -12.89 -39.76 -13.25
CA ALA B 425 -13.89 -40.72 -13.68
C ALA B 425 -15.31 -40.16 -13.59
N LYS B 426 -15.48 -38.96 -13.04
CA LYS B 426 -16.77 -38.29 -12.90
C LYS B 426 -17.60 -38.86 -11.77
N ASN B 427 -17.00 -39.60 -10.84
CA ASN B 427 -17.70 -40.06 -9.66
C ASN B 427 -17.77 -38.99 -8.57
N LEU B 428 -16.86 -38.02 -8.60
CA LEU B 428 -16.81 -36.96 -7.60
C LEU B 428 -16.58 -35.63 -8.31
N ALA B 429 -16.89 -34.54 -7.60
CA ALA B 429 -16.63 -33.20 -8.11
C ALA B 429 -16.07 -32.28 -7.03
N SER B 430 -15.47 -32.83 -5.97
CA SER B 430 -14.95 -32.03 -4.86
C SER B 430 -13.52 -31.59 -5.20
N TYR B 431 -13.43 -30.59 -6.08
CA TYR B 431 -12.12 -30.11 -6.50
C TYR B 431 -11.35 -29.47 -5.34
N ASP B 432 -12.05 -28.73 -4.49
CA ASP B 432 -11.37 -28.00 -3.41
C ASP B 432 -10.72 -28.94 -2.41
N VAL B 433 -11.43 -29.99 -1.99
CA VAL B 433 -10.86 -30.95 -1.04
C VAL B 433 -9.65 -31.65 -1.64
N CYS B 434 -9.77 -32.08 -2.90
CA CYS B 434 -8.65 -32.75 -3.55
C CYS B 434 -7.45 -31.83 -3.66
N SER B 435 -7.69 -30.57 -4.03
CA SER B 435 -6.58 -29.62 -4.15
C SER B 435 -5.91 -29.39 -2.80
N ILE B 436 -6.69 -29.28 -1.73
CA ILE B 436 -6.10 -29.07 -0.41
C ILE B 436 -5.26 -30.28 -0.01
N LEU B 437 -5.80 -31.48 -0.21
CA LEU B 437 -5.05 -32.69 0.15
C LEU B 437 -3.74 -32.76 -0.61
N LEU B 438 -3.79 -32.59 -1.93
CA LEU B 438 -2.59 -32.72 -2.74
C LEU B 438 -1.58 -31.61 -2.45
N GLY B 439 -2.04 -30.38 -2.26
CA GLY B 439 -1.12 -29.30 -1.95
C GLY B 439 -0.43 -29.48 -0.61
N THR B 440 -1.18 -29.86 0.41
CA THR B 440 -0.57 -30.13 1.71
C THR B 440 0.44 -31.28 1.61
N SER B 441 0.09 -32.34 0.88
CA SER B 441 1.00 -33.46 0.74
C SER B 441 2.26 -33.05 0.01
N THR B 442 2.14 -32.20 -1.02
CA THR B 442 3.32 -31.71 -1.72
C THR B 442 4.22 -30.90 -0.80
N LEU B 443 3.63 -30.01 0.01
CA LEU B 443 4.44 -29.24 0.95
C LEU B 443 5.16 -30.16 1.92
N LEU B 444 4.46 -31.16 2.46
CA LEU B 444 5.10 -32.07 3.41
C LEU B 444 6.19 -32.90 2.75
N VAL B 445 5.97 -33.33 1.50
CA VAL B 445 6.99 -34.09 0.79
C VAL B 445 8.24 -33.24 0.60
N TRP B 446 8.08 -31.98 0.22
CA TRP B 446 9.23 -31.11 0.07
C TRP B 446 9.95 -30.91 1.40
N VAL B 447 9.19 -30.76 2.49
CA VAL B 447 9.81 -30.54 3.79
C VAL B 447 10.52 -31.79 4.29
N GLY B 448 10.06 -32.98 3.87
CA GLY B 448 10.54 -34.22 4.44
C GLY B 448 12.03 -34.50 4.24
N VAL B 449 12.64 -33.91 3.21
CA VAL B 449 14.04 -34.22 2.91
C VAL B 449 15.02 -33.59 3.89
N ILE B 450 14.56 -32.64 4.73
CA ILE B 450 15.42 -32.07 5.75
C ILE B 450 15.85 -33.13 6.77
N ARG B 451 15.11 -34.24 6.83
CA ARG B 451 15.49 -35.35 7.70
C ARG B 451 16.93 -35.78 7.46
N TYR B 452 17.37 -35.76 6.20
CA TYR B 452 18.72 -36.21 5.87
C TYR B 452 19.76 -35.11 6.07
N LEU B 453 19.36 -33.85 6.06
CA LEU B 453 20.26 -32.77 6.43
C LEU B 453 20.45 -32.69 7.94
N THR B 454 19.53 -33.26 8.72
CA THR B 454 19.67 -33.19 10.18
C THR B 454 20.96 -33.84 10.68
N PHE B 455 21.58 -34.72 9.90
CA PHE B 455 22.76 -35.42 10.38
C PHE B 455 24.00 -34.54 10.44
N PHE B 456 24.02 -33.43 9.70
CA PHE B 456 25.20 -32.59 9.57
C PHE B 456 24.95 -31.25 10.23
N HIS B 457 25.77 -30.91 11.23
CA HIS B 457 25.52 -29.73 12.05
C HIS B 457 25.54 -28.46 11.21
N ASN B 458 26.48 -28.36 10.27
CA ASN B 458 26.59 -27.15 9.46
C ASN B 458 25.33 -26.91 8.62
N TYR B 459 24.53 -27.94 8.38
CA TYR B 459 23.28 -27.81 7.63
C TYR B 459 22.04 -27.92 8.50
N ASN B 460 22.19 -28.05 9.81
CA ASN B 460 21.08 -28.35 10.71
C ASN B 460 20.79 -27.20 11.68
N ILE B 461 21.14 -25.98 11.30
CA ILE B 461 21.01 -24.84 12.23
C ILE B 461 19.54 -24.60 12.55
N LEU B 462 18.68 -24.59 11.54
CA LEU B 462 17.28 -24.23 11.74
C LEU B 462 16.59 -25.22 12.69
N ILE B 463 16.68 -26.51 12.39
CA ILE B 463 16.01 -27.51 13.21
C ILE B 463 16.62 -27.57 14.60
N ALA B 464 17.95 -27.53 14.68
CA ALA B 464 18.63 -27.60 15.97
C ALA B 464 18.22 -26.43 16.85
N THR B 465 18.10 -25.23 16.27
CA THR B 465 17.72 -24.07 17.05
C THR B 465 16.25 -24.13 17.45
N LEU B 466 15.37 -24.55 16.54
CA LEU B 466 13.95 -24.65 16.87
C LEU B 466 13.75 -25.64 18.01
N ARG B 467 14.48 -26.76 17.99
CA ARG B 467 14.33 -27.75 19.06
C ARG B 467 14.56 -27.13 20.43
N VAL B 468 15.51 -26.21 20.55
CA VAL B 468 15.82 -25.62 21.84
C VAL B 468 14.90 -24.44 22.14
N ALA B 469 14.44 -23.73 21.11
CA ALA B 469 13.68 -22.51 21.33
C ALA B 469 12.20 -22.77 21.58
N LEU B 470 11.65 -23.84 21.02
CA LEU B 470 10.19 -23.99 20.98
C LEU B 470 9.53 -23.95 22.36
N PRO B 471 10.02 -24.65 23.38
CA PRO B 471 9.31 -24.63 24.67
C PRO B 471 9.17 -23.24 25.28
N SER B 472 10.27 -22.48 25.32
CA SER B 472 10.21 -21.13 25.86
C SER B 472 9.34 -20.23 25.00
N VAL B 473 9.33 -20.45 23.68
CA VAL B 473 8.45 -19.68 22.80
C VAL B 473 6.99 -19.97 23.16
N MET B 474 6.64 -21.23 23.39
CA MET B 474 5.28 -21.57 23.75
C MET B 474 4.87 -20.93 25.07
N ARG B 475 5.77 -20.98 26.05
CA ARG B 475 5.47 -20.35 27.34
C ARG B 475 5.28 -18.85 27.19
N PHE B 476 6.10 -18.20 26.36
CA PHE B 476 5.94 -16.78 26.08
C PHE B 476 4.59 -16.50 25.41
N CYS B 477 4.21 -17.34 24.46
CA CYS B 477 2.93 -17.16 23.78
C CYS B 477 1.77 -17.29 24.76
N CYS B 478 1.91 -18.13 25.78
CA CYS B 478 0.85 -18.23 26.78
C CYS B 478 0.46 -16.86 27.33
N CYS B 479 1.46 -16.06 27.69
CA CYS B 479 1.19 -14.74 28.25
C CYS B 479 0.79 -13.74 27.17
N VAL B 480 1.38 -13.83 25.98
CA VAL B 480 1.07 -12.83 24.95
C VAL B 480 -0.35 -13.01 24.40
N ALA B 481 -0.86 -14.24 24.38
CA ALA B 481 -2.11 -14.51 23.70
C ALA B 481 -3.30 -13.83 24.37
N VAL B 482 -3.30 -13.73 25.70
CA VAL B 482 -4.44 -13.11 26.37
C VAL B 482 -4.50 -11.62 26.05
N ILE B 483 -3.34 -10.96 26.01
CA ILE B 483 -3.30 -9.56 25.61
C ILE B 483 -3.80 -9.41 24.18
N TYR B 484 -3.32 -10.28 23.29
CA TYR B 484 -3.72 -10.20 21.89
C TYR B 484 -5.22 -10.38 21.74
N LEU B 485 -5.80 -11.33 22.47
CA LEU B 485 -7.24 -11.58 22.38
C LEU B 485 -8.05 -10.44 22.97
N GLY B 486 -7.57 -9.86 24.07
CA GLY B 486 -8.24 -8.69 24.61
C GLY B 486 -8.31 -7.56 23.60
N TYR B 487 -7.17 -7.30 22.94
CA TYR B 487 -7.17 -6.27 21.89
C TYR B 487 -8.09 -6.64 20.75
N CYS B 488 -8.10 -7.92 20.35
CA CYS B 488 -8.97 -8.34 19.26
C CYS B 488 -10.44 -8.06 19.57
N PHE B 489 -10.90 -8.50 20.74
CA PHE B 489 -12.31 -8.31 21.08
C PHE B 489 -12.65 -6.83 21.22
N CYS B 490 -11.79 -6.06 21.91
CA CYS B 490 -12.04 -4.64 22.08
C CYS B 490 -12.15 -3.94 20.74
N GLY B 491 -11.18 -4.16 19.85
CA GLY B 491 -11.22 -3.52 18.55
C GLY B 491 -12.42 -3.94 17.73
N TRP B 492 -12.71 -5.25 17.73
CA TRP B 492 -13.84 -5.75 16.94
C TRP B 492 -15.14 -5.08 17.36
N ILE B 493 -15.39 -4.95 18.66
CA ILE B 493 -16.69 -4.44 19.08
C ILE B 493 -16.73 -2.92 19.05
N VAL B 494 -15.66 -2.24 19.49
CA VAL B 494 -15.71 -0.79 19.58
C VAL B 494 -15.49 -0.14 18.21
N LEU B 495 -14.51 -0.60 17.45
CA LEU B 495 -14.15 0.05 16.20
C LEU B 495 -14.81 -0.55 14.97
N GLY B 496 -15.35 -1.77 15.06
CA GLY B 496 -15.90 -2.45 13.92
C GLY B 496 -16.98 -1.69 13.17
N PRO B 497 -17.93 -1.06 13.87
CA PRO B 497 -18.96 -0.28 13.14
C PRO B 497 -18.39 0.91 12.38
N TYR B 498 -17.20 1.40 12.73
CA TYR B 498 -16.63 2.59 12.11
C TYR B 498 -15.47 2.31 11.16
N HIS B 499 -14.79 1.16 11.29
CA HIS B 499 -13.53 0.92 10.62
C HIS B 499 -13.69 -0.29 9.71
N VAL B 500 -13.39 -0.12 8.42
CA VAL B 500 -13.60 -1.18 7.43
C VAL B 500 -12.73 -2.40 7.74
N LYS B 501 -11.61 -2.21 8.41
CA LYS B 501 -10.70 -3.30 8.71
C LYS B 501 -11.01 -4.02 10.02
N PHE B 502 -12.08 -3.64 10.71
CA PHE B 502 -12.45 -4.25 11.98
C PHE B 502 -13.84 -4.86 11.95
N ARG B 503 -14.37 -5.14 10.75
CA ARG B 503 -15.75 -5.58 10.64
C ARG B 503 -15.98 -6.91 11.35
N SER B 504 -15.05 -7.84 11.20
CA SER B 504 -15.22 -9.20 11.71
C SER B 504 -14.00 -9.58 12.54
N LEU B 505 -14.18 -10.59 13.40
CA LEU B 505 -13.09 -11.00 14.28
C LEU B 505 -11.89 -11.52 13.50
N SER B 506 -12.12 -12.32 12.46
CA SER B 506 -11.01 -12.79 11.65
C SER B 506 -10.31 -11.63 10.95
N MET B 507 -11.08 -10.67 10.45
CA MET B 507 -10.50 -9.49 9.82
C MET B 507 -9.72 -8.67 10.84
N VAL B 508 -10.22 -8.57 12.08
CA VAL B 508 -9.49 -7.86 13.14
C VAL B 508 -8.17 -8.54 13.41
N SER B 509 -8.18 -9.88 13.50
CA SER B 509 -6.94 -10.61 13.73
C SER B 509 -5.95 -10.36 12.59
N GLU B 510 -6.43 -10.38 11.36
CA GLU B 510 -5.55 -10.08 10.22
C GLU B 510 -4.96 -8.68 10.34
N CYS B 511 -5.79 -7.70 10.67
CA CYS B 511 -5.32 -6.31 10.76
C CYS B 511 -4.26 -6.17 11.85
N LEU B 512 -4.51 -6.75 13.02
CA LEU B 512 -3.54 -6.61 14.12
C LEU B 512 -2.26 -7.36 13.82
N PHE B 513 -2.36 -8.56 13.25
CA PHE B 513 -1.16 -9.31 12.87
C PHE B 513 -0.33 -8.54 11.85
N SER B 514 -0.99 -7.93 10.87
CA SER B 514 -0.26 -7.11 9.89
C SER B 514 0.37 -5.89 10.54
N LEU B 515 -0.34 -5.26 11.47
CA LEU B 515 0.20 -4.09 12.16
C LEU B 515 1.46 -4.45 12.95
N ILE B 516 1.46 -5.62 13.59
CA ILE B 516 2.65 -6.06 14.32
C ILE B 516 3.85 -6.10 13.39
N ASN B 517 3.64 -6.52 12.14
CA ASN B 517 4.70 -6.62 11.16
C ASN B 517 4.94 -5.31 10.41
N GLY B 518 4.34 -4.21 10.86
CA GLY B 518 4.57 -2.91 10.28
C GLY B 518 3.77 -2.60 9.03
N ASP B 519 2.80 -3.43 8.68
CA ASP B 519 2.13 -3.34 7.39
C ASP B 519 0.82 -2.58 7.50
N ASP B 520 0.60 -1.65 6.58
CA ASP B 520 -0.69 -0.99 6.39
C ASP B 520 -1.03 -0.05 7.55
N MET B 521 -0.02 0.54 8.16
CA MET B 521 -0.23 1.31 9.39
C MET B 521 -0.96 2.63 9.13
N PHE B 522 -0.45 3.42 8.19
CA PHE B 522 -1.01 4.75 8.00
C PHE B 522 -2.45 4.68 7.52
N VAL B 523 -2.77 3.71 6.65
CA VAL B 523 -4.16 3.60 6.19
C VAL B 523 -5.07 3.19 7.33
N THR B 524 -4.58 2.37 8.25
CA THR B 524 -5.36 2.04 9.45
C THR B 524 -5.65 3.29 10.26
N PHE B 525 -4.64 4.13 10.45
CA PHE B 525 -4.89 5.40 11.16
C PHE B 525 -5.85 6.29 10.38
N ALA B 526 -5.72 6.33 9.06
CA ALA B 526 -6.46 7.27 8.24
C ALA B 526 -7.93 6.90 8.08
N ALA B 527 -8.25 5.61 8.17
CA ALA B 527 -9.65 5.22 8.08
C ALA B 527 -10.49 5.86 9.18
N MET B 528 -9.87 6.27 10.28
CA MET B 528 -10.58 6.90 11.39
C MET B 528 -10.69 8.42 11.27
N GLN B 529 -9.93 9.04 10.36
CA GLN B 529 -9.92 10.49 10.28
C GLN B 529 -11.30 11.06 9.98
N ALA B 530 -12.17 10.27 9.32
CA ALA B 530 -13.52 10.74 9.04
C ALA B 530 -14.32 10.96 10.32
N GLN B 531 -14.04 10.19 11.37
CA GLN B 531 -14.77 10.30 12.62
C GLN B 531 -14.27 11.42 13.52
N GLN B 532 -13.13 12.05 13.19
CA GLN B 532 -12.61 13.09 14.06
C GLN B 532 -13.58 14.25 14.20
N GLY B 533 -14.45 14.45 13.22
CA GLY B 533 -15.43 15.51 13.28
C GLY B 533 -16.80 15.01 13.70
N ARG B 534 -17.12 13.76 13.38
CA ARG B 534 -18.43 13.21 13.67
C ARG B 534 -18.48 12.63 15.09
N SER B 535 -17.60 11.67 15.39
CA SER B 535 -17.55 11.00 16.68
C SER B 535 -16.17 11.21 17.27
N SER B 536 -15.99 12.33 17.99
CA SER B 536 -14.68 12.68 18.50
C SER B 536 -14.20 11.70 19.55
N LEU B 537 -15.11 11.23 20.41
CA LEU B 537 -14.70 10.31 21.47
C LEU B 537 -14.22 8.98 20.90
N VAL B 538 -14.93 8.46 19.90
CA VAL B 538 -14.50 7.23 19.25
C VAL B 538 -13.15 7.42 18.56
N TRP B 539 -12.96 8.57 17.93
CA TRP B 539 -11.69 8.85 17.26
C TRP B 539 -10.54 8.90 18.26
N LEU B 540 -10.75 9.57 19.40
CA LEU B 540 -9.71 9.62 20.42
C LEU B 540 -9.40 8.22 20.96
N PHE B 541 -10.45 7.43 21.19
CA PHE B 541 -10.22 6.06 21.65
C PHE B 541 -9.41 5.27 20.63
N SER B 542 -9.74 5.43 19.34
CA SER B 542 -9.01 4.70 18.31
C SER B 542 -7.55 5.12 18.28
N GLN B 543 -7.28 6.42 18.47
CA GLN B 543 -5.89 6.88 18.57
C GLN B 543 -5.16 6.15 19.69
N LEU B 544 -5.73 6.17 20.89
CA LEU B 544 -5.07 5.52 22.03
C LEU B 544 -4.90 4.02 21.77
N TYR B 545 -5.94 3.38 21.24
CA TYR B 545 -5.92 1.95 20.98
C TYR B 545 -4.78 1.59 20.01
N LEU B 546 -4.72 2.25 18.86
CA LEU B 546 -3.73 1.90 17.85
C LEU B 546 -2.31 2.21 18.34
N TYR B 547 -2.11 3.40 18.93
CA TYR B 547 -0.77 3.74 19.39
C TYR B 547 -0.28 2.75 20.45
N SER B 548 -1.14 2.44 21.43
CA SER B 548 -0.71 1.52 22.48
C SER B 548 -0.44 0.13 21.93
N PHE B 549 -1.31 -0.38 21.06
CA PHE B 549 -1.09 -1.72 20.52
C PHE B 549 0.23 -1.77 19.76
N ILE B 550 0.44 -0.83 18.83
CA ILE B 550 1.64 -0.87 18.00
C ILE B 550 2.89 -0.78 18.87
N SER B 551 2.92 0.20 19.78
CA SER B 551 4.11 0.36 20.61
C SER B 551 4.39 -0.90 21.41
N LEU B 552 3.39 -1.39 22.15
CA LEU B 552 3.60 -2.56 23.00
C LEU B 552 4.09 -3.75 22.19
N PHE B 553 3.43 -4.04 21.06
CA PHE B 553 3.71 -5.31 20.41
C PHE B 553 4.97 -5.25 19.55
N ILE B 554 5.18 -4.16 18.81
CA ILE B 554 6.38 -4.10 17.98
C ILE B 554 7.63 -3.94 18.85
N TYR B 555 7.60 -3.06 19.84
CA TYR B 555 8.84 -2.70 20.51
C TYR B 555 9.15 -3.57 21.72
N MET B 556 8.16 -4.12 22.40
CA MET B 556 8.40 -4.96 23.57
C MET B 556 8.23 -6.44 23.27
N VAL B 557 7.06 -6.84 22.77
CA VAL B 557 6.77 -8.27 22.65
C VAL B 557 7.64 -8.91 21.58
N LEU B 558 7.62 -8.35 20.36
CA LEU B 558 8.36 -8.94 19.25
C LEU B 558 9.85 -8.97 19.54
N SER B 559 10.36 -7.91 20.17
CA SER B 559 11.79 -7.86 20.51
C SER B 559 12.17 -9.05 21.40
N LEU B 560 11.36 -9.32 22.42
CA LEU B 560 11.68 -10.43 23.32
C LEU B 560 11.50 -11.78 22.62
N PHE B 561 10.52 -11.89 21.72
CA PHE B 561 10.38 -13.12 20.94
C PHE B 561 11.65 -13.41 20.14
N ILE B 562 12.13 -12.41 19.40
CA ILE B 562 13.35 -12.58 18.61
C ILE B 562 14.53 -12.85 19.53
N ALA B 563 14.55 -12.21 20.71
CA ALA B 563 15.63 -12.46 21.66
C ALA B 563 15.64 -13.91 22.11
N LEU B 564 14.46 -14.49 22.37
CA LEU B 564 14.40 -15.89 22.73
C LEU B 564 14.97 -16.77 21.63
N ILE B 565 14.58 -16.51 20.39
CA ILE B 565 15.07 -17.35 19.29
C ILE B 565 16.58 -17.21 19.12
N THR B 566 17.09 -15.98 19.15
CA THR B 566 18.53 -15.79 18.95
C THR B 566 19.33 -16.30 20.14
N GLY B 567 18.77 -16.27 21.35
CA GLY B 567 19.44 -16.89 22.48
C GLY B 567 19.52 -18.39 22.36
N ALA B 568 18.44 -19.01 21.87
CA ALA B 568 18.51 -20.44 21.60
C ALA B 568 19.58 -20.76 20.57
N TYR B 569 19.66 -19.95 19.51
CA TYR B 569 20.72 -20.15 18.52
C TYR B 569 22.10 -20.00 19.17
N ASP B 570 22.29 -18.98 19.99
CA ASP B 570 23.56 -18.81 20.70
C ASP B 570 23.89 -20.04 21.52
N THR B 571 22.86 -20.68 22.08
CA THR B 571 23.10 -21.90 22.85
C THR B 571 23.57 -23.04 21.95
N ILE B 572 22.85 -23.28 20.85
CA ILE B 572 23.20 -24.42 19.99
C ILE B 572 24.42 -24.16 19.14
N LYS B 573 25.00 -22.96 19.19
CA LYS B 573 26.18 -22.64 18.41
C LYS B 573 27.36 -22.39 19.34
N GLU C 87 9.86 -12.56 64.46
CA GLU C 87 9.36 -13.89 64.77
C GLU C 87 8.27 -14.30 63.78
N ASP C 88 7.00 -14.14 64.18
CA ASP C 88 5.90 -14.47 63.28
C ASP C 88 5.84 -13.53 62.08
N LEU C 89 6.45 -12.35 62.17
CA LEU C 89 6.39 -11.40 61.06
C LEU C 89 7.01 -11.97 59.80
N ARG C 90 8.17 -12.64 59.93
CA ARG C 90 8.83 -13.21 58.77
C ARG C 90 7.92 -14.21 58.07
N ARG C 91 7.33 -15.12 58.84
CA ARG C 91 6.45 -16.13 58.29
C ARG C 91 5.21 -15.49 57.66
N ARG C 92 4.66 -14.47 58.30
CA ARG C 92 3.48 -13.82 57.75
C ARG C 92 3.78 -13.14 56.43
N LEU C 93 4.93 -12.45 56.33
CA LEU C 93 5.30 -11.83 55.07
C LEU C 93 5.54 -12.87 53.99
N LYS C 94 6.25 -13.94 54.34
CA LYS C 94 6.51 -15.01 53.37
C LYS C 94 5.20 -15.59 52.84
N TYR C 95 4.23 -15.79 53.72
CA TYR C 95 2.91 -16.24 53.27
C TYR C 95 2.24 -15.19 52.40
N PHE C 96 2.36 -13.92 52.77
CA PHE C 96 1.73 -12.86 52.02
C PHE C 96 2.24 -12.78 50.59
N PHE C 97 3.49 -13.20 50.34
CA PHE C 97 4.06 -13.13 49.00
C PHE C 97 4.07 -14.49 48.29
N MET C 98 3.22 -15.43 48.70
CA MET C 98 3.21 -16.76 48.10
C MET C 98 2.18 -16.84 46.97
N SER C 99 2.29 -17.90 46.19
CA SER C 99 1.41 -18.13 45.05
C SER C 99 0.12 -18.82 45.50
N PRO C 100 -0.91 -18.83 44.65
CA PRO C 100 -2.16 -19.50 45.04
C PRO C 100 -1.97 -20.95 45.41
N CYS C 101 -1.17 -21.69 44.64
CA CYS C 101 -0.91 -23.09 44.98
C CYS C 101 -0.13 -23.19 46.29
N ASP C 102 0.84 -22.30 46.49
CA ASP C 102 1.60 -22.31 47.74
C ASP C 102 0.71 -21.99 48.93
N LYS C 103 -0.20 -21.03 48.77
CA LYS C 103 -1.11 -20.69 49.86
C LYS C 103 -2.08 -21.82 50.13
N PHE C 104 -2.54 -22.51 49.08
CA PHE C 104 -3.39 -23.68 49.27
C PHE C 104 -2.65 -24.77 50.04
N ARG C 105 -1.38 -24.98 49.72
CA ARG C 105 -0.57 -25.93 50.47
C ARG C 105 -0.43 -25.50 51.93
N ALA C 106 -0.20 -24.20 52.16
CA ALA C 106 0.08 -23.72 53.50
C ALA C 106 -1.15 -23.79 54.40
N LYS C 107 -2.22 -23.06 54.03
CA LYS C 107 -3.39 -22.93 54.88
C LYS C 107 -4.66 -23.43 54.20
N GLY C 108 -4.54 -24.24 53.15
CA GLY C 108 -5.71 -24.80 52.51
C GLY C 108 -6.67 -23.77 51.99
N ARG C 109 -6.17 -22.66 51.46
CA ARG C 109 -7.02 -21.59 50.98
C ARG C 109 -7.47 -21.88 49.55
N LYS C 110 -8.78 -21.81 49.32
CA LYS C 110 -9.33 -22.05 48.00
C LYS C 110 -9.18 -20.79 47.14
N PRO C 111 -8.64 -20.91 45.92
CA PRO C 111 -8.40 -19.71 45.09
C PRO C 111 -9.67 -19.21 44.39
N CYS C 112 -10.51 -18.51 45.14
CA CYS C 112 -11.76 -18.02 44.55
C CYS C 112 -11.53 -16.83 43.63
N LYS C 113 -10.47 -16.05 43.87
CA LYS C 113 -10.20 -14.91 43.01
C LYS C 113 -9.85 -15.34 41.59
N LEU C 114 -9.10 -16.44 41.46
CA LEU C 114 -8.71 -16.91 40.13
C LEU C 114 -9.91 -17.42 39.35
N MET C 115 -10.75 -18.26 39.98
CA MET C 115 -11.95 -18.73 39.31
C MET C 115 -12.88 -17.57 38.98
N LEU C 116 -12.94 -16.58 39.87
CA LEU C 116 -13.70 -15.37 39.57
C LEU C 116 -13.15 -14.67 38.33
N GLN C 117 -11.83 -14.61 38.20
CA GLN C 117 -11.23 -13.98 37.03
C GLN C 117 -11.61 -14.72 35.76
N VAL C 118 -11.60 -16.05 35.79
CA VAL C 118 -11.97 -16.82 34.60
C VAL C 118 -13.44 -16.57 34.24
N VAL C 119 -14.31 -16.64 35.25
CA VAL C 119 -15.72 -16.38 35.02
C VAL C 119 -15.92 -14.97 34.47
N LYS C 120 -15.16 -14.01 35.00
CA LYS C 120 -15.26 -12.62 34.55
C LYS C 120 -14.87 -12.50 33.09
N ILE C 121 -13.77 -13.14 32.69
CA ILE C 121 -13.38 -13.09 31.29
C ILE C 121 -14.53 -13.56 30.42
N LEU C 122 -15.08 -14.74 30.75
CA LEU C 122 -16.16 -15.29 29.93
C LEU C 122 -17.35 -14.32 29.86
N VAL C 123 -17.87 -13.90 31.02
CA VAL C 123 -19.13 -13.17 31.04
C VAL C 123 -18.95 -11.76 30.47
N VAL C 124 -17.84 -11.11 30.77
CA VAL C 124 -17.60 -9.77 30.25
C VAL C 124 -17.46 -9.79 28.74
N THR C 125 -16.74 -10.78 28.19
CA THR C 125 -16.62 -10.86 26.74
C THR C 125 -17.99 -11.10 26.10
N VAL C 126 -18.79 -12.00 26.69
CA VAL C 126 -20.11 -12.27 26.13
C VAL C 126 -20.98 -11.02 26.17
N GLN C 127 -20.93 -10.29 27.28
CA GLN C 127 -21.72 -9.06 27.39
C GLN C 127 -21.27 -8.04 26.34
N LEU C 128 -19.97 -7.94 26.11
CA LEU C 128 -19.48 -7.01 25.10
C LEU C 128 -20.04 -7.36 23.72
N ILE C 129 -20.03 -8.64 23.36
CA ILE C 129 -20.54 -9.03 22.04
C ILE C 129 -22.05 -8.74 21.95
N LEU C 130 -22.78 -9.07 23.01
CA LEU C 130 -24.23 -8.84 23.01
C LEU C 130 -24.54 -7.37 22.84
N PHE C 131 -23.80 -6.50 23.54
CA PHE C 131 -23.98 -5.07 23.35
C PHE C 131 -23.61 -4.64 21.93
N GLY C 132 -22.55 -5.24 21.38
CA GLY C 132 -22.12 -4.89 20.04
C GLY C 132 -23.21 -5.08 19.01
N LEU C 133 -24.07 -6.07 19.21
CA LEU C 133 -25.18 -6.24 18.26
C LEU C 133 -26.01 -4.95 18.12
N SER C 134 -26.48 -4.40 19.25
CA SER C 134 -27.32 -3.21 19.18
C SER C 134 -26.52 -1.97 18.79
N ASN C 135 -25.27 -1.89 19.22
CA ASN C 135 -24.41 -0.78 18.80
C ASN C 135 -24.28 -0.75 17.28
N GLN C 136 -24.04 -1.91 16.68
CA GLN C 136 -23.96 -2.00 15.23
C GLN C 136 -25.26 -1.59 14.57
N LEU C 137 -26.39 -2.02 15.14
CA LEU C 137 -27.67 -1.62 14.55
C LEU C 137 -27.79 -0.10 14.49
N ALA C 138 -27.49 0.58 15.60
CA ALA C 138 -27.63 2.04 15.63
C ALA C 138 -26.68 2.72 14.63
N VAL C 139 -25.41 2.33 14.64
CA VAL C 139 -24.44 2.98 13.76
C VAL C 139 -24.81 2.76 12.30
N THR C 140 -25.22 1.53 11.96
CA THR C 140 -25.60 1.24 10.58
C THR C 140 -26.80 2.09 10.16
N PHE C 141 -27.80 2.21 11.03
CA PHE C 141 -28.95 3.04 10.67
C PHE C 141 -28.49 4.46 10.32
N ARG C 142 -27.70 5.06 11.18
CA ARG C 142 -27.26 6.44 10.93
C ARG C 142 -26.50 6.55 9.60
N GLU C 143 -25.52 5.67 9.40
CA GLU C 143 -24.66 5.82 8.23
C GLU C 143 -25.40 5.52 6.93
N GLU C 144 -26.24 4.47 6.92
CA GLU C 144 -26.97 4.14 5.70
C GLU C 144 -27.94 5.25 5.34
N ASN C 145 -28.62 5.83 6.34
CA ASN C 145 -29.51 6.95 6.04
C ASN C 145 -28.73 8.12 5.45
N THR C 146 -27.54 8.41 5.99
CA THR C 146 -26.75 9.52 5.46
C THR C 146 -26.35 9.27 4.00
N ILE C 147 -25.94 8.05 3.68
CA ILE C 147 -25.58 7.74 2.29
C ILE C 147 -26.78 7.90 1.38
N ALA C 148 -27.96 7.42 1.82
CA ALA C 148 -29.16 7.59 1.02
C ALA C 148 -29.48 9.06 0.81
N PHE C 149 -29.28 9.89 1.83
CA PHE C 149 -29.52 11.32 1.67
C PHE C 149 -28.57 11.92 0.64
N ARG C 150 -27.30 11.53 0.67
CA ARG C 150 -26.37 12.03 -0.33
C ARG C 150 -26.82 11.67 -1.74
N HIS C 151 -27.28 10.43 -1.93
CA HIS C 151 -27.75 10.04 -3.26
C HIS C 151 -29.05 10.73 -3.65
N LEU C 152 -29.90 11.07 -2.67
CA LEU C 152 -31.18 11.68 -2.99
C LEU C 152 -31.05 13.17 -3.30
N PHE C 153 -30.22 13.90 -2.55
CA PHE C 153 -30.28 15.35 -2.58
C PHE C 153 -29.13 16.01 -3.32
N LEU C 154 -28.05 15.30 -3.63
CA LEU C 154 -26.90 15.88 -4.32
C LEU C 154 -26.94 15.47 -5.79
N LEU C 155 -27.08 16.47 -6.66
CA LEU C 155 -27.25 16.22 -8.09
C LEU C 155 -25.96 15.67 -8.68
N GLY C 156 -26.05 14.49 -9.29
CA GLY C 156 -24.90 13.87 -9.91
C GLY C 156 -23.90 13.28 -8.96
N TYR C 157 -24.28 13.04 -7.70
CA TYR C 157 -23.38 12.45 -6.74
C TYR C 157 -23.15 10.98 -7.03
N SER C 158 -21.95 10.51 -6.74
CA SER C 158 -21.60 9.10 -6.86
C SER C 158 -20.67 8.72 -5.71
N ASP C 159 -20.70 7.44 -5.36
CA ASP C 159 -19.93 6.95 -4.22
C ASP C 159 -18.45 7.21 -4.43
N GLY C 160 -17.78 7.64 -3.37
CA GLY C 160 -16.35 7.92 -3.41
C GLY C 160 -15.99 9.30 -3.90
N ALA C 161 -16.97 10.17 -4.19
CA ALA C 161 -16.72 11.49 -4.72
C ALA C 161 -16.83 12.58 -3.65
N ASP C 162 -16.89 12.20 -2.37
CA ASP C 162 -17.16 13.19 -1.33
C ASP C 162 -16.09 14.28 -1.29
N ASP C 163 -14.83 13.90 -1.45
CA ASP C 163 -13.74 14.85 -1.26
C ASP C 163 -13.61 15.84 -2.41
N THR C 164 -14.04 15.48 -3.62
CA THR C 164 -13.89 16.35 -4.78
C THR C 164 -15.20 16.94 -5.27
N PHE C 165 -16.34 16.51 -4.75
CA PHE C 165 -17.64 16.97 -5.24
C PHE C 165 -17.73 18.50 -5.13
N ALA C 166 -17.94 19.17 -6.26
CA ALA C 166 -17.92 20.62 -6.29
C ALA C 166 -18.64 21.12 -7.53
N ALA C 167 -19.06 22.38 -7.48
CA ALA C 167 -19.60 23.10 -8.63
C ALA C 167 -18.55 24.04 -9.19
N TYR C 168 -18.67 24.34 -10.49
CA TYR C 168 -17.70 25.19 -11.17
C TYR C 168 -18.32 26.26 -12.06
N THR C 169 -19.63 26.24 -12.30
CA THR C 169 -20.31 27.28 -13.04
C THR C 169 -21.55 27.72 -12.27
N ARG C 170 -22.01 28.93 -12.57
CA ARG C 170 -23.21 29.44 -11.92
C ARG C 170 -24.40 28.53 -12.19
N GLU C 171 -24.50 28.03 -13.42
CA GLU C 171 -25.61 27.16 -13.80
C GLU C 171 -25.57 25.86 -13.02
N GLN C 172 -24.39 25.28 -12.84
CA GLN C 172 -24.25 24.06 -12.05
C GLN C 172 -24.72 24.30 -10.61
N LEU C 173 -24.33 25.41 -10.02
CA LEU C 173 -24.69 25.69 -8.64
C LEU C 173 -26.20 25.88 -8.50
N TYR C 174 -26.81 26.65 -9.40
CA TYR C 174 -28.26 26.82 -9.35
C TYR C 174 -28.96 25.48 -9.50
N GLN C 175 -28.48 24.64 -10.43
CA GLN C 175 -29.10 23.34 -10.65
C GLN C 175 -28.99 22.47 -9.40
N ALA C 176 -27.83 22.47 -8.74
CA ALA C 176 -27.68 21.68 -7.53
C ALA C 176 -28.62 22.15 -6.42
N ILE C 177 -28.72 23.46 -6.22
CA ILE C 177 -29.59 23.98 -5.16
C ILE C 177 -31.04 23.60 -5.44
N PHE C 178 -31.50 23.84 -6.67
CA PHE C 178 -32.89 23.54 -7.00
C PHE C 178 -33.16 22.05 -6.97
N HIS C 179 -32.19 21.22 -7.36
CA HIS C 179 -32.37 19.78 -7.26
C HIS C 179 -32.56 19.34 -5.83
N ALA C 180 -31.74 19.87 -4.91
CA ALA C 180 -31.89 19.51 -3.50
C ALA C 180 -33.27 19.88 -3.00
N VAL C 181 -33.73 21.11 -3.28
CA VAL C 181 -35.04 21.52 -2.78
C VAL C 181 -36.16 20.70 -3.41
N ASP C 182 -36.08 20.45 -4.72
CA ASP C 182 -37.12 19.69 -5.39
C ASP C 182 -37.19 18.26 -4.86
N GLN C 183 -36.04 17.65 -4.61
CA GLN C 183 -36.04 16.31 -4.03
C GLN C 183 -36.62 16.31 -2.62
N TYR C 184 -36.31 17.33 -1.83
CA TYR C 184 -36.94 17.45 -0.52
C TYR C 184 -38.46 17.50 -0.66
N LEU C 185 -38.97 18.23 -1.64
CA LEU C 185 -40.42 18.32 -1.79
C LEU C 185 -41.02 17.04 -2.36
N ALA C 186 -40.26 16.28 -3.15
CA ALA C 186 -40.76 15.06 -3.77
C ALA C 186 -40.52 13.81 -2.93
N LEU C 187 -39.84 13.94 -1.79
CA LEU C 187 -39.41 12.78 -1.00
C LEU C 187 -40.48 11.73 -0.78
N PRO C 188 -41.72 12.06 -0.41
CA PRO C 188 -42.71 11.00 -0.13
C PRO C 188 -42.97 10.09 -1.32
N ASP C 189 -42.83 10.60 -2.55
CA ASP C 189 -43.19 9.82 -3.73
C ASP C 189 -42.03 9.02 -4.31
N VAL C 190 -40.79 9.36 -3.98
CA VAL C 190 -39.64 8.79 -4.68
C VAL C 190 -38.78 7.95 -3.74
N SER C 191 -38.76 8.30 -2.47
CA SER C 191 -37.82 7.67 -1.54
C SER C 191 -38.24 6.24 -1.21
N LEU C 192 -37.22 5.38 -1.03
CA LEU C 192 -37.44 4.03 -0.55
C LEU C 192 -37.69 3.98 0.95
N GLY C 193 -37.19 4.95 1.70
CA GLY C 193 -37.48 5.05 3.11
C GLY C 193 -38.76 5.82 3.39
N ARG C 194 -39.24 5.69 4.62
CA ARG C 194 -40.42 6.40 5.09
C ARG C 194 -39.98 7.51 6.03
N TYR C 195 -40.19 8.75 5.64
CA TYR C 195 -39.74 9.91 6.40
C TYR C 195 -40.92 10.84 6.67
N ALA C 196 -40.87 11.49 7.83
CA ALA C 196 -41.83 12.52 8.19
C ALA C 196 -41.12 13.87 8.27
N TYR C 197 -41.83 14.92 7.87
CA TYR C 197 -41.29 16.26 7.93
C TYR C 197 -41.38 16.83 9.34
N VAL C 198 -40.45 17.73 9.65
CA VAL C 198 -40.45 18.51 10.88
C VAL C 198 -40.61 19.98 10.51
N ARG C 199 -41.49 20.67 11.22
CA ARG C 199 -41.78 22.08 10.95
C ARG C 199 -41.46 22.92 12.18
N GLY C 200 -41.22 24.21 11.92
CA GLY C 200 -41.08 25.16 13.02
C GLY C 200 -39.85 24.88 13.86
N GLY C 201 -39.99 25.12 15.16
CA GLY C 201 -38.86 25.05 16.06
C GLY C 201 -38.04 26.33 16.00
N GLY C 202 -36.82 26.23 16.52
CA GLY C 202 -35.94 27.38 16.53
C GLY C 202 -35.48 27.78 15.15
N ASP C 203 -34.42 28.59 15.09
CA ASP C 203 -33.85 28.98 13.82
C ASP C 203 -33.08 27.81 13.21
N PRO C 204 -32.88 27.82 11.89
CA PRO C 204 -33.24 28.87 10.92
C PRO C 204 -34.66 28.77 10.40
N TRP C 205 -35.49 27.90 10.94
CA TRP C 205 -36.85 27.69 10.43
C TRP C 205 -37.82 28.62 11.13
N THR C 206 -38.66 29.29 10.35
CA THR C 206 -39.81 29.97 10.90
C THR C 206 -40.91 28.97 11.21
N ASN C 207 -41.93 29.42 11.92
CA ASN C 207 -43.04 28.54 12.26
C ASN C 207 -43.71 28.04 10.99
N GLY C 208 -43.93 26.73 10.92
CA GLY C 208 -44.56 26.12 9.77
C GLY C 208 -43.61 25.78 8.63
N SER C 209 -42.35 26.17 8.72
CA SER C 209 -41.39 25.96 7.64
C SER C 209 -40.60 24.68 7.89
N GLY C 210 -40.40 23.91 6.83
CA GLY C 210 -39.66 22.67 6.92
C GLY C 210 -38.24 22.77 6.42
N LEU C 211 -38.00 23.63 5.43
CA LEU C 211 -36.67 23.76 4.83
C LEU C 211 -36.26 25.21 4.82
N ALA C 212 -35.00 25.46 5.20
CA ALA C 212 -34.43 26.80 5.18
C ALA C 212 -33.31 26.84 4.16
N LEU C 213 -33.41 27.77 3.21
CA LEU C 213 -32.41 27.93 2.15
C LEU C 213 -31.77 29.30 2.34
N CYS C 214 -30.55 29.33 2.88
CA CYS C 214 -29.93 30.57 3.32
C CYS C 214 -28.64 30.85 2.59
N GLN C 215 -28.49 32.08 2.08
CA GLN C 215 -27.24 32.54 1.51
C GLN C 215 -26.64 33.64 2.39
N ARG C 216 -25.33 33.54 2.59
CA ARG C 216 -24.58 34.44 3.43
C ARG C 216 -23.52 35.14 2.59
N TYR C 217 -23.51 36.48 2.67
CA TYR C 217 -22.63 37.30 1.83
C TYR C 217 -22.19 38.53 2.60
N TYR C 218 -21.17 39.23 2.07
CA TYR C 218 -20.66 40.43 2.73
C TYR C 218 -21.68 41.55 2.67
N HIS C 219 -21.75 42.34 3.75
CA HIS C 219 -22.69 43.45 3.81
C HIS C 219 -22.47 44.42 2.66
N ARG C 220 -21.22 44.84 2.43
CA ARG C 220 -20.86 45.62 1.27
C ARG C 220 -19.68 44.94 0.60
N GLY C 221 -19.87 44.51 -0.65
CA GLY C 221 -18.73 44.05 -1.42
C GLY C 221 -18.68 44.65 -2.81
N HIS C 222 -17.67 45.46 -3.08
N HIS C 222 -17.65 45.45 -3.08
CA HIS C 222 -17.38 45.96 -4.42
CA HIS C 222 -17.38 45.97 -4.41
C HIS C 222 -16.00 45.45 -4.79
C HIS C 222 -16.00 45.45 -4.80
N VAL C 223 -15.94 44.55 -5.77
CA VAL C 223 -14.71 43.87 -6.15
C VAL C 223 -14.41 44.23 -7.60
N ASP C 224 -13.24 44.83 -7.84
CA ASP C 224 -12.88 45.34 -9.16
C ASP C 224 -11.45 44.93 -9.46
N PRO C 225 -11.23 43.66 -9.81
CA PRO C 225 -9.88 43.22 -10.18
C PRO C 225 -9.33 43.93 -11.42
N ALA C 226 -10.21 44.41 -12.30
CA ALA C 226 -9.74 45.13 -13.48
C ALA C 226 -8.99 46.39 -13.09
N ASN C 227 -9.49 47.12 -12.09
CA ASN C 227 -8.83 48.31 -11.58
C ASN C 227 -8.00 48.04 -10.33
N ASP C 228 -7.86 46.78 -9.94
CA ASP C 228 -7.06 46.41 -8.78
C ASP C 228 -7.57 47.07 -7.50
N THR C 229 -8.90 47.09 -7.32
CA THR C 229 -9.49 47.79 -6.20
C THR C 229 -10.60 46.95 -5.58
N PHE C 230 -10.89 47.24 -4.31
CA PHE C 230 -12.06 46.68 -3.68
C PHE C 230 -12.47 47.54 -2.50
N ASP C 231 -13.73 47.40 -2.13
CA ASP C 231 -14.34 48.13 -1.03
C ASP C 231 -15.26 47.14 -0.31
N ILE C 232 -14.84 46.69 0.86
CA ILE C 232 -15.50 45.59 1.56
C ILE C 232 -15.84 46.01 2.98
N ASP C 233 -17.06 45.72 3.39
CA ASP C 233 -17.44 45.65 4.80
C ASP C 233 -17.62 44.17 5.13
N PRO C 234 -16.68 43.53 5.82
CA PRO C 234 -16.73 42.06 5.94
C PRO C 234 -17.87 41.52 6.77
N MET C 235 -18.74 42.36 7.33
CA MET C 235 -19.84 41.87 8.13
C MET C 235 -20.75 40.98 7.28
N VAL C 236 -21.12 39.83 7.80
CA VAL C 236 -21.87 38.82 7.07
C VAL C 236 -23.36 39.07 7.24
N VAL C 237 -24.08 39.13 6.13
CA VAL C 237 -25.53 39.23 6.10
C VAL C 237 -26.08 37.89 5.64
N THR C 238 -27.07 37.39 6.37
CA THR C 238 -27.77 36.14 6.05
C THR C 238 -29.16 36.49 5.53
N ASP C 239 -29.48 35.98 4.35
CA ASP C 239 -30.82 36.13 3.76
C ASP C 239 -31.31 34.74 3.41
N CYS C 240 -32.53 34.39 3.80
CA CYS C 240 -32.97 33.06 3.42
C CYS C 240 -34.46 32.86 3.33
N ILE C 241 -34.79 31.85 2.51
CA ILE C 241 -36.13 31.54 2.06
C ILE C 241 -36.62 30.32 2.84
N GLN C 242 -37.89 30.37 3.24
CA GLN C 242 -38.52 29.29 3.97
C GLN C 242 -39.42 28.51 3.01
N VAL C 243 -39.28 27.19 3.03
CA VAL C 243 -40.07 26.30 2.18
C VAL C 243 -40.88 25.40 3.10
N ASP C 244 -42.19 25.44 2.94
CA ASP C 244 -43.09 24.54 3.65
C ASP C 244 -43.12 23.18 2.95
N PRO C 245 -43.10 22.08 3.70
CA PRO C 245 -43.20 20.77 3.06
C PRO C 245 -44.55 20.59 2.40
N PRO C 246 -44.66 19.71 1.40
CA PRO C 246 -45.91 19.54 0.65
C PRO C 246 -47.06 19.01 1.49
N SER C 265 -41.17 29.87 -5.07
CA SER C 265 -40.65 31.08 -4.43
C SER C 265 -39.15 30.95 -4.20
N TYR C 266 -38.73 29.75 -3.80
CA TYR C 266 -37.30 29.47 -3.75
C TYR C 266 -36.67 29.46 -5.12
N LYS C 267 -37.48 29.29 -6.18
CA LYS C 267 -36.98 29.33 -7.54
C LYS C 267 -36.55 30.72 -7.98
N ASN C 268 -36.93 31.75 -7.24
CA ASN C 268 -36.53 33.13 -7.53
C ASN C 268 -35.22 33.51 -6.88
N LEU C 269 -34.53 32.56 -6.26
CA LEU C 269 -33.26 32.84 -5.60
C LEU C 269 -32.29 33.49 -6.57
N THR C 270 -31.66 34.57 -6.11
CA THR C 270 -30.63 35.28 -6.87
C THR C 270 -29.38 35.35 -6.01
N LEU C 271 -28.33 34.69 -6.44
CA LEU C 271 -27.09 34.62 -5.69
C LEU C 271 -26.20 35.82 -6.00
N LYS C 272 -25.62 36.40 -4.96
CA LYS C 272 -24.71 37.53 -5.09
C LYS C 272 -23.28 36.97 -5.18
N PHE C 273 -22.94 36.54 -6.39
CA PHE C 273 -21.77 35.68 -6.58
C PHE C 273 -20.48 36.35 -6.13
N HIS C 274 -20.31 37.63 -6.46
CA HIS C 274 -19.02 38.27 -6.23
C HIS C 274 -18.71 38.47 -4.75
N LYS C 275 -19.72 38.51 -3.87
CA LYS C 275 -19.49 38.64 -2.44
C LYS C 275 -20.13 37.51 -1.65
N LEU C 276 -20.41 36.38 -2.30
CA LEU C 276 -21.06 35.25 -1.65
C LEU C 276 -20.10 34.52 -0.74
N VAL C 277 -20.51 34.30 0.51
CA VAL C 277 -19.70 33.53 1.45
C VAL C 277 -20.08 32.06 1.45
N ASN C 278 -21.38 31.75 1.60
CA ASN C 278 -21.79 30.37 1.38
C ASN C 278 -23.30 30.28 1.22
N VAL C 279 -23.76 29.08 0.87
CA VAL C 279 -25.17 28.76 0.79
C VAL C 279 -25.40 27.48 1.59
N THR C 280 -26.48 27.46 2.37
CA THR C 280 -26.80 26.30 3.19
C THR C 280 -28.28 25.96 3.04
N ILE C 281 -28.56 24.66 3.13
CA ILE C 281 -29.92 24.13 3.16
C ILE C 281 -30.06 23.30 4.43
N HIS C 282 -31.07 23.63 5.23
CA HIS C 282 -31.31 22.98 6.52
C HIS C 282 -32.69 22.35 6.52
N PHE C 283 -32.78 21.08 6.89
CA PHE C 283 -34.09 20.49 7.12
C PHE C 283 -33.96 19.24 8.00
N ARG C 284 -35.08 18.85 8.61
CA ARG C 284 -35.10 17.71 9.52
C ARG C 284 -36.09 16.66 9.02
N LEU C 285 -35.74 15.39 9.21
CA LEU C 285 -36.57 14.27 8.80
C LEU C 285 -36.69 13.27 9.94
N LYS C 286 -37.88 12.72 10.14
CA LYS C 286 -38.11 11.73 11.18
C LYS C 286 -38.32 10.36 10.57
N THR C 287 -37.74 9.34 11.19
CA THR C 287 -37.85 7.98 10.70
C THR C 287 -37.73 7.02 11.88
N ILE C 288 -37.97 5.74 11.62
CA ILE C 288 -38.02 4.71 12.65
C ILE C 288 -37.05 3.60 12.28
N ASN C 289 -36.23 3.17 13.25
CA ASN C 289 -35.20 2.15 13.03
C ASN C 289 -35.83 0.77 13.23
N LEU C 290 -36.51 0.29 12.18
CA LEU C 290 -37.25 -0.96 12.28
C LEU C 290 -36.34 -2.17 12.45
N GLN C 291 -35.10 -2.10 11.98
CA GLN C 291 -34.23 -3.27 12.05
C GLN C 291 -34.05 -3.77 13.47
N SER C 292 -34.22 -2.91 14.46
CA SER C 292 -34.10 -3.35 15.85
C SER C 292 -34.95 -4.58 16.14
N LEU C 293 -36.03 -4.78 15.38
CA LEU C 293 -36.89 -5.93 15.62
C LEU C 293 -36.13 -7.24 15.54
N ILE C 294 -35.10 -7.32 14.70
CA ILE C 294 -34.36 -8.57 14.57
C ILE C 294 -33.60 -8.92 15.84
N ASN C 295 -33.29 -7.93 16.67
CA ASN C 295 -32.61 -8.16 17.94
C ASN C 295 -33.58 -8.22 19.11
N ASN C 296 -34.87 -8.38 18.84
CA ASN C 296 -35.90 -8.45 19.88
C ASN C 296 -35.92 -7.17 20.71
N GLU C 297 -35.73 -6.03 20.05
CA GLU C 297 -35.75 -4.73 20.71
C GLU C 297 -36.82 -3.86 20.07
N ILE C 298 -37.37 -2.95 20.86
CA ILE C 298 -38.38 -2.02 20.33
C ILE C 298 -37.69 -0.97 19.47
N PRO C 299 -38.15 -0.71 18.25
CA PRO C 299 -37.51 0.32 17.42
C PRO C 299 -37.54 1.70 18.08
N ASP C 300 -36.48 2.46 17.84
CA ASP C 300 -36.37 3.84 18.30
C ASP C 300 -36.85 4.80 17.21
N CYS C 301 -37.11 6.04 17.63
CA CYS C 301 -37.51 7.11 16.72
C CYS C 301 -36.32 8.04 16.53
N TYR C 302 -35.90 8.21 15.27
CA TYR C 302 -34.76 9.04 14.92
C TYR C 302 -35.21 10.33 14.26
N THR C 303 -34.55 11.42 14.61
CA THR C 303 -34.65 12.68 13.88
C THR C 303 -33.28 12.98 13.29
N PHE C 304 -33.22 13.12 11.97
CA PHE C 304 -32.01 13.49 11.26
C PHE C 304 -32.08 14.97 10.91
N SER C 305 -31.10 15.73 11.39
CA SER C 305 -30.91 17.11 11.00
C SER C 305 -29.91 17.14 9.86
N VAL C 306 -30.35 17.59 8.69
CA VAL C 306 -29.57 17.54 7.46
C VAL C 306 -29.14 18.95 7.09
N LEU C 307 -27.84 19.12 6.87
CA LEU C 307 -27.25 20.37 6.43
C LEU C 307 -26.50 20.12 5.13
N ILE C 308 -26.86 20.86 4.09
CA ILE C 308 -26.16 20.83 2.81
C ILE C 308 -25.46 22.17 2.63
N THR C 309 -24.15 22.13 2.43
CA THR C 309 -23.34 23.33 2.33
C THR C 309 -22.70 23.44 0.95
N PHE C 310 -22.88 24.60 0.33
CA PHE C 310 -22.15 25.03 -0.86
C PHE C 310 -21.19 26.12 -0.39
N ASP C 311 -19.90 25.80 -0.32
CA ASP C 311 -18.93 26.63 0.37
C ASP C 311 -18.13 27.45 -0.63
N ASN C 312 -18.17 28.78 -0.47
CA ASN C 312 -17.44 29.71 -1.33
C ASN C 312 -16.47 30.57 -0.53
N LYS C 313 -16.02 30.08 0.63
CA LYS C 313 -15.17 30.92 1.48
C LYS C 313 -13.83 31.22 0.84
N ALA C 314 -13.36 30.36 -0.08
CA ALA C 314 -12.09 30.59 -0.75
C ALA C 314 -12.20 31.55 -1.93
N HIS C 315 -13.41 31.77 -2.46
CA HIS C 315 -13.62 32.68 -3.59
C HIS C 315 -12.68 32.34 -4.74
N SER C 316 -12.56 31.05 -5.04
CA SER C 316 -11.57 30.55 -5.99
C SER C 316 -12.16 30.08 -7.31
N GLY C 317 -13.47 30.24 -7.52
CA GLY C 317 -14.12 29.68 -8.67
C GLY C 317 -14.53 28.23 -8.53
N ARG C 318 -14.18 27.58 -7.44
CA ARG C 318 -14.58 26.20 -7.15
C ARG C 318 -15.35 26.20 -5.83
N ILE C 319 -16.58 25.73 -5.87
CA ILE C 319 -17.43 25.72 -4.69
C ILE C 319 -17.69 24.27 -4.27
N PRO C 320 -16.99 23.75 -3.26
CA PRO C 320 -17.28 22.39 -2.80
C PRO C 320 -18.66 22.27 -2.17
N ILE C 321 -19.26 21.10 -2.37
CA ILE C 321 -20.62 20.80 -1.93
C ILE C 321 -20.56 19.59 -1.01
N SER C 322 -21.18 19.70 0.16
CA SER C 322 -21.16 18.60 1.13
C SER C 322 -22.52 18.48 1.80
N LEU C 323 -22.77 17.29 2.33
CA LEU C 323 -23.98 16.99 3.10
C LEU C 323 -23.58 16.33 4.40
N GLU C 324 -24.12 16.81 5.52
CA GLU C 324 -23.85 16.24 6.83
C GLU C 324 -25.16 16.06 7.58
N THR C 325 -25.18 15.09 8.49
CA THR C 325 -26.35 14.78 9.29
C THR C 325 -25.99 14.67 10.76
N GLN C 326 -26.95 15.03 11.60
CA GLN C 326 -26.87 14.79 13.04
C GLN C 326 -28.11 14.03 13.47
N ALA C 327 -27.93 12.95 14.21
CA ALA C 327 -29.02 12.06 14.57
C ALA C 327 -29.38 12.24 16.04
N HIS C 328 -30.66 12.40 16.32
CA HIS C 328 -31.18 12.46 17.67
C HIS C 328 -32.14 11.30 17.87
N ILE C 329 -31.90 10.49 18.90
CA ILE C 329 -32.68 9.28 19.18
C ILE C 329 -33.63 9.56 20.33
N GLN C 330 -34.87 9.11 20.19
CA GLN C 330 -35.84 9.23 21.26
C GLN C 330 -36.78 8.04 21.23
N GLU C 331 -37.40 7.78 22.37
CA GLU C 331 -38.41 6.73 22.46
C GLU C 331 -39.68 7.18 21.75
N CYS C 332 -40.31 6.24 21.05
CA CYS C 332 -41.55 6.52 20.35
C CYS C 332 -42.73 6.48 21.33
N LYS C 333 -43.84 7.06 20.91
CA LYS C 333 -45.04 7.16 21.75
C LYS C 333 -45.87 5.90 21.63
N HIS C 334 -46.12 5.24 22.76
CA HIS C 334 -46.95 4.04 22.87
C HIS C 334 -46.84 3.15 21.63
N PRO C 335 -45.67 2.59 21.36
CA PRO C 335 -45.54 1.68 20.22
C PRO C 335 -46.17 0.32 20.52
N SER C 336 -46.39 -0.45 19.45
CA SER C 336 -46.97 -1.77 19.55
C SER C 336 -46.19 -2.75 18.69
N VAL C 337 -45.62 -3.76 19.32
CA VAL C 337 -44.99 -4.88 18.62
C VAL C 337 -45.67 -6.16 19.10
N PHE C 338 -46.27 -6.89 18.16
CA PHE C 338 -46.91 -8.16 18.49
C PHE C 338 -45.88 -9.12 19.06
N GLN C 339 -46.06 -9.51 20.32
CA GLN C 339 -45.07 -10.29 21.07
C GLN C 339 -43.72 -9.56 21.09
N HIS C 340 -43.72 -8.42 21.76
CA HIS C 340 -42.57 -7.51 21.83
C HIS C 340 -41.23 -8.23 21.74
N PHE C 345 -33.72 -11.96 29.69
CA PHE C 345 -32.44 -12.65 29.71
C PHE C 345 -31.28 -11.66 29.83
N ARG C 346 -31.27 -10.67 28.94
CA ARG C 346 -30.16 -9.71 28.93
C ARG C 346 -30.08 -8.95 30.25
N LEU C 347 -31.23 -8.62 30.84
CA LEU C 347 -31.22 -7.97 32.14
C LEU C 347 -30.59 -8.86 33.21
N LEU C 348 -30.97 -10.14 33.22
CA LEU C 348 -30.40 -11.06 34.20
C LEU C 348 -28.91 -11.25 33.95
N PHE C 349 -28.48 -11.31 32.69
CA PHE C 349 -27.06 -11.44 32.40
C PHE C 349 -26.29 -10.21 32.87
N ASP C 350 -26.86 -9.02 32.68
CA ASP C 350 -26.21 -7.82 33.19
C ASP C 350 -26.11 -7.84 34.71
N VAL C 351 -27.17 -8.31 35.38
CA VAL C 351 -27.13 -8.41 36.83
C VAL C 351 -26.06 -9.41 37.27
N VAL C 352 -25.91 -10.51 36.53
CA VAL C 352 -24.87 -11.48 36.84
C VAL C 352 -23.49 -10.87 36.69
N VAL C 353 -23.27 -10.11 35.62
CA VAL C 353 -21.99 -9.43 35.43
C VAL C 353 -21.74 -8.49 36.60
N ILE C 354 -22.77 -7.75 37.02
CA ILE C 354 -22.61 -6.82 38.12
C ILE C 354 -22.24 -7.55 39.41
N LEU C 355 -22.90 -8.68 39.67
CA LEU C 355 -22.58 -9.44 40.88
C LEU C 355 -21.15 -9.96 40.85
N THR C 356 -20.73 -10.50 39.72
CA THR C 356 -19.37 -11.03 39.60
C THR C 356 -18.34 -9.93 39.82
N CYS C 357 -18.56 -8.76 39.19
CA CYS C 357 -17.60 -7.67 39.34
C CYS C 357 -17.62 -7.13 40.77
N SER C 358 -18.79 -7.09 41.41
CA SER C 358 -18.85 -6.62 42.79
C SER C 358 -18.09 -7.55 43.73
N LEU C 359 -18.27 -8.86 43.57
CA LEU C 359 -17.52 -9.80 44.40
C LEU C 359 -16.02 -9.68 44.16
N SER C 360 -15.61 -9.57 42.90
CA SER C 360 -14.20 -9.39 42.60
C SER C 360 -13.66 -8.13 43.25
N PHE C 361 -14.42 -7.03 43.16
CA PHE C 361 -14.00 -5.78 43.77
C PHE C 361 -13.84 -5.93 45.28
N LEU C 362 -14.79 -6.61 45.93
CA LEU C 362 -14.71 -6.77 47.37
C LEU C 362 -13.48 -7.58 47.77
N LEU C 363 -13.22 -8.68 47.06
CA LEU C 363 -12.05 -9.49 47.38
C LEU C 363 -10.76 -8.72 47.16
N CYS C 364 -10.68 -7.96 46.07
CA CYS C 364 -9.46 -7.20 45.80
C CYS C 364 -9.26 -6.09 46.82
N ALA C 365 -10.34 -5.43 47.23
CA ALA C 365 -10.21 -4.40 48.26
C ALA C 365 -9.77 -5.01 49.58
N ARG C 366 -10.29 -6.18 49.93
CA ARG C 366 -9.85 -6.86 51.14
C ARG C 366 -8.36 -7.18 51.07
N SER C 367 -7.90 -7.68 49.93
CA SER C 367 -6.49 -7.98 49.77
C SER C 367 -5.64 -6.71 49.90
N LEU C 368 -6.08 -5.61 49.28
CA LEU C 368 -5.33 -4.37 49.38
C LEU C 368 -5.25 -3.87 50.82
N LEU C 369 -6.36 -3.97 51.56
CA LEU C 369 -6.34 -3.57 52.96
C LEU C 369 -5.40 -4.43 53.78
N ARG C 370 -5.41 -5.75 53.54
CA ARG C 370 -4.50 -6.63 54.26
C ARG C 370 -3.05 -6.27 53.95
N GLY C 371 -2.75 -6.00 52.69
CA GLY C 371 -1.40 -5.58 52.33
C GLY C 371 -1.01 -4.29 53.01
N PHE C 372 -1.93 -3.32 53.09
CA PHE C 372 -1.63 -2.06 53.75
C PHE C 372 -1.35 -2.26 55.24
N LEU C 373 -2.15 -3.09 55.90
CA LEU C 373 -1.90 -3.36 57.31
C LEU C 373 -0.56 -4.03 57.53
N LEU C 374 -0.22 -5.01 56.68
CA LEU C 374 1.06 -5.68 56.81
C LEU C 374 2.21 -4.72 56.56
N GLN C 375 2.04 -3.81 55.59
CA GLN C 375 3.05 -2.80 55.33
C GLN C 375 3.26 -1.91 56.54
N ASN C 376 2.17 -1.47 57.17
CA ASN C 376 2.30 -0.61 58.33
C ASN C 376 3.02 -1.34 59.47
N GLU C 377 2.68 -2.61 59.69
CA GLU C 377 3.35 -3.36 60.74
C GLU C 377 4.83 -3.51 60.45
N PHE C 378 5.19 -3.80 59.19
CA PHE C 378 6.59 -3.96 58.85
C PHE C 378 7.35 -2.64 59.03
N VAL C 379 6.74 -1.52 58.63
CA VAL C 379 7.40 -0.23 58.81
C VAL C 379 7.62 0.05 60.30
N GLY C 380 6.60 -0.23 61.12
CA GLY C 380 6.76 -0.06 62.55
C GLY C 380 7.87 -0.92 63.11
N PHE C 381 7.96 -2.17 62.64
CA PHE C 381 9.05 -3.05 63.08
C PHE C 381 10.40 -2.48 62.70
N MET C 382 10.54 -1.99 61.46
CA MET C 382 11.83 -1.45 61.03
C MET C 382 12.21 -0.21 61.82
N TRP C 383 11.24 0.67 62.10
CA TRP C 383 11.57 1.93 62.77
C TRP C 383 12.18 1.67 64.14
N ARG C 384 11.62 0.73 64.89
CA ARG C 384 12.16 0.38 66.20
C ARG C 384 13.59 -0.14 66.07
N SER C 391 11.63 4.44 53.42
CA SER C 391 11.83 4.41 51.97
C SER C 391 10.52 4.18 51.26
N LEU C 392 10.13 5.12 50.39
CA LEU C 392 8.82 5.03 49.75
C LEU C 392 8.70 3.78 48.90
N TRP C 393 9.76 3.43 48.17
CA TRP C 393 9.72 2.21 47.36
C TRP C 393 9.56 0.98 48.25
N GLU C 394 10.22 0.97 49.40
CA GLU C 394 10.10 -0.17 50.32
C GLU C 394 8.70 -0.31 50.86
N ARG C 395 7.88 0.73 50.79
CA ARG C 395 6.47 0.64 51.17
C ARG C 395 5.60 0.26 49.97
N LEU C 396 5.85 0.88 48.81
CA LEU C 396 5.09 0.53 47.61
C LEU C 396 5.31 -0.92 47.22
N GLU C 397 6.37 -1.56 47.72
CA GLU C 397 6.55 -2.98 47.46
C GLU C 397 5.40 -3.81 48.01
N PHE C 398 4.62 -3.27 48.93
CA PHE C 398 3.48 -3.97 49.50
C PHE C 398 2.19 -3.75 48.70
N VAL C 399 2.22 -2.91 47.67
CA VAL C 399 1.03 -2.60 46.90
C VAL C 399 0.98 -3.52 45.69
N ASN C 400 -0.11 -4.29 45.57
CA ASN C 400 -0.31 -5.17 44.43
C ASN C 400 -0.94 -4.35 43.31
N GLY C 401 -0.13 -3.98 42.32
CA GLY C 401 -0.65 -3.20 41.21
C GLY C 401 -1.69 -3.94 40.40
N TRP C 402 -1.58 -5.27 40.34
CA TRP C 402 -2.56 -6.06 39.61
C TRP C 402 -3.95 -5.87 40.22
N TYR C 403 -4.04 -5.79 41.54
CA TYR C 403 -5.35 -5.62 42.18
C TYR C 403 -5.89 -4.22 41.97
N ILE C 404 -5.02 -3.20 41.90
CA ILE C 404 -5.48 -1.88 41.51
C ILE C 404 -6.07 -1.92 40.11
N LEU C 405 -5.38 -2.59 39.18
CA LEU C 405 -5.92 -2.76 37.84
C LEU C 405 -7.26 -3.47 37.87
N LEU C 406 -7.38 -4.50 38.71
CA LEU C 406 -8.61 -5.28 38.75
C LEU C 406 -9.78 -4.45 39.29
N VAL C 407 -9.54 -3.63 40.32
CA VAL C 407 -10.62 -2.80 40.84
C VAL C 407 -10.99 -1.72 39.83
N THR C 408 -10.01 -1.17 39.12
CA THR C 408 -10.32 -0.23 38.05
C THR C 408 -11.19 -0.89 36.99
N SER C 409 -10.85 -2.12 36.61
CA SER C 409 -11.63 -2.84 35.62
C SER C 409 -13.04 -3.13 36.12
N ASP C 410 -13.18 -3.46 37.40
CA ASP C 410 -14.50 -3.72 37.96
C ASP C 410 -15.35 -2.46 37.96
N VAL C 411 -14.78 -1.32 38.32
CA VAL C 411 -15.52 -0.06 38.28
C VAL C 411 -15.95 0.24 36.85
N LEU C 412 -15.04 0.08 35.90
CA LEU C 412 -15.38 0.33 34.50
C LEU C 412 -16.50 -0.60 34.03
N THR C 413 -16.42 -1.88 34.39
CA THR C 413 -17.43 -2.84 33.95
C THR C 413 -18.78 -2.52 34.54
N ILE C 414 -18.84 -2.18 35.83
CA ILE C 414 -20.12 -1.86 36.46
C ILE C 414 -20.71 -0.60 35.84
N SER C 415 -19.89 0.43 35.62
CA SER C 415 -20.40 1.64 34.99
C SER C 415 -20.93 1.35 33.59
N GLY C 416 -20.20 0.56 32.81
CA GLY C 416 -20.66 0.21 31.48
C GLY C 416 -21.94 -0.59 31.50
N THR C 417 -22.07 -1.50 32.45
CA THR C 417 -23.29 -2.31 32.55
C THR C 417 -24.49 -1.46 32.93
N ILE C 418 -24.29 -0.51 33.85
CA ILE C 418 -25.39 0.39 34.22
C ILE C 418 -25.80 1.23 33.03
N MET C 419 -24.82 1.75 32.28
CA MET C 419 -25.13 2.50 31.07
C MET C 419 -25.88 1.64 30.06
N LYS C 420 -25.46 0.39 29.90
CA LYS C 420 -26.11 -0.50 28.94
C LYS C 420 -27.55 -0.78 29.35
N ILE C 421 -27.79 -0.99 30.64
CA ILE C 421 -29.16 -1.19 31.12
C ILE C 421 -29.99 0.05 30.87
N GLY C 422 -29.42 1.23 31.13
CA GLY C 422 -30.15 2.46 30.88
C GLY C 422 -30.49 2.65 29.41
N ILE C 423 -29.56 2.30 28.52
CA ILE C 423 -29.82 2.41 27.08
C ILE C 423 -30.92 1.44 26.67
N GLU C 424 -30.86 0.20 27.18
CA GLU C 424 -31.89 -0.77 26.85
C GLU C 424 -33.26 -0.33 27.35
N ALA C 425 -33.30 0.31 28.51
CA ALA C 425 -34.55 0.84 29.05
C ALA C 425 -34.99 2.12 28.34
N LYS C 426 -34.17 2.66 27.44
CA LYS C 426 -34.46 3.86 26.67
C LYS C 426 -34.30 5.14 27.49
N ASN C 427 -33.61 5.07 28.63
CA ASN C 427 -33.29 6.27 29.39
C ASN C 427 -32.07 7.00 28.84
N LEU C 428 -31.20 6.30 28.11
CA LEU C 428 -30.00 6.89 27.55
C LEU C 428 -29.83 6.42 26.11
N ALA C 429 -29.01 7.16 25.36
CA ALA C 429 -28.69 6.77 24.00
C ALA C 429 -27.20 6.96 23.69
N SER C 430 -26.34 6.99 24.71
CA SER C 430 -24.90 7.23 24.50
C SER C 430 -24.23 5.88 24.22
N TYR C 431 -24.40 5.42 22.99
CA TYR C 431 -23.84 4.13 22.59
C TYR C 431 -22.31 4.17 22.61
N ASP C 432 -21.72 5.28 22.17
CA ASP C 432 -20.27 5.35 22.04
C ASP C 432 -19.57 5.27 23.40
N VAL C 433 -20.08 6.00 24.39
CA VAL C 433 -19.48 5.97 25.72
C VAL C 433 -19.60 4.56 26.32
N CYS C 434 -20.77 3.96 26.19
CA CYS C 434 -20.96 2.60 26.71
C CYS C 434 -20.00 1.63 26.03
N SER C 435 -19.87 1.73 24.71
CA SER C 435 -18.98 0.82 23.99
C SER C 435 -17.54 1.00 24.44
N ILE C 436 -17.11 2.24 24.64
CA ILE C 436 -15.73 2.48 25.08
C ILE C 436 -15.51 1.90 26.47
N LEU C 437 -16.45 2.15 27.39
CA LEU C 437 -16.30 1.61 28.74
C LEU C 437 -16.21 0.10 28.72
N LEU C 438 -17.14 -0.56 28.03
CA LEU C 438 -17.17 -2.02 28.03
C LEU C 438 -15.96 -2.61 27.32
N GLY C 439 -15.54 -2.02 26.21
CA GLY C 439 -14.38 -2.54 25.51
C GLY C 439 -13.10 -2.41 26.31
N THR C 440 -12.90 -1.24 26.94
CA THR C 440 -11.73 -1.08 27.80
C THR C 440 -11.76 -2.07 28.96
N SER C 441 -12.93 -2.26 29.57
CA SER C 441 -13.02 -3.19 30.68
C SER C 441 -12.74 -4.62 30.22
N THR C 442 -13.20 -4.99 29.03
CA THR C 442 -12.90 -6.32 28.51
C THR C 442 -11.41 -6.51 28.30
N LEU C 443 -10.74 -5.51 27.72
CA LEU C 443 -9.30 -5.59 27.53
C LEU C 443 -8.58 -5.76 28.87
N LEU C 444 -8.97 -4.96 29.87
CA LEU C 444 -8.32 -5.05 31.17
C LEU C 444 -8.59 -6.40 31.84
N VAL C 445 -9.80 -6.93 31.70
CA VAL C 445 -10.12 -8.22 32.27
C VAL C 445 -9.26 -9.31 31.64
N TRP C 446 -9.10 -9.27 30.33
CA TRP C 446 -8.23 -10.25 29.67
C TRP C 446 -6.79 -10.11 30.14
N VAL C 447 -6.32 -8.87 30.31
CA VAL C 447 -4.93 -8.67 30.72
C VAL C 447 -4.72 -9.08 32.17
N GLY C 448 -5.77 -9.04 33.00
CA GLY C 448 -5.61 -9.24 34.43
C GLY C 448 -5.11 -10.61 34.84
N VAL C 449 -5.30 -11.63 34.01
CA VAL C 449 -4.92 -12.98 34.41
C VAL C 449 -3.42 -13.22 34.39
N ILE C 450 -2.64 -12.31 33.78
CA ILE C 450 -1.19 -12.41 33.82
C ILE C 450 -0.67 -12.31 35.25
N ARG C 451 -1.47 -11.75 36.16
CA ARG C 451 -1.09 -11.69 37.56
C ARG C 451 -0.70 -13.05 38.10
N TYR C 452 -1.40 -14.10 37.66
CA TYR C 452 -1.12 -15.44 38.16
C TYR C 452 0.03 -16.11 37.43
N LEU C 453 0.34 -15.69 36.21
CA LEU C 453 1.54 -16.16 35.54
C LEU C 453 2.79 -15.49 36.09
N THR C 454 2.65 -14.34 36.77
CA THR C 454 3.83 -13.66 37.30
C THR C 454 4.60 -14.52 38.30
N PHE C 455 3.99 -15.55 38.88
CA PHE C 455 4.65 -16.33 39.91
C PHE C 455 5.73 -17.25 39.34
N PHE C 456 5.67 -17.58 38.05
CA PHE C 456 6.53 -18.56 37.44
C PHE C 456 7.45 -17.88 36.45
N HIS C 457 8.77 -18.01 36.68
CA HIS C 457 9.74 -17.26 35.89
C HIS C 457 9.66 -17.62 34.41
N ASN C 458 9.50 -18.92 34.11
CA ASN C 458 9.46 -19.34 32.72
C ASN C 458 8.29 -18.74 31.96
N TYR C 459 7.26 -18.26 32.67
CA TYR C 459 6.11 -17.63 32.05
C TYR C 459 6.05 -16.12 32.27
N ASN C 460 7.03 -15.54 32.94
CA ASN C 460 6.99 -14.15 33.36
C ASN C 460 8.06 -13.30 32.68
N ILE C 461 8.48 -13.69 31.47
CA ILE C 461 9.57 -12.98 30.80
C ILE C 461 9.16 -11.56 30.46
N LEU C 462 7.95 -11.39 29.90
CA LEU C 462 7.52 -10.07 29.43
C LEU C 462 7.45 -9.06 30.56
N ILE C 463 6.74 -9.40 31.64
CA ILE C 463 6.57 -8.47 32.75
C ILE C 463 7.91 -8.24 33.45
N ALA C 464 8.67 -9.31 33.68
CA ALA C 464 9.95 -9.17 34.36
C ALA C 464 10.89 -8.27 33.58
N THR C 465 10.89 -8.39 32.26
CA THR C 465 11.76 -7.54 31.45
C THR C 465 11.26 -6.10 31.41
N LEU C 466 9.95 -5.91 31.28
CA LEU C 466 9.41 -4.55 31.25
C LEU C 466 9.72 -3.82 32.55
N ARG C 467 9.61 -4.52 33.69
CA ARG C 467 9.89 -3.86 34.96
C ARG C 467 11.31 -3.30 35.02
N VAL C 468 12.26 -3.99 34.39
CA VAL C 468 13.64 -3.52 34.42
C VAL C 468 13.89 -2.48 33.32
N ALA C 469 13.19 -2.57 32.20
CA ALA C 469 13.48 -1.72 31.06
C ALA C 469 12.80 -0.37 31.14
N LEU C 470 11.63 -0.29 31.79
CA LEU C 470 10.78 0.89 31.66
C LEU C 470 11.46 2.19 32.07
N PRO C 471 12.18 2.27 33.18
CA PRO C 471 12.78 3.58 33.56
C PRO C 471 13.75 4.13 32.51
N SER C 472 14.66 3.30 32.04
CA SER C 472 15.61 3.75 31.02
C SER C 472 14.89 4.09 29.72
N VAL C 473 13.82 3.36 29.39
CA VAL C 473 13.03 3.69 28.20
C VAL C 473 12.40 5.06 28.35
N MET C 474 11.87 5.38 29.53
CA MET C 474 11.27 6.69 29.75
C MET C 474 12.32 7.80 29.63
N ARG C 475 13.50 7.58 30.21
CA ARG C 475 14.55 8.58 30.11
C ARG C 475 14.98 8.78 28.66
N PHE C 476 15.06 7.69 27.88
CA PHE C 476 15.37 7.79 26.45
C PHE C 476 14.30 8.58 25.71
N CYS C 477 13.03 8.31 26.03
CA CYS C 477 11.93 9.03 25.39
C CYS C 477 11.98 10.52 25.69
N CYS C 478 12.48 10.89 26.88
CA CYS C 478 12.62 12.31 27.19
C CYS C 478 13.40 13.04 26.10
N CYS C 479 14.52 12.47 25.70
CA CYS C 479 15.36 13.11 24.68
C CYS C 479 14.77 12.95 23.28
N VAL C 480 14.15 11.79 22.99
CA VAL C 480 13.65 11.58 21.63
C VAL C 480 12.43 12.45 21.34
N ALA C 481 11.62 12.77 22.36
CA ALA C 481 10.35 13.42 22.12
C ALA C 481 10.51 14.83 21.57
N VAL C 482 11.54 15.56 22.01
CA VAL C 482 11.71 16.92 21.52
C VAL C 482 12.07 16.93 20.04
N ILE C 483 12.92 15.99 19.62
CA ILE C 483 13.23 15.85 18.20
C ILE C 483 11.98 15.51 17.41
N TYR C 484 11.20 14.56 17.94
CA TYR C 484 9.99 14.14 17.25
C TYR C 484 9.02 15.30 17.10
N LEU C 485 8.85 16.10 18.15
CA LEU C 485 7.92 17.24 18.09
C LEU C 485 8.43 18.32 17.15
N GLY C 486 9.74 18.57 17.15
CA GLY C 486 10.28 19.51 16.19
C GLY C 486 9.97 19.11 14.76
N TYR C 487 10.18 17.83 14.45
CA TYR C 487 9.85 17.35 13.12
C TYR C 487 8.36 17.47 12.85
N CYS C 488 7.52 17.16 13.84
CA CYS C 488 6.08 17.26 13.64
C CYS C 488 5.66 18.67 13.26
N PHE C 489 6.11 19.67 14.05
CA PHE C 489 5.71 21.04 13.78
C PHE C 489 6.25 21.52 12.44
N CYS C 490 7.54 21.24 12.17
CA CYS C 490 8.13 21.66 10.91
C CYS C 490 7.37 21.08 9.72
N GLY C 491 7.12 19.77 9.73
CA GLY C 491 6.41 19.15 8.64
C GLY C 491 4.99 19.68 8.50
N TRP C 492 4.29 19.81 9.62
CA TRP C 492 2.91 20.28 9.57
C TRP C 492 2.82 21.65 8.92
N ILE C 493 3.71 22.58 9.27
CA ILE C 493 3.56 23.93 8.76
C ILE C 493 4.16 24.08 7.37
N VAL C 494 5.32 23.48 7.10
CA VAL C 494 5.97 23.69 5.82
C VAL C 494 5.35 22.82 4.73
N LEU C 495 5.09 21.54 5.01
CA LEU C 495 4.65 20.61 3.99
C LEU C 495 3.13 20.45 3.93
N GLY C 496 2.40 20.84 4.99
CA GLY C 496 0.97 20.64 5.04
C GLY C 496 0.19 21.20 3.88
N PRO C 497 0.47 22.42 3.44
CA PRO C 497 -0.26 22.96 2.27
C PRO C 497 -0.04 22.16 0.99
N TYR C 498 1.04 21.39 0.89
CA TYR C 498 1.37 20.68 -0.34
C TYR C 498 1.17 19.18 -0.27
N HIS C 499 1.13 18.59 0.92
CA HIS C 499 1.19 17.15 1.10
C HIS C 499 -0.08 16.68 1.81
N VAL C 500 -0.80 15.75 1.19
CA VAL C 500 -2.08 15.31 1.72
C VAL C 500 -1.93 14.64 3.08
N LYS C 501 -0.76 14.09 3.38
CA LYS C 501 -0.52 13.39 4.63
C LYS C 501 -0.02 14.31 5.75
N PHE C 502 0.09 15.61 5.49
CA PHE C 502 0.59 16.56 6.49
C PHE C 502 -0.42 17.66 6.80
N ARG C 503 -1.70 17.43 6.49
CA ARG C 503 -2.69 18.50 6.61
C ARG C 503 -2.84 18.95 8.06
N SER C 504 -2.86 18.02 9.01
CA SER C 504 -3.13 18.32 10.39
C SER C 504 -2.05 17.71 11.27
N LEU C 505 -1.94 18.24 12.49
CA LEU C 505 -0.89 17.79 13.40
C LEU C 505 -1.06 16.31 13.75
N SER C 506 -2.28 15.87 14.02
CA SER C 506 -2.52 14.47 14.32
C SER C 506 -2.17 13.60 13.11
N MET C 507 -2.53 14.06 11.91
CA MET C 507 -2.19 13.32 10.70
C MET C 507 -0.68 13.30 10.49
N VAL C 508 0.01 14.39 10.81
CA VAL C 508 1.47 14.42 10.70
C VAL C 508 2.08 13.40 11.65
N SER C 509 1.58 13.34 12.89
CA SER C 509 2.09 12.37 13.85
C SER C 509 1.87 10.95 13.33
N GLU C 510 0.70 10.68 12.78
CA GLU C 510 0.43 9.36 12.22
C GLU C 510 1.42 9.04 11.09
N CYS C 511 1.65 10.00 10.20
CA CYS C 511 2.54 9.76 9.06
C CYS C 511 3.96 9.48 9.53
N LEU C 512 4.46 10.27 10.48
CA LEU C 512 5.82 10.08 10.96
C LEU C 512 5.96 8.78 11.73
N PHE C 513 4.97 8.45 12.57
CA PHE C 513 5.02 7.20 13.30
C PHE C 513 5.02 6.01 12.35
N SER C 514 4.21 6.07 11.28
CA SER C 514 4.20 5.00 10.30
C SER C 514 5.52 4.92 9.55
N LEU C 515 6.12 6.08 9.22
CA LEU C 515 7.41 6.08 8.53
C LEU C 515 8.49 5.44 9.38
N ILE C 516 8.47 5.68 10.69
CA ILE C 516 9.45 5.05 11.57
C ILE C 516 9.37 3.54 11.45
N ASN C 517 8.16 3.01 11.30
CA ASN C 517 7.94 1.58 11.18
C ASN C 517 8.07 1.08 9.74
N GLY C 518 8.55 1.91 8.83
CA GLY C 518 8.79 1.51 7.46
C GLY C 518 7.58 1.53 6.56
N ASP C 519 6.46 2.08 7.00
CA ASP C 519 5.19 1.95 6.29
C ASP C 519 4.91 3.17 5.43
N ASP C 520 4.52 2.94 4.18
CA ASP C 520 3.99 3.97 3.29
C ASP C 520 5.07 4.95 2.83
N MET C 521 6.32 4.50 2.78
CA MET C 521 7.44 5.40 2.50
C MET C 521 7.38 5.97 1.09
N PHE C 522 7.25 5.11 0.08
CA PHE C 522 7.38 5.57 -1.29
C PHE C 522 6.24 6.51 -1.67
N VAL C 523 5.03 6.24 -1.19
CA VAL C 523 3.92 7.13 -1.49
C VAL C 523 4.12 8.49 -0.83
N THR C 524 4.72 8.51 0.36
CA THR C 524 5.06 9.77 1.00
C THR C 524 6.04 10.56 0.14
N PHE C 525 7.07 9.89 -0.38
CA PHE C 525 7.99 10.57 -1.29
C PHE C 525 7.29 11.04 -2.56
N ALA C 526 6.39 10.22 -3.09
CA ALA C 526 5.80 10.47 -4.39
C ALA C 526 4.77 11.59 -4.36
N ALA C 527 4.12 11.81 -3.22
CA ALA C 527 3.16 12.89 -3.12
C ALA C 527 3.79 14.25 -3.42
N MET C 528 5.12 14.36 -3.26
CA MET C 528 5.82 15.61 -3.52
C MET C 528 6.33 15.74 -4.96
N GLN C 529 6.30 14.67 -5.75
CA GLN C 529 6.86 14.73 -7.09
C GLN C 529 6.14 15.77 -7.95
N ALA C 530 4.88 16.07 -7.64
CA ALA C 530 4.16 17.09 -8.40
C ALA C 530 4.78 18.47 -8.22
N GLN C 531 5.40 18.73 -7.06
CA GLN C 531 5.98 20.03 -6.80
C GLN C 531 7.39 20.20 -7.37
N GLN C 532 7.99 19.12 -7.87
CA GLN C 532 9.36 19.24 -8.38
C GLN C 532 9.45 20.22 -9.53
N GLY C 533 8.35 20.43 -10.25
CA GLY C 533 8.32 21.39 -11.35
C GLY C 533 7.70 22.71 -10.97
N ARG C 534 6.78 22.69 -10.00
CA ARG C 534 6.08 23.91 -9.61
C ARG C 534 6.86 24.68 -8.54
N SER C 535 7.14 24.03 -7.41
CA SER C 535 7.83 24.64 -6.28
C SER C 535 9.08 23.80 -6.00
N SER C 536 10.17 24.14 -6.69
CA SER C 536 11.38 23.34 -6.59
C SER C 536 12.01 23.44 -5.20
N LEU C 537 11.97 24.63 -4.60
CA LEU C 537 12.57 24.79 -3.28
C LEU C 537 11.84 23.96 -2.23
N VAL C 538 10.51 23.96 -2.27
CA VAL C 538 9.74 23.15 -1.34
C VAL C 538 10.02 21.67 -1.57
N TRP C 539 10.13 21.26 -2.83
CA TRP C 539 10.42 19.86 -3.13
C TRP C 539 11.79 19.44 -2.59
N LEU C 540 12.80 20.29 -2.78
CA LEU C 540 14.12 19.99 -2.24
C LEU C 540 14.09 19.91 -0.71
N PHE C 541 13.38 20.83 -0.08
CA PHE C 541 13.26 20.79 1.37
C PHE C 541 12.59 19.49 1.81
N SER C 542 11.54 19.08 1.11
CA SER C 542 10.86 17.84 1.48
C SER C 542 11.77 16.64 1.34
N GLN C 543 12.60 16.63 0.29
CA GLN C 543 13.59 15.56 0.14
C GLN C 543 14.50 15.49 1.37
N LEU C 544 15.09 16.63 1.73
CA LEU C 544 16.01 16.64 2.88
C LEU C 544 15.28 16.23 4.15
N TYR C 545 14.07 16.75 4.34
CA TYR C 545 13.29 16.48 5.55
C TYR C 545 13.01 14.98 5.68
N LEU C 546 12.47 14.36 4.63
CA LEU C 546 12.10 12.96 4.72
C LEU C 546 13.32 12.07 4.86
N TYR C 547 14.37 12.30 4.06
CA TYR C 547 15.55 11.46 4.17
C TYR C 547 16.17 11.55 5.55
N SER C 548 16.33 12.77 6.09
CA SER C 548 16.94 12.92 7.39
C SER C 548 16.09 12.27 8.48
N PHE C 549 14.77 12.49 8.46
CA PHE C 549 13.93 11.90 9.48
C PHE C 549 14.02 10.38 9.45
N ILE C 550 13.85 9.78 8.27
CA ILE C 550 13.83 8.33 8.18
C ILE C 550 15.18 7.76 8.64
N SER C 551 16.28 8.30 8.13
CA SER C 551 17.58 7.77 8.50
C SER C 551 17.79 7.86 10.01
N LEU C 552 17.60 9.06 10.58
CA LEU C 552 17.84 9.26 12.00
C LEU C 552 17.00 8.31 12.84
N PHE C 553 15.70 8.23 12.56
CA PHE C 553 14.82 7.52 13.48
C PHE C 553 14.88 6.01 13.30
N ILE C 554 14.89 5.52 12.06
CA ILE C 554 14.94 4.08 11.88
C ILE C 554 16.30 3.51 12.28
N TYR C 555 17.39 4.15 11.87
CA TYR C 555 18.67 3.50 12.02
C TYR C 555 19.37 3.82 13.34
N MET C 556 19.13 4.99 13.93
CA MET C 556 19.78 5.34 15.19
C MET C 556 18.84 5.20 16.39
N VAL C 557 17.69 5.89 16.36
CA VAL C 557 16.85 5.95 17.55
C VAL C 557 16.24 4.59 17.85
N LEU C 558 15.57 3.99 16.87
CA LEU C 558 14.87 2.73 17.10
C LEU C 558 15.85 1.63 17.47
N SER C 559 17.03 1.62 16.86
CA SER C 559 18.04 0.62 17.19
C SER C 559 18.41 0.69 18.67
N LEU C 560 18.63 1.89 19.19
CA LEU C 560 18.98 2.04 20.59
C LEU C 560 17.82 1.69 21.51
N PHE C 561 16.59 2.00 21.09
CA PHE C 561 15.42 1.59 21.87
C PHE C 561 15.37 0.08 22.03
N ILE C 562 15.49 -0.64 20.91
CA ILE C 562 15.48 -2.09 20.96
C ILE C 562 16.66 -2.61 21.77
N ALA C 563 17.81 -1.94 21.66
CA ALA C 563 18.98 -2.36 22.43
C ALA C 563 18.71 -2.23 23.92
N LEU C 564 18.04 -1.17 24.34
CA LEU C 564 17.68 -1.02 25.75
C LEU C 564 16.79 -2.18 26.20
N ILE C 565 15.78 -2.50 25.41
CA ILE C 565 14.85 -3.56 25.81
C ILE C 565 15.58 -4.91 25.87
N THR C 566 16.39 -5.22 24.87
CA THR C 566 17.08 -6.52 24.86
C THR C 566 18.16 -6.59 25.92
N GLY C 567 18.79 -5.45 26.28
CA GLY C 567 19.72 -5.45 27.39
C GLY C 567 19.03 -5.70 28.71
N ALA C 568 17.84 -5.12 28.90
CA ALA C 568 17.07 -5.44 30.10
C ALA C 568 16.74 -6.93 30.15
N TYR C 569 16.32 -7.50 29.02
CA TYR C 569 16.06 -8.94 28.99
C TYR C 569 17.33 -9.73 29.34
N ASP C 570 18.47 -9.36 28.78
CA ASP C 570 19.72 -10.02 29.11
C ASP C 570 19.98 -9.95 30.60
N THR C 571 19.60 -8.84 31.23
CA THR C 571 19.78 -8.72 32.68
C THR C 571 18.88 -9.69 33.42
N ILE C 572 17.58 -9.71 33.10
CA ILE C 572 16.65 -10.57 33.84
C ILE C 572 16.76 -12.03 33.47
N LYS C 573 17.62 -12.39 32.52
CA LYS C 573 17.79 -13.77 32.11
C LYS C 573 19.20 -14.24 32.45
N GLU D 87 47.67 25.68 38.46
CA GLU D 87 47.07 26.14 39.71
C GLU D 87 45.60 26.50 39.51
N ASP D 88 45.30 27.78 39.31
CA ASP D 88 43.93 28.20 39.06
C ASP D 88 43.40 27.67 37.74
N LEU D 89 44.28 27.29 36.81
CA LEU D 89 43.82 26.84 35.51
C LEU D 89 42.97 25.58 35.62
N ARG D 90 43.37 24.64 36.48
CA ARG D 90 42.61 23.41 36.65
C ARG D 90 41.20 23.71 37.12
N ARG D 91 41.07 24.57 38.14
CA ARG D 91 39.76 24.92 38.66
C ARG D 91 38.94 25.67 37.62
N ARG D 92 39.59 26.55 36.85
CA ARG D 92 38.87 27.29 35.82
C ARG D 92 38.31 26.36 34.76
N LEU D 93 39.12 25.40 34.31
CA LEU D 93 38.62 24.44 33.31
C LEU D 93 37.50 23.58 33.89
N LYS D 94 37.68 23.10 35.11
CA LYS D 94 36.65 22.27 35.74
C LYS D 94 35.33 23.03 35.83
N TYR D 95 35.39 24.31 36.20
CA TYR D 95 34.18 25.12 36.21
C TYR D 95 33.62 25.29 34.80
N PHE D 96 34.50 25.50 33.83
CA PHE D 96 34.06 25.70 32.45
C PHE D 96 33.31 24.51 31.91
N PHE D 97 33.58 23.30 32.41
CA PHE D 97 32.91 22.10 31.92
C PHE D 97 31.82 21.60 32.87
N MET D 98 31.29 22.46 33.73
CA MET D 98 30.28 22.02 34.69
C MET D 98 28.86 22.26 34.15
N SER D 99 27.89 21.64 34.80
CA SER D 99 26.49 21.75 34.42
C SER D 99 25.88 23.01 35.00
N PRO D 100 24.71 23.42 34.49
CA PRO D 100 24.06 24.62 35.04
C PRO D 100 23.82 24.54 36.54
N CYS D 101 23.35 23.40 37.04
CA CYS D 101 23.15 23.25 38.48
C CYS D 101 24.49 23.31 39.21
N ASP D 102 25.52 22.67 38.66
CA ASP D 102 26.83 22.72 39.28
C ASP D 102 27.38 24.13 39.31
N LYS D 103 27.19 24.90 38.24
CA LYS D 103 27.68 26.27 38.20
C LYS D 103 26.89 27.15 39.18
N PHE D 104 25.58 26.89 39.30
CA PHE D 104 24.79 27.62 40.29
C PHE D 104 25.29 27.32 41.70
N ARG D 105 25.62 26.05 41.98
CA ARG D 105 26.19 25.72 43.27
C ARG D 105 27.52 26.41 43.49
N ALA D 106 28.36 26.46 42.45
CA ALA D 106 29.71 26.99 42.60
C ALA D 106 29.69 28.51 42.81
N LYS D 107 29.19 29.25 41.82
CA LYS D 107 29.25 30.71 41.84
C LYS D 107 27.89 31.36 41.81
N GLY D 108 26.83 30.61 42.14
CA GLY D 108 25.50 31.20 42.20
C GLY D 108 25.04 31.82 40.90
N ARG D 109 25.39 31.19 39.77
CA ARG D 109 25.03 31.73 38.47
C ARG D 109 23.61 31.32 38.10
N LYS D 110 22.80 32.30 37.73
CA LYS D 110 21.43 32.03 37.33
C LYS D 110 21.40 31.53 35.87
N PRO D 111 20.72 30.42 35.59
CA PRO D 111 20.73 29.87 34.22
C PRO D 111 19.76 30.57 33.28
N CYS D 112 20.18 31.75 32.80
CA CYS D 112 19.29 32.51 31.92
C CYS D 112 19.23 31.90 30.52
N LYS D 113 20.29 31.22 30.09
CA LYS D 113 20.27 30.62 28.76
C LYS D 113 19.22 29.52 28.67
N LEU D 114 19.05 28.73 29.73
CA LEU D 114 18.07 27.65 29.71
C LEU D 114 16.63 28.20 29.65
N MET D 115 16.33 29.18 30.50
CA MET D 115 14.99 29.77 30.46
C MET D 115 14.76 30.48 29.12
N LEU D 116 15.80 31.08 28.56
CA LEU D 116 15.70 31.65 27.23
C LEU D 116 15.36 30.58 26.20
N GLN D 117 15.99 29.40 26.32
CA GLN D 117 15.69 28.31 25.39
C GLN D 117 14.24 27.88 25.49
N VAL D 118 13.71 27.79 26.70
CA VAL D 118 12.31 27.39 26.87
C VAL D 118 11.39 28.44 26.25
N VAL D 119 11.65 29.71 26.57
CA VAL D 119 10.85 30.80 25.99
C VAL D 119 10.94 30.77 24.48
N LYS D 120 12.13 30.49 23.95
CA LYS D 120 12.33 30.45 22.51
C LYS D 120 11.50 29.35 21.88
N ILE D 121 11.51 28.16 22.49
CA ILE D 121 10.68 27.08 21.95
C ILE D 121 9.24 27.54 21.85
N LEU D 122 8.71 28.08 22.95
CA LEU D 122 7.31 28.51 22.94
C LEU D 122 7.04 29.53 21.84
N VAL D 123 7.80 30.62 21.82
CA VAL D 123 7.47 31.75 20.96
C VAL D 123 7.73 31.40 19.50
N VAL D 124 8.82 30.68 19.21
CA VAL D 124 9.12 30.32 17.83
C VAL D 124 8.07 29.37 17.27
N THR D 125 7.62 28.40 18.08
CA THR D 125 6.56 27.51 17.60
C THR D 125 5.28 28.29 17.33
N VAL D 126 4.92 29.20 18.24
CA VAL D 126 3.70 29.98 18.04
C VAL D 126 3.81 30.83 16.78
N GLN D 127 4.96 31.45 16.56
CA GLN D 127 5.16 32.26 15.37
C GLN D 127 5.04 31.40 14.11
N LEU D 128 5.59 30.19 14.14
CA LEU D 128 5.48 29.29 12.99
C LEU D 128 4.02 29.01 12.66
N ILE D 129 3.22 28.70 13.68
CA ILE D 129 1.81 28.39 13.43
C ILE D 129 1.07 29.62 12.88
N LEU D 130 1.33 30.78 13.47
CA LEU D 130 0.67 32.00 13.03
C LEU D 130 1.01 32.30 11.58
N PHE D 131 2.27 32.13 11.20
CA PHE D 131 2.65 32.29 9.79
C PHE D 131 1.96 31.25 8.91
N GLY D 132 1.86 30.01 9.40
CA GLY D 132 1.24 28.96 8.63
C GLY D 132 -0.17 29.30 8.22
N LEU D 133 -0.89 30.05 9.05
CA LEU D 133 -2.24 30.46 8.64
C LEU D 133 -2.23 31.17 7.29
N SER D 134 -1.42 32.22 7.15
CA SER D 134 -1.40 32.99 5.91
C SER D 134 -0.76 32.20 4.76
N ASN D 135 0.25 31.39 5.08
CA ASN D 135 0.86 30.54 4.05
C ASN D 135 -0.18 29.61 3.44
N GLN D 136 -0.99 28.99 4.30
CA GLN D 136 -2.07 28.12 3.82
C GLN D 136 -3.06 28.90 2.97
N LEU D 137 -3.41 30.11 3.39
CA LEU D 137 -4.35 30.90 2.59
C LEU D 137 -3.81 31.10 1.17
N ALA D 138 -2.55 31.49 1.04
CA ALA D 138 -1.98 31.75 -0.28
C ALA D 138 -1.95 30.47 -1.14
N VAL D 139 -1.44 29.38 -0.56
CA VAL D 139 -1.30 28.14 -1.34
C VAL D 139 -2.67 27.65 -1.79
N THR D 140 -3.66 27.70 -0.88
CA THR D 140 -5.00 27.25 -1.23
C THR D 140 -5.58 28.09 -2.35
N PHE D 141 -5.42 29.41 -2.30
CA PHE D 141 -5.93 30.24 -3.38
C PHE D 141 -5.36 29.79 -4.72
N ARG D 142 -4.04 29.64 -4.78
CA ARG D 142 -3.41 29.25 -6.05
C ARG D 142 -3.97 27.91 -6.56
N GLU D 143 -3.97 26.89 -5.68
CA GLU D 143 -4.33 25.55 -6.13
C GLU D 143 -5.81 25.45 -6.50
N GLU D 144 -6.69 26.06 -5.70
CA GLU D 144 -8.12 25.98 -6.00
C GLU D 144 -8.43 26.69 -7.31
N ASN D 145 -7.80 27.85 -7.56
CA ASN D 145 -8.01 28.53 -8.83
C ASN D 145 -7.54 27.65 -9.99
N THR D 146 -6.40 26.97 -9.84
CA THR D 146 -5.92 26.11 -10.92
C THR D 146 -6.89 24.97 -11.20
N ILE D 147 -7.43 24.34 -10.15
CA ILE D 147 -8.39 23.27 -10.36
C ILE D 147 -9.64 23.79 -11.07
N ALA D 148 -10.12 24.97 -10.65
CA ALA D 148 -11.27 25.56 -11.32
C ALA D 148 -10.98 25.83 -12.80
N PHE D 149 -9.77 26.29 -13.11
CA PHE D 149 -9.41 26.52 -14.50
C PHE D 149 -9.43 25.21 -15.30
N ARG D 150 -8.90 24.14 -14.72
CA ARG D 150 -8.95 22.86 -15.41
C ARG D 150 -10.38 22.44 -15.71
N HIS D 151 -11.29 22.62 -14.75
CA HIS D 151 -12.68 22.25 -15.00
C HIS D 151 -13.36 23.19 -15.99
N LEU D 152 -12.95 24.46 -16.05
CA LEU D 152 -13.59 25.41 -16.95
C LEU D 152 -13.13 25.26 -18.39
N PHE D 153 -11.83 25.02 -18.62
CA PHE D 153 -11.25 25.18 -19.94
C PHE D 153 -10.93 23.87 -20.65
N LEU D 154 -10.90 22.74 -19.95
CA LEU D 154 -10.57 21.46 -20.55
C LEU D 154 -11.85 20.66 -20.80
N LEU D 155 -12.15 20.39 -22.05
CA LEU D 155 -13.39 19.72 -22.43
C LEU D 155 -13.39 18.28 -21.93
N GLY D 156 -14.39 17.94 -21.12
CA GLY D 156 -14.51 16.59 -20.61
C GLY D 156 -13.53 16.22 -19.54
N TYR D 157 -12.91 17.21 -18.89
CA TYR D 157 -11.96 16.93 -17.82
C TYR D 157 -12.69 16.45 -16.57
N SER D 158 -12.04 15.54 -15.83
CA SER D 158 -12.55 15.08 -14.55
C SER D 158 -11.37 14.91 -13.60
N ASP D 159 -11.66 15.00 -12.30
CA ASP D 159 -10.61 14.94 -11.29
C ASP D 159 -9.88 13.61 -11.36
N GLY D 160 -8.56 13.67 -11.21
CA GLY D 160 -7.73 12.48 -11.26
C GLY D 160 -7.32 12.03 -12.63
N ALA D 161 -7.69 12.76 -13.69
CA ALA D 161 -7.39 12.38 -15.05
C ALA D 161 -6.19 13.12 -15.62
N ASP D 162 -5.44 13.84 -14.79
CA ASP D 162 -4.39 14.72 -15.30
C ASP D 162 -3.35 13.94 -16.09
N ASP D 163 -2.97 12.75 -15.60
CA ASP D 163 -1.85 12.03 -16.21
C ASP D 163 -2.21 11.38 -17.54
N THR D 164 -3.49 11.05 -17.77
CA THR D 164 -3.91 10.37 -18.98
C THR D 164 -4.71 11.24 -19.94
N PHE D 165 -5.11 12.44 -19.52
CA PHE D 165 -5.94 13.30 -20.35
C PHE D 165 -5.27 13.57 -21.70
N ALA D 166 -5.95 13.18 -22.79
CA ALA D 166 -5.34 13.28 -24.11
C ALA D 166 -6.42 13.24 -25.17
N ALA D 167 -6.07 13.72 -26.36
CA ALA D 167 -6.91 13.60 -27.55
C ALA D 167 -6.37 12.51 -28.46
N TYR D 168 -7.28 11.94 -29.25
CA TYR D 168 -6.92 10.81 -30.13
C TYR D 168 -7.45 10.94 -31.55
N THR D 169 -8.32 11.91 -31.84
CA THR D 169 -8.79 12.16 -33.19
C THR D 169 -8.67 13.64 -33.49
N ARG D 170 -8.62 13.97 -34.78
CA ARG D 170 -8.56 15.37 -35.18
C ARG D 170 -9.77 16.15 -34.68
N GLU D 171 -10.93 15.52 -34.72
CA GLU D 171 -12.16 16.17 -34.27
C GLU D 171 -12.11 16.45 -32.78
N GLN D 172 -11.62 15.50 -31.99
CA GLN D 172 -11.46 15.72 -30.55
C GLN D 172 -10.55 16.91 -30.27
N LEU D 173 -9.43 17.00 -30.99
CA LEU D 173 -8.47 18.08 -30.75
C LEU D 173 -9.08 19.43 -31.11
N TYR D 174 -9.75 19.51 -32.26
CA TYR D 174 -10.40 20.76 -32.64
C TYR D 174 -11.45 21.15 -31.61
N GLN D 175 -12.24 20.19 -31.14
CA GLN D 175 -13.27 20.49 -30.16
C GLN D 175 -12.65 20.99 -28.86
N ALA D 176 -11.54 20.38 -28.42
CA ALA D 176 -10.89 20.83 -27.19
C ALA D 176 -10.38 22.27 -27.33
N ILE D 177 -9.73 22.57 -28.45
CA ILE D 177 -9.18 23.92 -28.66
C ILE D 177 -10.30 24.95 -28.66
N PHE D 178 -11.35 24.69 -29.44
CA PHE D 178 -12.45 25.64 -29.54
C PHE D 178 -13.20 25.76 -28.22
N HIS D 179 -13.32 24.66 -27.46
CA HIS D 179 -13.96 24.75 -26.16
C HIS D 179 -13.17 25.65 -25.22
N ALA D 180 -11.85 25.51 -25.20
CA ALA D 180 -11.03 26.37 -24.34
C ALA D 180 -11.22 27.84 -24.71
N VAL D 181 -11.16 28.16 -26.01
CA VAL D 181 -11.30 29.56 -26.40
C VAL D 181 -12.70 30.09 -26.10
N ASP D 182 -13.73 29.29 -26.38
CA ASP D 182 -15.10 29.73 -26.14
C ASP D 182 -15.34 29.97 -24.64
N GLN D 183 -14.81 29.09 -23.79
CA GLN D 183 -14.95 29.28 -22.36
C GLN D 183 -14.21 30.53 -21.90
N TYR D 184 -13.03 30.79 -22.47
CA TYR D 184 -12.33 32.03 -22.14
C TYR D 184 -13.20 33.24 -22.49
N LEU D 185 -13.89 33.19 -23.63
CA LEU D 185 -14.71 34.33 -24.02
C LEU D 185 -16.00 34.42 -23.19
N ALA D 186 -16.50 33.30 -22.69
CA ALA D 186 -17.73 33.28 -21.92
C ALA D 186 -17.51 33.43 -20.42
N LEU D 187 -16.26 33.49 -19.97
CA LEU D 187 -15.94 33.46 -18.54
C LEU D 187 -16.78 34.40 -17.68
N PRO D 188 -17.01 35.66 -18.05
CA PRO D 188 -17.78 36.55 -17.15
C PRO D 188 -19.17 36.05 -16.84
N ASP D 189 -19.80 35.30 -17.75
CA ASP D 189 -21.19 34.89 -17.56
C ASP D 189 -21.35 33.54 -16.89
N VAL D 190 -20.31 32.70 -16.86
CA VAL D 190 -20.48 31.33 -16.43
C VAL D 190 -19.69 31.04 -15.16
N SER D 191 -18.58 31.75 -14.96
CA SER D 191 -17.67 31.41 -13.87
C SER D 191 -18.23 31.83 -12.51
N LEU D 192 -17.94 31.00 -11.51
CA LEU D 192 -18.27 31.34 -10.13
C LEU D 192 -17.31 32.35 -9.53
N GLY D 193 -16.07 32.43 -10.03
CA GLY D 193 -15.14 33.45 -9.59
C GLY D 193 -15.28 34.72 -10.40
N ARG D 194 -14.68 35.78 -9.87
CA ARG D 194 -14.65 37.09 -10.55
C ARG D 194 -13.24 37.31 -11.08
N TYR D 195 -13.13 37.38 -12.41
CA TYR D 195 -11.85 37.51 -13.07
C TYR D 195 -11.85 38.72 -13.99
N ALA D 196 -10.70 39.35 -14.11
CA ALA D 196 -10.50 40.45 -15.05
C ALA D 196 -9.51 40.01 -16.13
N TYR D 197 -9.73 40.51 -17.34
CA TYR D 197 -8.86 40.20 -18.46
C TYR D 197 -7.61 41.06 -18.44
N VAL D 198 -6.53 40.52 -18.99
CA VAL D 198 -5.28 41.24 -19.20
C VAL D 198 -5.02 41.29 -20.70
N ARG D 199 -4.64 42.47 -21.19
CA ARG D 199 -4.40 42.68 -22.61
C ARG D 199 -2.97 43.15 -22.84
N GLY D 200 -2.49 42.93 -24.06
CA GLY D 200 -1.21 43.48 -24.46
C GLY D 200 -0.06 42.88 -23.67
N GLY D 201 0.94 43.72 -23.40
CA GLY D 201 2.16 43.26 -22.79
C GLY D 201 3.09 42.65 -23.83
N GLY D 202 4.07 41.90 -23.34
CA GLY D 202 5.03 41.27 -24.23
C GLY D 202 4.42 40.16 -25.06
N ASP D 203 5.26 39.32 -25.65
CA ASP D 203 4.78 38.18 -26.39
C ASP D 203 4.24 37.12 -25.45
N PRO D 204 3.36 36.23 -25.93
CA PRO D 204 2.90 36.07 -27.31
C PRO D 204 1.73 36.98 -27.68
N TRP D 205 1.33 37.91 -26.81
CA TRP D 205 0.16 38.74 -27.06
C TRP D 205 0.56 40.01 -27.79
N THR D 206 -0.18 40.34 -28.84
CA THR D 206 -0.07 41.66 -29.44
C THR D 206 -0.85 42.66 -28.59
N ASN D 207 -0.66 43.94 -28.90
CA ASN D 207 -1.35 44.98 -28.14
C ASN D 207 -2.86 44.81 -28.30
N GLY D 208 -3.57 44.86 -27.19
CA GLY D 208 -5.01 44.70 -27.20
C GLY D 208 -5.51 43.27 -27.18
N SER D 209 -4.62 42.29 -27.27
CA SER D 209 -5.01 40.89 -27.34
C SER D 209 -4.95 40.25 -25.97
N GLY D 210 -5.96 39.45 -25.65
CA GLY D 210 -6.02 38.78 -24.37
C GLY D 210 -5.61 37.32 -24.43
N LEU D 211 -5.87 36.65 -25.55
CA LEU D 211 -5.58 35.24 -25.69
C LEU D 211 -4.74 35.00 -26.94
N ALA D 212 -3.69 34.19 -26.80
CA ALA D 212 -2.84 33.82 -27.92
C ALA D 212 -2.99 32.33 -28.18
N LEU D 213 -3.35 31.97 -29.41
CA LEU D 213 -3.54 30.57 -29.80
C LEU D 213 -2.47 30.26 -30.87
N CYS D 214 -1.44 29.51 -30.49
CA CYS D 214 -0.28 29.31 -31.34
C CYS D 214 -0.04 27.83 -31.65
N GLN D 215 0.17 27.54 -32.93
CA GLN D 215 0.60 26.23 -33.39
C GLN D 215 2.03 26.31 -33.91
N ARG D 216 2.83 25.33 -33.51
CA ARG D 216 4.23 25.24 -33.86
C ARG D 216 4.46 23.96 -34.65
N TYR D 217 5.08 24.10 -35.82
CA TYR D 217 5.27 22.99 -36.75
C TYR D 217 6.58 23.13 -37.50
N TYR D 218 7.01 22.06 -38.16
CA TYR D 218 8.26 22.08 -38.89
C TYR D 218 8.17 23.00 -40.11
N HIS D 219 9.26 23.70 -40.40
CA HIS D 219 9.29 24.61 -41.53
C HIS D 219 8.95 23.89 -42.83
N ARG D 220 9.61 22.76 -43.09
CA ARG D 220 9.26 21.89 -44.20
C ARG D 220 9.10 20.48 -43.65
N GLY D 221 7.90 19.93 -43.78
CA GLY D 221 7.73 18.52 -43.48
C GLY D 221 6.97 17.77 -44.56
N HIS D 222 7.65 16.84 -45.22
N HIS D 222 7.64 16.84 -45.22
CA HIS D 222 7.01 15.92 -46.16
CA HIS D 222 7.01 15.92 -46.16
C HIS D 222 7.23 14.52 -45.61
C HIS D 222 7.23 14.52 -45.63
N VAL D 223 6.16 13.88 -45.18
CA VAL D 223 6.24 12.58 -44.52
C VAL D 223 5.48 11.57 -45.36
N ASP D 224 6.16 10.51 -45.80
CA ASP D 224 5.59 9.54 -46.72
C ASP D 224 5.94 8.14 -46.23
N PRO D 225 5.25 7.67 -45.18
CA PRO D 225 5.50 6.30 -44.72
C PRO D 225 5.18 5.23 -45.75
N ALA D 226 4.26 5.52 -46.68
CA ALA D 226 3.93 4.55 -47.72
C ALA D 226 5.15 4.24 -48.57
N ASN D 227 5.93 5.26 -48.93
CA ASN D 227 7.15 5.09 -49.70
C ASN D 227 8.40 5.05 -48.83
N ASP D 228 8.24 5.04 -47.50
CA ASP D 228 9.36 4.96 -46.57
C ASP D 228 10.31 6.15 -46.74
N THR D 229 9.76 7.34 -46.91
CA THR D 229 10.58 8.51 -47.20
C THR D 229 10.11 9.70 -46.38
N PHE D 230 11.01 10.66 -46.20
CA PHE D 230 10.63 11.94 -45.63
C PHE D 230 11.66 12.99 -46.02
N ASP D 231 11.21 14.24 -45.96
CA ASP D 231 12.01 15.41 -46.28
C ASP D 231 11.66 16.47 -45.26
N ILE D 232 12.55 16.73 -44.31
CA ILE D 232 12.26 17.56 -43.15
C ILE D 232 13.33 18.63 -43.03
N ASP D 233 12.87 19.87 -42.83
CA ASP D 233 13.68 20.95 -42.26
C ASP D 233 13.19 21.16 -40.83
N PRO D 234 13.93 20.69 -39.82
CA PRO D 234 13.36 20.66 -38.46
C PRO D 234 13.18 22.03 -37.81
N MET D 235 13.49 23.12 -38.49
CA MET D 235 13.30 24.45 -37.91
C MET D 235 11.82 24.68 -37.61
N VAL D 236 11.54 25.17 -36.41
CA VAL D 236 10.17 25.31 -35.92
C VAL D 236 9.63 26.67 -36.33
N VAL D 237 8.45 26.67 -36.95
CA VAL D 237 7.71 27.87 -37.30
C VAL D 237 6.53 27.98 -36.35
N THR D 238 6.33 29.16 -35.78
CA THR D 238 5.22 29.46 -34.90
C THR D 238 4.24 30.37 -35.64
N ASP D 239 2.99 29.95 -35.71
CA ASP D 239 1.92 30.77 -36.28
C ASP D 239 0.82 30.89 -35.24
N CYS D 240 0.33 32.10 -34.99
CA CYS D 240 -0.78 32.19 -34.07
C CYS D 240 -1.74 33.35 -34.24
N ILE D 241 -2.89 33.13 -33.64
CA ILE D 241 -4.07 33.97 -33.75
C ILE D 241 -4.26 34.68 -32.42
N GLN D 242 -4.59 35.96 -32.49
CA GLN D 242 -4.84 36.79 -31.32
C GLN D 242 -6.35 36.94 -31.16
N VAL D 243 -6.82 36.73 -29.93
CA VAL D 243 -8.23 36.85 -29.60
C VAL D 243 -8.35 37.96 -28.56
N ASP D 244 -9.15 38.97 -28.89
CA ASP D 244 -9.46 40.03 -27.94
C ASP D 244 -10.57 39.57 -26.99
N PRO D 245 -10.47 39.85 -25.71
CA PRO D 245 -11.55 39.48 -24.78
C PRO D 245 -12.82 40.25 -25.11
N PRO D 246 -13.98 39.73 -24.73
CA PRO D 246 -15.26 40.35 -25.08
C PRO D 246 -15.45 41.73 -24.46
N SER D 265 -12.67 34.15 -35.89
CA SER D 265 -11.42 34.15 -36.65
C SER D 265 -10.52 33.02 -36.17
N TYR D 266 -10.51 32.77 -34.86
CA TYR D 266 -9.85 31.59 -34.33
C TYR D 266 -10.55 30.31 -34.78
N LYS D 267 -11.82 30.40 -35.16
CA LYS D 267 -12.55 29.24 -35.65
C LYS D 267 -12.06 28.76 -37.01
N ASN D 268 -11.28 29.56 -37.72
CA ASN D 268 -10.72 29.19 -39.00
C ASN D 268 -9.38 28.48 -38.87
N LEU D 269 -8.96 28.16 -37.65
CA LEU D 269 -7.69 27.48 -37.44
C LEU D 269 -7.63 26.19 -38.26
N THR D 270 -6.51 26.00 -38.95
CA THR D 270 -6.24 24.79 -39.71
C THR D 270 -4.91 24.21 -39.23
N LEU D 271 -4.96 23.05 -38.62
CA LEU D 271 -3.77 22.42 -38.05
C LEU D 271 -3.05 21.60 -39.11
N LYS D 272 -1.72 21.73 -39.13
CA LYS D 272 -0.87 20.97 -40.05
C LYS D 272 -0.43 19.70 -39.35
N PHE D 273 -1.33 18.71 -39.36
CA PHE D 273 -1.22 17.57 -38.45
C PHE D 273 0.07 16.78 -38.68
N HIS D 274 0.46 16.58 -39.94
CA HIS D 274 1.57 15.67 -40.22
C HIS D 274 2.92 16.23 -39.76
N LYS D 275 3.05 17.55 -39.63
CA LYS D 275 4.29 18.15 -39.14
C LYS D 275 4.06 19.02 -37.90
N LEU D 276 2.98 18.80 -37.18
CA LEU D 276 2.63 19.61 -36.02
C LEU D 276 3.51 19.25 -34.83
N VAL D 277 4.11 20.25 -34.21
CA VAL D 277 4.91 20.02 -33.01
C VAL D 277 4.09 20.22 -31.75
N ASN D 278 3.40 21.36 -31.63
CA ASN D 278 2.43 21.47 -30.53
C ASN D 278 1.48 22.62 -30.77
N VAL D 279 0.49 22.72 -29.90
CA VAL D 279 -0.45 23.84 -29.87
C VAL D 279 -0.52 24.36 -28.44
N THR D 280 -0.50 25.68 -28.28
CA THR D 280 -0.56 26.30 -26.97
C THR D 280 -1.58 27.43 -26.97
N ILE D 281 -2.21 27.61 -25.81
CA ILE D 281 -3.12 28.72 -25.55
C ILE D 281 -2.60 29.45 -24.33
N HIS D 282 -2.39 30.76 -24.48
CA HIS D 282 -1.84 31.61 -23.42
C HIS D 282 -2.83 32.71 -23.09
N PHE D 283 -3.12 32.88 -21.80
CA PHE D 283 -3.89 34.05 -21.39
C PHE D 283 -3.70 34.32 -19.91
N ARG D 284 -3.99 35.55 -19.49
CA ARG D 284 -3.82 35.97 -18.11
C ARG D 284 -5.15 36.44 -17.53
N LEU D 285 -5.36 36.14 -16.26
CA LEU D 285 -6.57 36.53 -15.54
C LEU D 285 -6.21 37.16 -14.20
N LYS D 286 -6.92 38.21 -13.82
CA LYS D 286 -6.68 38.90 -12.56
C LYS D 286 -7.82 38.63 -11.60
N THR D 287 -7.48 38.39 -10.33
CA THR D 287 -8.48 38.11 -9.31
C THR D 287 -7.95 38.57 -7.96
N ILE D 288 -8.81 38.54 -6.95
CA ILE D 288 -8.50 39.05 -5.61
C ILE D 288 -8.73 37.93 -4.60
N ASN D 289 -7.76 37.74 -3.70
CA ASN D 289 -7.81 36.68 -2.69
C ASN D 289 -8.58 37.20 -1.47
N LEU D 290 -9.91 37.16 -1.57
CA LEU D 290 -10.75 37.74 -0.53
C LEU D 290 -10.67 36.98 0.79
N GLN D 291 -10.35 35.69 0.75
CA GLN D 291 -10.36 34.89 1.97
C GLN D 291 -9.40 35.44 3.02
N SER D 292 -8.40 36.23 2.61
CA SER D 292 -7.48 36.82 3.57
C SER D 292 -8.22 37.59 4.66
N LEU D 293 -9.42 38.08 4.36
CA LEU D 293 -10.19 38.84 5.34
C LEU D 293 -10.40 38.04 6.62
N ILE D 294 -10.51 36.71 6.53
CA ILE D 294 -10.77 35.92 7.73
C ILE D 294 -9.57 35.95 8.68
N ASN D 295 -8.37 36.22 8.17
CA ASN D 295 -7.17 36.31 9.00
C ASN D 295 -6.84 37.76 9.35
N ASN D 296 -7.79 38.68 9.18
CA ASN D 296 -7.58 40.09 9.47
C ASN D 296 -6.42 40.66 8.65
N GLU D 297 -6.34 40.26 7.39
CA GLU D 297 -5.32 40.73 6.47
C GLU D 297 -5.98 41.36 5.25
N ILE D 298 -5.31 42.32 4.65
CA ILE D 298 -5.82 42.95 3.43
C ILE D 298 -5.65 41.99 2.26
N PRO D 299 -6.70 41.73 1.47
CA PRO D 299 -6.53 40.84 0.31
C PRO D 299 -5.49 41.33 -0.68
N ASP D 300 -4.79 40.38 -1.28
CA ASP D 300 -3.82 40.66 -2.33
C ASP D 300 -4.47 40.54 -3.71
N CYS D 301 -3.79 41.10 -4.71
CA CYS D 301 -4.21 41.02 -6.10
C CYS D 301 -3.34 39.99 -6.81
N TYR D 302 -3.97 38.98 -7.40
CA TYR D 302 -3.28 37.88 -8.09
C TYR D 302 -3.47 38.02 -9.59
N THR D 303 -2.41 37.75 -10.33
CA THR D 303 -2.47 37.54 -11.77
C THR D 303 -2.05 36.11 -12.05
N PHE D 304 -2.95 35.35 -12.68
CA PHE D 304 -2.69 33.97 -13.08
C PHE D 304 -2.36 33.97 -14.58
N SER D 305 -1.17 33.48 -14.91
CA SER D 305 -0.78 33.22 -16.28
C SER D 305 -1.08 31.76 -16.59
N VAL D 306 -2.00 31.53 -17.53
CA VAL D 306 -2.53 30.21 -17.84
C VAL D 306 -1.98 29.77 -19.19
N LEU D 307 -1.39 28.58 -19.21
CA LEU D 307 -0.89 27.94 -20.42
C LEU D 307 -1.56 26.59 -20.58
N ILE D 308 -2.21 26.39 -21.72
CA ILE D 308 -2.81 25.11 -22.08
C ILE D 308 -2.00 24.54 -23.24
N THR D 309 -1.49 23.33 -23.07
CA THR D 309 -0.62 22.70 -24.05
C THR D 309 -1.27 21.43 -24.59
N PHE D 310 -1.33 21.33 -25.92
CA PHE D 310 -1.65 20.11 -26.65
C PHE D 310 -0.35 19.66 -27.29
N ASP D 311 0.24 18.59 -26.76
CA ASP D 311 1.62 18.21 -27.07
C ASP D 311 1.64 17.08 -28.08
N ASN D 312 2.29 17.31 -29.23
CA ASN D 312 2.43 16.31 -30.28
C ASN D 312 3.90 16.00 -30.57
N LYS D 313 4.78 16.21 -29.60
CA LYS D 313 6.21 16.02 -29.88
C LYS D 313 6.54 14.57 -30.18
N ALA D 314 5.76 13.63 -29.68
CA ALA D 314 6.02 12.22 -29.95
C ALA D 314 5.49 11.75 -31.30
N HIS D 315 4.57 12.50 -31.91
CA HIS D 315 4.01 12.13 -33.22
C HIS D 315 3.49 10.69 -33.21
N SER D 316 2.79 10.33 -32.14
CA SER D 316 2.40 8.95 -31.90
C SER D 316 0.91 8.69 -32.09
N GLY D 317 0.14 9.68 -32.54
CA GLY D 317 -1.30 9.54 -32.60
C GLY D 317 -2.02 9.84 -31.30
N ARG D 318 -1.29 10.10 -30.23
CA ARG D 318 -1.87 10.48 -28.94
C ARG D 318 -1.30 11.82 -28.54
N ILE D 319 -2.17 12.81 -28.33
CA ILE D 319 -1.75 14.16 -27.99
C ILE D 319 -2.18 14.47 -26.57
N PRO D 320 -1.29 14.39 -25.58
CA PRO D 320 -1.68 14.77 -24.22
C PRO D 320 -1.97 16.25 -24.09
N ILE D 321 -2.93 16.56 -23.22
CA ILE D 321 -3.43 17.91 -23.00
C ILE D 321 -3.23 18.25 -21.53
N SER D 322 -2.64 19.42 -21.27
CA SER D 322 -2.39 19.83 -19.90
C SER D 322 -2.64 21.32 -19.75
N LEU D 323 -2.89 21.74 -18.50
CA LEU D 323 -3.07 23.13 -18.14
C LEU D 323 -2.16 23.44 -16.95
N GLU D 324 -1.42 24.54 -17.04
CA GLU D 324 -0.56 24.98 -15.96
C GLU D 324 -0.75 26.47 -15.72
N THR D 325 -0.50 26.90 -14.49
CA THR D 325 -0.65 28.29 -14.09
C THR D 325 0.59 28.77 -13.35
N GLN D 326 0.87 30.05 -13.50
CA GLN D 326 1.87 30.75 -12.70
C GLN D 326 1.21 31.96 -12.06
N ALA D 327 1.39 32.11 -10.74
CA ALA D 327 0.71 33.16 -9.98
C ALA D 327 1.71 34.26 -9.64
N HIS D 328 1.31 35.51 -9.88
CA HIS D 328 2.06 36.68 -9.48
C HIS D 328 1.22 37.50 -8.52
N ILE D 329 1.77 37.79 -7.35
CA ILE D 329 1.06 38.48 -6.28
C ILE D 329 1.53 39.93 -6.23
N GLN D 330 0.59 40.85 -6.08
CA GLN D 330 0.93 42.26 -5.93
C GLN D 330 -0.08 42.93 -5.02
N GLU D 331 0.33 44.05 -4.44
CA GLU D 331 -0.57 44.85 -3.63
C GLU D 331 -1.58 45.57 -4.52
N CYS D 332 -2.82 45.64 -4.06
CA CYS D 332 -3.86 46.32 -4.80
C CYS D 332 -3.77 47.83 -4.57
N LYS D 333 -4.43 48.59 -5.45
CA LYS D 333 -4.38 50.04 -5.41
C LYS D 333 -5.44 50.57 -4.45
N HIS D 334 -5.01 51.34 -3.45
CA HIS D 334 -5.87 51.99 -2.47
C HIS D 334 -7.10 51.16 -2.14
N PRO D 335 -6.93 49.98 -1.55
CA PRO D 335 -8.10 49.18 -1.14
C PRO D 335 -8.77 49.74 0.10
N SER D 336 -10.00 49.31 0.32
CA SER D 336 -10.79 49.74 1.47
C SER D 336 -11.43 48.53 2.13
N VAL D 337 -11.09 48.31 3.40
CA VAL D 337 -11.76 47.32 4.23
C VAL D 337 -12.30 48.03 5.45
N PHE D 338 -13.61 47.97 5.65
CA PHE D 338 -14.23 48.57 6.82
C PHE D 338 -13.66 47.94 8.08
N GLN D 339 -12.99 48.76 8.91
CA GLN D 339 -12.27 48.26 10.08
C GLN D 339 -11.23 47.21 9.67
N HIS D 340 -10.26 47.67 8.89
CA HIS D 340 -9.22 46.83 8.30
C HIS D 340 -8.89 45.59 9.11
N PHE D 345 -0.64 43.32 16.91
CA PHE D 345 -0.25 42.19 17.73
C PHE D 345 0.87 41.38 17.08
N ARG D 346 0.63 40.95 15.84
CA ARG D 346 1.59 40.11 15.15
C ARG D 346 2.94 40.82 15.00
N LEU D 347 2.91 42.13 14.75
CA LEU D 347 4.17 42.88 14.67
C LEU D 347 4.90 42.86 16.00
N LEU D 348 4.18 43.08 17.11
CA LEU D 348 4.81 43.05 18.42
C LEU D 348 5.33 41.65 18.75
N PHE D 349 4.59 40.61 18.35
CA PHE D 349 5.07 39.25 18.60
C PHE D 349 6.34 38.97 17.81
N ASP D 350 6.40 39.44 16.56
CA ASP D 350 7.62 39.28 15.78
C ASP D 350 8.79 40.02 16.43
N VAL D 351 8.54 41.23 16.94
CA VAL D 351 9.60 41.98 17.62
C VAL D 351 10.06 41.23 18.87
N VAL D 352 9.12 40.60 19.58
CA VAL D 352 9.48 39.83 20.77
C VAL D 352 10.36 38.64 20.39
N VAL D 353 9.98 37.94 19.32
CA VAL D 353 10.81 36.82 18.85
C VAL D 353 12.21 37.32 18.50
N ILE D 354 12.29 38.47 17.83
CA ILE D 354 13.58 39.02 17.44
C ILE D 354 14.42 39.35 18.68
N LEU D 355 13.80 39.96 19.68
CA LEU D 355 14.54 40.29 20.91
C LEU D 355 15.04 39.04 21.61
N THR D 356 14.19 38.02 21.73
CA THR D 356 14.59 36.79 22.39
C THR D 356 15.76 36.14 21.65
N CYS D 357 15.66 36.07 20.33
CA CYS D 357 16.73 35.43 19.56
C CYS D 357 18.01 36.25 19.61
N SER D 358 17.90 37.59 19.64
CA SER D 358 19.09 38.43 19.75
C SER D 358 19.79 38.22 21.07
N LEU D 359 19.02 38.17 22.17
CA LEU D 359 19.64 37.94 23.47
C LEU D 359 20.29 36.56 23.53
N SER D 360 19.62 35.53 22.99
CA SER D 360 20.20 34.20 22.96
C SER D 360 21.50 34.20 22.15
N PHE D 361 21.49 34.88 21.01
CA PHE D 361 22.69 34.96 20.18
C PHE D 361 23.83 35.63 20.94
N LEU D 362 23.53 36.73 21.64
CA LEU D 362 24.58 37.44 22.38
C LEU D 362 25.18 36.54 23.47
N LEU D 363 24.33 35.86 24.23
CA LEU D 363 24.83 34.99 25.28
C LEU D 363 25.67 33.86 24.71
N CYS D 364 25.22 33.24 23.61
CA CYS D 364 25.97 32.14 23.03
C CYS D 364 27.30 32.63 22.47
N ALA D 365 27.33 33.81 21.85
CA ALA D 365 28.59 34.35 21.34
C ALA D 365 29.54 34.65 22.48
N ARG D 366 29.03 35.18 23.59
CA ARG D 366 29.89 35.41 24.76
C ARG D 366 30.47 34.10 25.27
N SER D 367 29.64 33.05 25.34
CA SER D 367 30.14 31.76 25.79
C SER D 367 31.21 31.22 24.85
N LEU D 368 31.00 31.35 23.53
CA LEU D 368 31.99 30.87 22.57
C LEU D 368 33.30 31.63 22.70
N LEU D 369 33.22 32.95 22.90
CA LEU D 369 34.44 33.73 23.09
C LEU D 369 35.18 33.31 24.36
N ARG D 370 34.43 33.09 25.45
CA ARG D 370 35.07 32.64 26.68
C ARG D 370 35.76 31.29 26.48
N GLY D 371 35.08 30.37 25.79
CA GLY D 371 35.70 29.09 25.49
C GLY D 371 36.96 29.24 24.67
N PHE D 372 36.94 30.12 23.66
CA PHE D 372 38.12 30.33 22.83
C PHE D 372 39.29 30.88 23.65
N LEU D 373 39.01 31.85 24.53
CA LEU D 373 40.07 32.40 25.36
C LEU D 373 40.64 31.34 26.29
N LEU D 374 39.78 30.53 26.90
CA LEU D 374 40.26 29.47 27.78
C LEU D 374 41.09 28.46 26.99
N GLN D 375 40.67 28.13 25.77
CA GLN D 375 41.43 27.22 24.93
C GLN D 375 42.82 27.78 24.64
N ASN D 376 42.89 29.07 24.31
CA ASN D 376 44.19 29.67 24.05
C ASN D 376 45.09 29.63 25.28
N GLU D 377 44.52 29.93 26.44
CA GLU D 377 45.32 29.88 27.67
C GLU D 377 45.83 28.46 27.92
N PHE D 378 44.97 27.46 27.73
CA PHE D 378 45.40 26.07 27.97
C PHE D 378 46.48 25.65 26.98
N VAL D 379 46.34 26.05 25.71
CA VAL D 379 47.37 25.70 24.73
C VAL D 379 48.69 26.36 25.09
N GLY D 380 48.65 27.63 25.50
CA GLY D 380 49.87 28.28 25.93
C GLY D 380 50.50 27.59 27.12
N PHE D 381 49.68 27.15 28.07
CA PHE D 381 50.19 26.40 29.22
C PHE D 381 50.87 25.12 28.79
N MET D 382 50.23 24.37 27.87
CA MET D 382 50.80 23.10 27.43
C MET D 382 52.12 23.32 26.68
N TRP D 383 52.19 24.35 25.83
CA TRP D 383 53.38 24.53 25.02
C TRP D 383 54.62 24.74 25.89
N ARG D 384 54.49 25.53 26.94
CA ARG D 384 55.60 25.76 27.87
C ARG D 384 56.02 24.44 28.52
N SER D 391 47.54 19.61 19.06
CA SER D 391 46.57 18.65 18.54
C SER D 391 45.25 19.35 18.25
N LEU D 392 44.81 19.29 17.00
CA LEU D 392 43.61 20.03 16.59
C LEU D 392 42.39 19.56 17.37
N TRP D 393 42.25 18.24 17.58
CA TRP D 393 41.13 17.74 18.35
C TRP D 393 41.17 18.26 19.78
N GLU D 394 42.37 18.33 20.36
CA GLU D 394 42.51 18.83 21.73
C GLU D 394 42.11 20.29 21.84
N ARG D 395 42.07 21.01 20.72
CA ARG D 395 41.58 22.38 20.72
C ARG D 395 40.07 22.45 20.44
N LEU D 396 39.60 21.66 19.48
CA LEU D 396 38.18 21.59 19.19
C LEU D 396 37.38 21.09 20.39
N GLU D 397 38.04 20.43 21.34
CA GLU D 397 37.36 20.01 22.56
C GLU D 397 36.81 21.20 23.33
N PHE D 398 37.31 22.40 23.07
CA PHE D 398 36.83 23.60 23.74
C PHE D 398 35.67 24.28 23.01
N VAL D 399 35.27 23.76 21.85
CA VAL D 399 34.21 24.36 21.06
C VAL D 399 32.90 23.67 21.40
N ASN D 400 31.92 24.45 21.87
CA ASN D 400 30.60 23.93 22.18
C ASN D 400 29.78 23.91 20.90
N GLY D 401 29.63 22.74 20.30
CA GLY D 401 28.86 22.62 19.08
C GLY D 401 27.41 23.00 19.25
N TRP D 402 26.86 22.76 20.44
CA TRP D 402 25.47 23.13 20.70
C TRP D 402 25.27 24.63 20.54
N TYR D 403 26.24 25.44 20.97
CA TYR D 403 26.11 26.88 20.85
C TYR D 403 26.26 27.34 19.41
N ILE D 404 27.08 26.65 18.62
CA ILE D 404 27.12 26.94 17.19
C ILE D 404 25.75 26.66 16.57
N LEU D 405 25.15 25.53 16.93
CA LEU D 405 23.80 25.24 16.46
C LEU D 405 22.82 26.31 16.90
N LEU D 406 22.94 26.79 18.13
CA LEU D 406 22.01 27.80 18.64
C LEU D 406 22.15 29.12 17.91
N VAL D 407 23.37 29.55 17.62
CA VAL D 407 23.56 30.81 16.89
C VAL D 407 23.06 30.66 15.45
N THR D 408 23.28 29.49 14.84
CA THR D 408 22.72 29.25 13.52
C THR D 408 21.19 29.35 13.55
N SER D 409 20.58 28.75 14.57
CA SER D 409 19.12 28.81 14.71
C SER D 409 18.65 30.24 14.92
N ASP D 410 19.39 31.02 15.70
CA ASP D 410 19.01 32.41 15.93
C ASP D 410 19.07 33.22 14.65
N VAL D 411 20.14 33.03 13.87
CA VAL D 411 20.25 33.72 12.59
C VAL D 411 19.10 33.34 11.67
N LEU D 412 18.80 32.04 11.60
CA LEU D 412 17.69 31.59 10.76
C LEU D 412 16.37 32.20 11.22
N THR D 413 16.13 32.22 12.52
CA THR D 413 14.86 32.73 13.04
C THR D 413 14.73 34.23 12.77
N ILE D 414 15.80 35.00 12.97
CA ILE D 414 15.73 36.43 12.72
C ILE D 414 15.50 36.71 11.24
N SER D 415 16.20 35.98 10.36
CA SER D 415 15.98 36.17 8.93
C SER D 415 14.53 35.83 8.56
N GLY D 416 14.01 34.73 9.09
CA GLY D 416 12.64 34.36 8.79
C GLY D 416 11.64 35.38 9.31
N THR D 417 11.89 35.94 10.50
CA THR D 417 10.98 36.93 11.04
C THR D 417 11.01 38.21 10.23
N ILE D 418 12.19 38.64 9.78
CA ILE D 418 12.27 39.82 8.93
C ILE D 418 11.53 39.59 7.62
N MET D 419 11.70 38.41 7.03
CA MET D 419 10.97 38.08 5.81
C MET D 419 9.47 38.08 6.06
N LYS D 420 9.03 37.53 7.20
CA LYS D 420 7.61 37.49 7.53
C LYS D 420 7.04 38.90 7.68
N ILE D 421 7.78 39.78 8.36
CA ILE D 421 7.33 41.16 8.50
C ILE D 421 7.24 41.83 7.13
N GLY D 422 8.23 41.59 6.26
CA GLY D 422 8.18 42.16 4.93
C GLY D 422 6.99 41.66 4.13
N ILE D 423 6.68 40.37 4.24
CA ILE D 423 5.52 39.82 3.53
C ILE D 423 4.23 40.43 4.06
N GLU D 424 4.12 40.56 5.38
CA GLU D 424 2.92 41.15 5.96
C GLU D 424 2.76 42.61 5.54
N ALA D 425 3.87 43.32 5.39
CA ALA D 425 3.83 44.70 4.92
C ALA D 425 3.63 44.80 3.42
N LYS D 426 3.62 43.67 2.70
CA LYS D 426 3.42 43.60 1.26
C LYS D 426 4.65 44.02 0.47
N ASN D 427 5.82 44.06 1.10
CA ASN D 427 7.06 44.29 0.37
C ASN D 427 7.58 43.03 -0.30
N LEU D 428 7.20 41.85 0.19
CA LEU D 428 7.66 40.58 -0.36
C LEU D 428 6.48 39.64 -0.47
N ALA D 429 6.66 38.61 -1.30
CA ALA D 429 5.65 37.55 -1.43
C ALA D 429 6.29 36.16 -1.49
N SER D 430 7.49 35.98 -0.95
CA SER D 430 8.19 34.70 -0.99
C SER D 430 7.77 33.87 0.21
N TYR D 431 6.56 33.32 0.13
CA TYR D 431 6.04 32.52 1.22
C TYR D 431 6.86 31.25 1.44
N ASP D 432 7.31 30.62 0.36
CA ASP D 432 8.01 29.34 0.48
C ASP D 432 9.34 29.49 1.22
N VAL D 433 10.13 30.51 0.86
CA VAL D 433 11.41 30.73 1.52
C VAL D 433 11.20 31.03 2.99
N CYS D 434 10.24 31.90 3.30
CA CYS D 434 9.96 32.23 4.70
C CYS D 434 9.55 30.99 5.48
N SER D 435 8.67 30.18 4.89
CA SER D 435 8.22 28.96 5.57
C SER D 435 9.38 28.01 5.82
N ILE D 436 10.28 27.86 4.85
CA ILE D 436 11.41 26.96 5.03
C ILE D 436 12.32 27.48 6.15
N LEU D 437 12.61 28.78 6.13
CA LEU D 437 13.47 29.34 7.17
C LEU D 437 12.86 29.13 8.55
N LEU D 438 11.59 29.48 8.71
CA LEU D 438 10.96 29.40 10.03
C LEU D 438 10.82 27.94 10.49
N GLY D 439 10.45 27.04 9.59
CA GLY D 439 10.32 25.64 9.97
C GLY D 439 11.65 25.02 10.38
N THR D 440 12.71 25.29 9.61
CA THR D 440 14.02 24.79 10.00
C THR D 440 14.44 25.36 11.34
N SER D 441 14.22 26.66 11.56
CA SER D 441 14.60 27.26 12.83
C SER D 441 13.81 26.66 13.99
N THR D 442 12.53 26.37 13.77
CA THR D 442 11.74 25.73 14.82
C THR D 442 12.28 24.35 15.15
N LEU D 443 12.62 23.56 14.13
CA LEU D 443 13.19 22.24 14.38
C LEU D 443 14.50 22.36 15.18
N LEU D 444 15.37 23.29 14.79
CA LEU D 444 16.64 23.45 15.49
C LEU D 444 16.42 23.92 16.92
N VAL D 445 15.46 24.82 17.14
CA VAL D 445 15.18 25.29 18.50
C VAL D 445 14.71 24.13 19.37
N TRP D 446 13.83 23.28 18.83
CA TRP D 446 13.37 22.13 19.61
C TRP D 446 14.54 21.18 19.91
N VAL D 447 15.43 20.99 18.93
CA VAL D 447 16.55 20.07 19.15
C VAL D 447 17.56 20.65 20.13
N GLY D 448 17.64 21.98 20.24
CA GLY D 448 18.70 22.60 21.01
C GLY D 448 18.69 22.29 22.49
N VAL D 449 17.54 21.93 23.06
CA VAL D 449 17.47 21.71 24.50
C VAL D 449 18.14 20.42 24.96
N ILE D 450 18.48 19.52 24.03
CA ILE D 450 19.22 18.32 24.38
C ILE D 450 20.60 18.65 24.93
N ARG D 451 21.08 19.87 24.67
CA ARG D 451 22.36 20.31 25.22
C ARG D 451 22.38 20.16 26.73
N TYR D 452 21.25 20.42 27.38
CA TYR D 452 21.19 20.36 28.83
C TYR D 452 20.98 18.95 29.36
N LEU D 453 20.41 18.06 28.54
CA LEU D 453 20.35 16.66 28.89
C LEU D 453 21.69 15.96 28.72
N THR D 454 22.59 16.53 27.93
CA THR D 454 23.90 15.89 27.73
C THR D 454 24.68 15.72 29.02
N PHE D 455 24.35 16.47 30.08
CA PHE D 455 25.14 16.40 31.30
C PHE D 455 24.89 15.14 32.10
N PHE D 456 23.77 14.45 31.85
CA PHE D 456 23.35 13.31 32.65
C PHE D 456 23.38 12.05 31.80
N HIS D 457 24.19 11.07 32.22
CA HIS D 457 24.42 9.88 31.41
C HIS D 457 23.13 9.12 31.14
N ASN D 458 22.29 8.98 32.15
CA ASN D 458 21.04 8.23 31.98
C ASN D 458 20.13 8.86 30.93
N TYR D 459 20.32 10.14 30.61
CA TYR D 459 19.53 10.82 29.61
C TYR D 459 20.29 11.12 28.33
N ASN D 460 21.54 10.69 28.23
CA ASN D 460 22.43 11.08 27.13
C ASN D 460 22.83 9.89 26.26
N ILE D 461 22.00 8.84 26.22
CA ILE D 461 22.36 7.62 25.50
C ILE D 461 22.48 7.91 24.01
N LEU D 462 21.52 8.64 23.44
CA LEU D 462 21.50 8.85 21.99
C LEU D 462 22.73 9.60 21.52
N ILE D 463 23.01 10.75 22.14
CA ILE D 463 24.14 11.57 21.70
C ILE D 463 25.46 10.86 21.99
N ALA D 464 25.57 10.26 23.18
CA ALA D 464 26.81 9.57 23.54
C ALA D 464 27.11 8.43 22.57
N THR D 465 26.08 7.69 22.16
CA THR D 465 26.28 6.60 21.22
C THR D 465 26.60 7.12 19.82
N LEU D 466 25.90 8.17 19.39
CA LEU D 466 26.15 8.72 18.06
C LEU D 466 27.58 9.23 17.94
N ARG D 467 28.09 9.86 19.01
CA ARG D 467 29.47 10.36 18.96
C ARG D 467 30.46 9.24 18.68
N VAL D 468 30.24 8.06 19.27
CA VAL D 468 31.17 6.96 19.07
C VAL D 468 30.92 6.25 17.75
N ALA D 469 29.68 6.23 17.27
CA ALA D 469 29.34 5.44 16.10
C ALA D 469 29.61 6.17 14.79
N LEU D 470 29.51 7.50 14.79
CA LEU D 470 29.47 8.23 13.51
C LEU D 470 30.67 7.99 12.61
N PRO D 471 31.91 8.00 13.10
CA PRO D 471 33.05 7.82 12.17
C PRO D 471 33.03 6.49 11.43
N SER D 472 32.80 5.39 12.14
CA SER D 472 32.73 4.09 11.49
C SER D 472 31.53 4.00 10.55
N VAL D 473 30.42 4.66 10.90
CA VAL D 473 29.28 4.71 10.01
C VAL D 473 29.63 5.42 8.71
N MET D 474 30.36 6.53 8.81
CA MET D 474 30.76 7.26 7.60
C MET D 474 31.69 6.42 6.73
N ARG D 475 32.64 5.73 7.36
CA ARG D 475 33.54 4.87 6.59
C ARG D 475 32.77 3.74 5.91
N PHE D 476 31.78 3.16 6.59
CA PHE D 476 30.93 2.14 5.99
C PHE D 476 30.15 2.71 4.81
N CYS D 477 29.61 3.91 4.96
CA CYS D 477 28.86 4.54 3.87
C CYS D 477 29.74 4.78 2.65
N CYS D 478 31.04 5.05 2.88
CA CYS D 478 31.94 5.21 1.74
C CYS D 478 31.84 4.03 0.79
N CYS D 479 31.89 2.81 1.33
CA CYS D 479 31.84 1.63 0.49
C CYS D 479 30.43 1.35 -0.02
N VAL D 480 29.41 1.61 0.81
CA VAL D 480 28.04 1.27 0.38
C VAL D 480 27.56 2.21 -0.73
N ALA D 481 28.03 3.45 -0.76
CA ALA D 481 27.46 4.45 -1.65
C ALA D 481 27.73 4.13 -3.11
N VAL D 482 28.90 3.56 -3.42
CA VAL D 482 29.20 3.28 -4.82
C VAL D 482 28.30 2.17 -5.35
N ILE D 483 28.03 1.15 -4.53
CA ILE D 483 27.08 0.11 -4.91
C ILE D 483 25.70 0.71 -5.12
N TYR D 484 25.28 1.56 -4.18
CA TYR D 484 23.96 2.17 -4.28
C TYR D 484 23.83 2.99 -5.55
N LEU D 485 24.86 3.77 -5.89
CA LEU D 485 24.81 4.61 -7.09
C LEU D 485 24.84 3.76 -8.35
N GLY D 486 25.63 2.69 -8.36
CA GLY D 486 25.60 1.79 -9.50
C GLY D 486 24.20 1.24 -9.76
N TYR D 487 23.55 0.79 -8.69
CA TYR D 487 22.18 0.31 -8.84
C TYR D 487 21.25 1.42 -9.30
N CYS D 488 21.41 2.62 -8.76
CA CYS D 488 20.56 3.74 -9.18
C CYS D 488 20.66 4.00 -10.67
N PHE D 489 21.89 4.14 -11.18
CA PHE D 489 22.06 4.44 -12.60
C PHE D 489 21.56 3.29 -13.47
N CYS D 490 21.91 2.06 -13.12
CA CYS D 490 21.46 0.91 -13.90
C CYS D 490 19.94 0.85 -13.97
N GLY D 491 19.27 0.95 -12.83
CA GLY D 491 17.83 0.90 -12.81
C GLY D 491 17.21 2.05 -13.57
N TRP D 492 17.72 3.26 -13.37
CA TRP D 492 17.17 4.42 -14.05
C TRP D 492 17.21 4.26 -15.56
N ILE D 493 18.33 3.79 -16.11
CA ILE D 493 18.44 3.74 -17.56
C ILE D 493 17.78 2.50 -18.14
N VAL D 494 17.94 1.34 -17.51
CA VAL D 494 17.41 0.11 -18.10
C VAL D 494 15.92 -0.03 -17.84
N LEU D 495 15.45 0.22 -16.62
CA LEU D 495 14.06 -0.02 -16.27
C LEU D 495 13.17 1.21 -16.39
N GLY D 496 13.74 2.41 -16.46
CA GLY D 496 12.96 3.62 -16.48
C GLY D 496 11.91 3.70 -17.58
N PRO D 497 12.24 3.32 -18.82
CA PRO D 497 11.22 3.35 -19.87
C PRO D 497 10.05 2.40 -19.63
N TYR D 498 10.21 1.37 -18.79
CA TYR D 498 9.19 0.37 -18.58
C TYR D 498 8.49 0.46 -17.23
N HIS D 499 9.12 1.08 -16.23
CA HIS D 499 8.67 1.01 -14.85
C HIS D 499 8.33 2.42 -14.37
N VAL D 500 7.10 2.61 -13.89
CA VAL D 500 6.64 3.93 -13.50
C VAL D 500 7.45 4.49 -12.33
N LYS D 501 8.04 3.62 -11.51
CA LYS D 501 8.80 4.05 -10.34
C LYS D 501 10.27 4.31 -10.65
N PHE D 502 10.68 4.18 -11.91
CA PHE D 502 12.09 4.38 -12.28
C PHE D 502 12.24 5.50 -13.32
N ARG D 503 11.26 6.38 -13.44
CA ARG D 503 11.27 7.36 -14.52
C ARG D 503 12.46 8.30 -14.40
N SER D 504 12.78 8.75 -13.19
CA SER D 504 13.79 9.75 -12.96
C SER D 504 14.75 9.28 -11.88
N LEU D 505 15.94 9.89 -11.86
CA LEU D 505 16.97 9.47 -10.92
C LEU D 505 16.52 9.69 -9.47
N SER D 506 15.90 10.83 -9.18
CA SER D 506 15.40 11.06 -7.83
C SER D 506 14.32 10.05 -7.46
N MET D 507 13.43 9.74 -8.40
CA MET D 507 12.40 8.74 -8.16
C MET D 507 13.02 7.36 -7.97
N VAL D 508 14.07 7.05 -8.73
CA VAL D 508 14.77 5.77 -8.55
C VAL D 508 15.37 5.68 -7.15
N SER D 509 16.00 6.77 -6.69
CA SER D 509 16.56 6.78 -5.35
C SER D 509 15.48 6.58 -4.30
N GLU D 510 14.33 7.24 -4.48
CA GLU D 510 13.23 7.03 -3.54
C GLU D 510 12.77 5.57 -3.54
N CYS D 511 12.63 4.97 -4.72
CA CYS D 511 12.16 3.60 -4.81
C CYS D 511 13.14 2.65 -4.13
N LEU D 512 14.43 2.81 -4.39
CA LEU D 512 15.42 1.91 -3.80
C LEU D 512 15.51 2.10 -2.29
N PHE D 513 15.47 3.35 -1.83
CA PHE D 513 15.51 3.61 -0.40
C PHE D 513 14.30 3.00 0.30
N SER D 514 13.12 3.11 -0.31
CA SER D 514 11.93 2.48 0.26
C SER D 514 12.04 0.96 0.25
N LEU D 515 12.59 0.39 -0.82
CA LEU D 515 12.75 -1.06 -0.89
C LEU D 515 13.68 -1.56 0.22
N ILE D 516 14.75 -0.81 0.51
CA ILE D 516 15.64 -1.21 1.59
C ILE D 516 14.87 -1.33 2.90
N ASN D 517 13.90 -0.45 3.12
CA ASN D 517 13.10 -0.44 4.32
C ASN D 517 11.89 -1.37 4.23
N GLY D 518 11.82 -2.20 3.20
CA GLY D 518 10.76 -3.17 3.05
C GLY D 518 9.46 -2.66 2.48
N ASP D 519 9.44 -1.43 1.97
CA ASP D 519 8.20 -0.76 1.60
C ASP D 519 7.93 -0.89 0.11
N ASP D 520 6.69 -1.25 -0.24
CA ASP D 520 6.18 -1.20 -1.61
C ASP D 520 6.83 -2.27 -2.50
N MET D 521 7.21 -3.40 -1.92
CA MET D 521 7.99 -4.40 -2.65
C MET D 521 7.16 -5.09 -3.73
N PHE D 522 6.00 -5.62 -3.36
CA PHE D 522 5.25 -6.42 -4.31
C PHE D 522 4.77 -5.60 -5.49
N VAL D 523 4.37 -4.35 -5.26
CA VAL D 523 3.95 -3.51 -6.37
C VAL D 523 5.12 -3.22 -7.30
N THR D 524 6.32 -3.06 -6.74
CA THR D 524 7.50 -2.89 -7.58
C THR D 524 7.71 -4.10 -8.47
N PHE D 525 7.58 -5.31 -7.90
CA PHE D 525 7.67 -6.51 -8.72
C PHE D 525 6.56 -6.58 -9.76
N ALA D 526 5.35 -6.17 -9.37
CA ALA D 526 4.18 -6.37 -10.23
C ALA D 526 4.13 -5.39 -11.39
N ALA D 527 4.72 -4.21 -11.24
CA ALA D 527 4.75 -3.27 -12.34
C ALA D 527 5.45 -3.85 -13.58
N MET D 528 6.30 -4.86 -13.40
CA MET D 528 7.02 -5.48 -14.49
C MET D 528 6.27 -6.66 -15.11
N GLN D 529 5.22 -7.17 -14.46
CA GLN D 529 4.55 -8.37 -14.96
C GLN D 529 3.97 -8.14 -16.36
N ALA D 530 3.67 -6.90 -16.72
CA ALA D 530 3.16 -6.63 -18.06
C ALA D 530 4.19 -6.92 -19.14
N GLN D 531 5.48 -6.81 -18.81
CA GLN D 531 6.54 -7.03 -19.78
C GLN D 531 6.91 -8.50 -19.92
N GLN D 532 6.42 -9.38 -19.05
CA GLN D 532 6.80 -10.78 -19.13
C GLN D 532 6.40 -11.40 -20.46
N GLY D 533 5.37 -10.86 -21.11
CA GLY D 533 4.93 -11.35 -22.39
C GLY D 533 5.46 -10.52 -23.55
N ARG D 534 5.69 -9.23 -23.31
CA ARG D 534 6.13 -8.35 -24.37
C ARG D 534 7.65 -8.35 -24.51
N SER D 535 8.36 -8.01 -23.44
CA SER D 535 9.81 -7.92 -23.43
C SER D 535 10.33 -8.89 -22.37
N SER D 536 10.52 -10.15 -22.75
CA SER D 536 10.89 -11.17 -21.78
C SER D 536 12.29 -10.93 -21.22
N LEU D 537 13.22 -10.48 -22.05
CA LEU D 537 14.58 -10.25 -21.58
C LEU D 537 14.63 -9.15 -20.54
N VAL D 538 13.91 -8.05 -20.78
CA VAL D 538 13.85 -6.96 -19.81
C VAL D 538 13.20 -7.44 -18.52
N TRP D 539 12.15 -8.26 -18.62
CA TRP D 539 11.49 -8.77 -17.43
C TRP D 539 12.43 -9.66 -16.61
N LEU D 540 13.18 -10.53 -17.28
CA LEU D 540 14.14 -11.38 -16.57
C LEU D 540 15.21 -10.53 -15.89
N PHE D 541 15.71 -9.52 -16.61
CA PHE D 541 16.70 -8.63 -16.01
C PHE D 541 16.14 -7.94 -14.78
N SER D 542 14.89 -7.48 -14.86
CA SER D 542 14.29 -6.80 -13.72
C SER D 542 14.16 -7.74 -12.53
N GLN D 543 13.80 -9.01 -12.80
CA GLN D 543 13.76 -10.00 -11.72
C GLN D 543 15.11 -10.11 -11.04
N LEU D 544 16.17 -10.31 -11.81
CA LEU D 544 17.50 -10.45 -11.21
C LEU D 544 17.89 -9.19 -10.46
N TYR D 545 17.64 -8.03 -11.06
CA TYR D 545 18.00 -6.75 -10.47
C TYR D 545 17.32 -6.56 -9.11
N LEU D 546 16.00 -6.74 -9.06
CA LEU D 546 15.27 -6.48 -7.82
C LEU D 546 15.65 -7.50 -6.74
N TYR D 547 15.70 -8.79 -7.11
CA TYR D 547 16.03 -9.80 -6.10
C TYR D 547 17.43 -9.56 -5.53
N SER D 548 18.41 -9.30 -6.40
CA SER D 548 19.77 -9.10 -5.91
C SER D 548 19.86 -7.84 -5.04
N PHE D 549 19.24 -6.74 -5.47
CA PHE D 549 19.32 -5.52 -4.66
C PHE D 549 18.70 -5.74 -3.29
N ILE D 550 17.49 -6.29 -3.25
CA ILE D 550 16.80 -6.45 -1.97
C ILE D 550 17.60 -7.36 -1.05
N SER D 551 18.03 -8.52 -1.56
CA SER D 551 18.77 -9.44 -0.72
C SER D 551 20.02 -8.80 -0.16
N LEU D 552 20.85 -8.24 -1.05
CA LEU D 552 22.12 -7.65 -0.63
C LEU D 552 21.89 -6.57 0.42
N PHE D 553 20.98 -5.63 0.17
CA PHE D 553 20.91 -4.46 1.02
C PHE D 553 20.17 -4.73 2.32
N ILE D 554 19.06 -5.46 2.28
CA ILE D 554 18.32 -5.71 3.52
C ILE D 554 19.10 -6.68 4.41
N TYR D 555 19.64 -7.76 3.85
CA TYR D 555 20.15 -8.81 4.73
C TYR D 555 21.63 -8.66 5.07
N MET D 556 22.43 -8.03 4.21
CA MET D 556 23.85 -7.86 4.48
C MET D 556 24.19 -6.44 4.93
N VAL D 557 23.85 -5.44 4.12
CA VAL D 557 24.32 -4.08 4.39
C VAL D 557 23.65 -3.51 5.64
N LEU D 558 22.32 -3.54 5.67
CA LEU D 558 21.59 -2.94 6.79
C LEU D 558 21.92 -3.64 8.09
N SER D 559 22.08 -4.97 8.05
CA SER D 559 22.42 -5.71 9.26
C SER D 559 23.74 -5.22 9.85
N LEU D 560 24.75 -5.02 9.00
CA LEU D 560 26.03 -4.54 9.49
C LEU D 560 25.96 -3.10 9.96
N PHE D 561 25.14 -2.27 9.31
CA PHE D 561 24.94 -0.91 9.78
C PHE D 561 24.39 -0.90 11.21
N ILE D 562 23.32 -1.67 11.43
CA ILE D 562 22.74 -1.75 12.77
C ILE D 562 23.74 -2.35 13.75
N ALA D 563 24.54 -3.31 13.29
CA ALA D 563 25.55 -3.90 14.17
C ALA D 563 26.57 -2.85 14.60
N LEU D 564 26.98 -1.97 13.70
CA LEU D 564 27.90 -0.90 14.07
C LEU D 564 27.28 -0.01 15.14
N ILE D 565 26.02 0.39 14.94
CA ILE D 565 25.39 1.28 15.91
C ILE D 565 25.25 0.60 17.27
N THR D 566 24.80 -0.65 17.29
CA THR D 566 24.60 -1.34 18.57
C THR D 566 25.93 -1.67 19.24
N GLY D 567 27.00 -1.91 18.46
CA GLY D 567 28.31 -2.08 19.05
C GLY D 567 28.82 -0.81 19.69
N ALA D 568 28.59 0.34 19.04
CA ALA D 568 28.94 1.61 19.67
C ALA D 568 28.17 1.79 20.98
N TYR D 569 26.88 1.46 20.97
CA TYR D 569 26.12 1.56 22.22
C TYR D 569 26.70 0.63 23.28
N ASP D 570 27.04 -0.60 22.92
CA ASP D 570 27.66 -1.52 23.85
C ASP D 570 28.93 -0.93 24.43
N THR D 571 29.67 -0.19 23.61
CA THR D 571 30.88 0.46 24.11
C THR D 571 30.56 1.54 25.13
N ILE D 572 29.63 2.45 24.80
CA ILE D 572 29.33 3.56 25.71
C ILE D 572 28.50 3.15 26.90
N LYS D 573 28.09 1.89 26.98
CA LYS D 573 27.29 1.41 28.11
C LYS D 573 28.09 0.38 28.90
C1 NAG E . -7.70 -18.44 -31.48
C2 NAG E . -6.33 -18.10 -30.87
C3 NAG E . -5.25 -19.11 -31.24
C4 NAG E . -5.76 -20.53 -31.08
C5 NAG E . -6.99 -20.68 -31.97
C6 NAG E . -7.59 -22.06 -32.02
C7 NAG E . -5.52 -15.74 -30.58
C8 NAG E . -5.58 -15.90 -29.08
N2 NAG E . -5.88 -16.81 -31.33
O3 NAG E . -4.13 -18.87 -30.44
O4 NAG E . -4.72 -21.45 -31.37
O5 NAG E . -7.97 -19.83 -31.45
O6 NAG E . -7.65 -22.60 -30.72
O7 NAG E . -5.14 -14.70 -31.08
C1 NAG E . -4.20 -21.34 -32.70
C2 NAG E . -2.84 -22.05 -32.72
C3 NAG E . -2.30 -22.24 -34.14
C4 NAG E . -3.37 -22.82 -35.05
C5 NAG E . -4.59 -21.90 -34.96
C6 NAG E . -5.72 -22.26 -35.90
C7 NAG E . -1.47 -21.64 -30.71
C8 NAG E . -0.46 -20.69 -30.09
N2 NAG E . -1.88 -21.29 -31.94
O3 NAG E . -1.17 -23.06 -34.07
O4 NAG E . -2.84 -22.88 -36.35
O5 NAG E . -5.06 -21.94 -33.63
O6 NAG E . -6.18 -23.55 -35.59
O7 NAG E . -1.86 -22.62 -30.11
C1 NAG F . -35.13 -12.15 2.92
C2 NAG F . -33.82 -12.94 3.09
C3 NAG F . -33.95 -14.13 4.04
C4 NAG F . -34.70 -13.73 5.30
C5 NAG F . -36.06 -13.20 4.87
C6 NAG F . -37.00 -12.83 6.00
C7 NAG F . -32.19 -13.27 1.21
C8 NAG F . -31.17 -12.42 1.93
N2 NAG F . -33.38 -13.46 1.81
O3 NAG F . -32.67 -14.61 4.32
O4 NAG F . -34.76 -14.83 6.18
O5 NAG F . -35.83 -12.02 4.14
O6 NAG F . -36.29 -12.12 6.98
O7 NAG F . -31.92 -13.77 0.13
C1 NAG F . -35.43 -15.98 5.64
C2 NAG F . -35.02 -17.19 6.51
C3 NAG F . -35.88 -18.42 6.20
C4 NAG F . -37.36 -18.07 6.19
C5 NAG F . -37.54 -16.93 5.18
C6 NAG F . -38.98 -16.52 4.95
C7 NAG F . -32.65 -17.21 7.16
C8 NAG F . -31.27 -17.64 6.71
N2 NAG F . -33.63 -17.50 6.29
O3 NAG F . -35.59 -19.39 7.17
O4 NAG F . -38.07 -19.23 5.82
O5 NAG F . -36.82 -15.82 5.67
O6 NAG F . -39.54 -16.07 6.17
O7 NAG F . -32.82 -16.63 8.21
C1 NAG G . -21.30 29.95 6.24
C2 NAG G . -20.83 28.88 7.25
C3 NAG G . -20.70 29.42 8.66
C4 NAG G . -19.98 30.75 8.68
C5 NAG G . -20.79 31.71 7.80
C6 NAG G . -20.29 33.13 7.76
C7 NAG G . -21.51 26.48 7.07
C8 NAG G . -20.09 26.09 6.76
N2 NAG G . -21.76 27.78 7.28
O3 NAG G . -20.02 28.46 9.43
O4 NAG G . -19.82 31.19 10.02
O5 NAG G . -20.71 31.22 6.49
O6 NAG G . -18.88 33.13 7.63
O7 NAG G . -22.38 25.62 7.14
C1 NAG G . -21.06 31.37 10.73
C2 NAG G . -20.72 31.39 12.23
C3 NAG G . -21.91 31.85 13.08
C4 NAG G . -22.54 33.10 12.51
C5 NAG G . -22.90 32.81 11.05
C6 NAG G . -23.65 33.92 10.35
C7 NAG G . -19.00 29.76 12.90
C8 NAG G . -18.79 28.33 13.35
N2 NAG G . -20.28 30.09 12.66
O3 NAG G . -21.44 32.04 14.39
O4 NAG G . -23.67 33.41 13.29
O5 NAG G . -21.69 32.57 10.36
O6 NAG G . -22.85 35.08 10.33
O7 NAG G . -18.07 30.53 12.77
C1 NAG H . 6.12 23.66 -28.15
C2 NAG H . 6.66 23.72 -26.71
C3 NAG H . 8.01 24.43 -26.60
C4 NAG H . 8.96 23.95 -27.69
C5 NAG H . 8.29 24.23 -29.03
C6 NAG H . 9.12 23.90 -30.25
C7 NAG H . 5.16 24.00 -24.72
C8 NAG H . 5.51 22.61 -24.26
N2 NAG H . 5.73 24.43 -25.86
O3 NAG H . 8.52 24.20 -25.32
O4 NAG H . 10.22 24.57 -27.54
O5 NAG H . 7.15 23.41 -29.09
O6 NAG H . 9.75 22.66 -30.07
O7 NAG H . 4.40 24.69 -24.07
C1 NAG H . 10.17 26.01 -27.61
C2 NAG H . 11.47 26.54 -26.99
C3 NAG H . 11.67 28.03 -27.26
C4 NAG H . 11.44 28.35 -28.72
C5 NAG H . 10.06 27.84 -29.10
C6 NAG H . 9.61 28.17 -30.50
C7 NAG H . 12.18 25.33 -24.96
C8 NAG H . 12.02 25.28 -23.46
N2 NAG H . 11.47 26.30 -25.57
O3 NAG H . 12.97 28.37 -26.84
O4 NAG H . 11.57 29.75 -28.88
O5 NAG H . 10.07 26.44 -28.95
O6 NAG H . 10.50 27.60 -31.42
O7 NAG H . 12.90 24.55 -25.55
C1 EUJ I . 51.10 -2.37 -11.83
C2 EUJ I . 50.21 -2.71 -10.64
C3 EUJ I . 50.59 -4.04 -10.04
C4 EUJ I . 52.06 -4.07 -9.65
C5 EUJ I . 52.94 -3.75 -10.85
C6 EUJ I . 52.57 -2.40 -11.45
O1 EUJ I . 50.77 -1.02 -12.29
O2 EUJ I . 50.34 -1.69 -9.65
O3 EUJ I . 49.78 -4.29 -8.84
O4 EUJ I . 52.40 -5.35 -9.12
O5 EUJ I . 54.33 -3.72 -10.42
O6 EUJ I . 53.37 -2.14 -12.60
P1 EUJ I . 49.57 -0.68 -13.30
O11 EUJ I . 48.81 0.51 -12.78
O12 EUJ I . 48.83 -1.94 -13.64
O13 EUJ I . 50.42 -0.20 -14.59
P3 EUJ I . 48.22 -4.67 -8.89
O31 EUJ I . 47.50 -3.52 -9.55
O32 EUJ I . 47.79 -4.86 -7.45
O33 EUJ I . 48.13 -5.95 -9.69
P5 EUJ I . 55.49 -4.56 -11.16
O51 EUJ I . 55.14 -6.03 -10.95
O52 EUJ I . 55.46 -4.18 -12.62
O53 EUJ I . 56.79 -4.19 -10.49
C1A EUJ I . 51.17 1.60 -16.64
C1B EUJ I . 54.48 -1.53 -18.93
C1C EUJ I . 51.13 -1.21 -15.36
C2A EUJ I . 50.49 2.51 -17.62
C2B EUJ I . 54.48 -3.02 -18.68
C2C EUJ I . 52.15 -0.55 -16.28
C3A EUJ I . 50.46 1.98 -19.01
C3B EUJ I . 55.41 -3.78 -19.57
C3C EUJ I . 52.88 -1.56 -17.14
C4A EUJ I . 49.72 2.89 -19.98
C4B EUJ I . 55.52 -5.24 -19.18
C5A EUJ I . 50.34 4.27 -20.12
C5B EUJ I . 56.55 -6.02 -19.95
C6A EUJ I . 49.64 5.16 -21.11
C6B EUJ I . 56.67 -7.46 -19.54
C7A EUJ I . 48.22 5.51 -20.76
C7B EUJ I . 56.98 -7.69 -18.07
C8A EUJ I . 47.55 6.44 -21.75
C8B EUJ I . 58.25 -7.02 -17.60
O1A EUJ I . 51.42 1.90 -15.50
O1B EUJ I . 55.14 -1.00 -19.78
O2C EUJ I . 51.50 0.40 -17.15
O3C EUJ I . 53.69 -0.84 -18.11
C1 A1IVD J . 16.81 -14.00 3.92
C3 A1IVD J . 14.50 -13.86 3.17
C7 A1IVD J . 15.35 -16.88 3.33
C8 A1IVD J . 16.59 -17.43 3.10
C10 A1IVD J . 15.71 -18.44 1.12
C15 A1IVD J . 17.68 -17.77 -1.58
C16 A1IVD J . 17.39 -16.25 -1.62
C21 A1IVD J . 22.32 -14.41 -0.30
C25 A1IVD J . 19.79 -15.59 -1.85
C26 A1IVD J . 18.41 -15.49 -2.46
C27 A1IVD J . 15.99 -16.22 -2.20
C28 A1IVD J . 15.29 -15.18 -2.77
C31 A1IVD J . 14.13 -17.68 -2.60
C17 A1IVD J . 17.42 -15.59 -0.24
C18 A1IVD J . 18.80 -15.64 0.38
C20 A1IVD J . 21.15 -15.31 0.12
C29 A1IVD J . 14.00 -15.38 -3.25
C30 A1IVD J . 13.43 -16.63 -3.16
C32 A1IVD J . 15.41 -17.47 -2.12
C33 A1IVD J . 14.47 -17.88 1.36
C34 A1IVD J . 14.29 -17.09 2.47
C9 A1IVD J . 16.77 -18.22 1.98
F22 A1IVD J . 22.56 -14.47 -1.60
F23 A1IVD J . 23.44 -14.74 0.30
F24 A1IVD J . 22.09 -13.13 -0.01
N14 A1IVD J . 16.33 -18.39 -1.51
N19 A1IVD J . 19.84 -15.05 -0.48
N2 A1IVD J . 15.42 -14.37 4.18
O12 A1IVD J . 14.73 -20.07 -0.63
O13 A1IVD J . 17.13 -20.24 -0.07
O5 A1IVD J . 13.75 -15.89 5.13
O6 A1IVD J . 16.14 -16.15 5.70
S11 A1IVD J . 15.97 -19.45 -0.30
S4 A1IVD J . 15.12 -15.86 4.75
H36 A1IVD J . 16.90 -13.03 3.98
H35 A1IVD J . 17.08 -14.32 3.04
H37 A1IVD J . 17.38 -14.41 4.60
H40 A1IVD J . 13.72 -14.46 3.08
H39 A1IVD J . 14.95 -13.79 2.30
H38 A1IVD J . 14.18 -12.97 3.43
H41 A1IVD J . 17.31 -17.26 3.70
H43 A1IVD J . 18.16 -18.05 -2.40
H44 A1IVD J . 18.21 -18.02 -0.80
H51 A1IVD J . 20.41 -15.09 -2.42
H52 A1IVD J . 20.07 -16.53 -1.84
H54 A1IVD J . 18.14 -14.55 -2.51
H53 A1IVD J . 18.42 -15.86 -3.36
H55 A1IVD J . 15.69 -14.31 -2.82
H58 A1IVD J . 13.74 -18.55 -2.54
H45 A1IVD J . 16.78 -16.03 0.34
H46 A1IVD J . 17.15 -14.65 -0.34
H47 A1IVD J . 19.04 -16.57 0.58
H48 A1IVD J . 18.78 -15.15 1.23
H49 A1IVD J . 21.40 -16.24 -0.07
H50 A1IVD J . 21.06 -15.23 1.10
H56 A1IVD J . 13.52 -14.65 -3.63
H57 A1IVD J . 12.54 -16.78 -3.49
H59 A1IVD J . 13.75 -18.04 0.76
H60 A1IVD J . 13.44 -16.70 2.65
H42 A1IVD J . 17.63 -18.61 1.80
O12 PC1 K . 6.62 -17.52 -15.64
P PC1 K . 6.16 -18.25 -14.43
O14 PC1 K . 5.37 -17.60 -13.33
O13 PC1 K . 5.24 -19.54 -14.89
C11 PC1 K . 4.16 -19.98 -14.09
C12 PC1 K . 3.32 -20.86 -15.02
N PC1 K . 2.10 -20.24 -15.63
C13 PC1 K . 2.43 -18.96 -16.33
C14 PC1 K . 1.56 -21.20 -16.63
C15 PC1 K . 1.04 -19.98 -14.62
O11 PC1 K . 7.49 -18.98 -13.80
C1 PC1 K . 8.80 -18.55 -14.14
C2 PC1 K . 9.59 -18.21 -12.89
O21 PC1 K . 10.98 -18.50 -13.06
C21 PC1 K . 11.88 -17.51 -12.99
O22 PC1 K . 12.08 -16.73 -13.89
C22 PC1 K . 12.59 -17.52 -11.67
C23 PC1 K . 12.11 -16.45 -10.70
C24 PC1 K . 12.65 -16.65 -9.29
C25 PC1 K . 14.07 -16.14 -9.08
C26 PC1 K . 14.36 -15.75 -7.63
C27 PC1 K . 15.62 -16.39 -7.04
C28 PC1 K . 16.75 -15.40 -6.81
C29 PC1 K . 17.45 -14.96 -8.10
C2A PC1 K . 18.92 -14.58 -7.87
C2B PC1 K . 19.10 -13.19 -7.25
C2C PC1 K . 19.61 -13.22 -5.81
C2D PC1 K . 21.11 -13.02 -5.69
C2E PC1 K . 21.53 -12.60 -4.29
C2F PC1 K . 23.00 -12.19 -4.19
C2G PC1 K . 23.22 -10.81 -3.61
C2H PC1 K . 24.37 -10.73 -2.61
C2I PC1 K . 25.71 -11.17 -3.18
C3 PC1 K . 9.15 -19.00 -11.68
O31 PC1 K . 9.90 -18.53 -10.56
C31 PC1 K . 10.46 -19.42 -9.75
O32 PC1 K . 11.05 -20.40 -10.16
C32 PC1 K . 10.28 -19.07 -8.30
C33 PC1 K . 10.91 -20.07 -7.33
C34 PC1 K . 12.42 -20.17 -7.51
C35 PC1 K . 13.22 -19.65 -6.31
C36 PC1 K . 13.64 -20.74 -5.35
C37 PC1 K . 14.85 -20.38 -4.49
C38 PC1 K . 16.13 -21.07 -4.95
C39 PC1 K . 17.36 -20.59 -4.19
C3A PC1 K . 18.56 -21.53 -4.33
C3B PC1 K . 19.44 -21.58 -3.09
C3C PC1 K . 20.75 -22.33 -3.29
C3D PC1 K . 21.15 -23.20 -2.10
C3E PC1 K . 22.65 -23.19 -1.83
C3F PC1 K . 23.50 -23.86 -2.91
C3G PC1 K . 24.43 -24.94 -2.37
C3H PC1 K . 25.43 -24.46 -1.33
C3I PC1 K . 26.19 -25.59 -0.66
C1 OCT L . 40.87 -9.36 -1.80
C2 OCT L . 39.42 -9.70 -1.47
C3 OCT L . 39.08 -11.16 -1.71
C4 OCT L . 37.64 -11.38 -2.14
C5 OCT L . 37.45 -11.45 -3.66
C6 OCT L . 36.40 -10.50 -4.18
C7 OCT L . 35.95 -10.78 -5.61
C8 OCT L . 34.74 -9.97 -6.02
C1 OCT M . 29.20 -10.72 -24.07
C2 OCT M . 27.90 -11.27 -24.63
C3 OCT M . 27.42 -10.54 -25.88
C4 OCT M . 26.06 -11.01 -26.37
C5 OCT M . 25.58 -10.27 -27.61
C6 OCT M . 24.48 -11.00 -28.35
C7 OCT M . 23.55 -10.08 -29.13
C8 OCT M . 22.51 -10.84 -29.95
C1 EUJ N . 16.93 -49.34 6.02
C2 EUJ N . 17.21 -47.99 6.65
C3 EUJ N . 17.30 -48.11 8.16
C4 EUJ N . 18.35 -49.13 8.58
C5 EUJ N . 18.03 -50.49 7.96
C6 EUJ N . 17.96 -50.38 6.44
O1 EUJ N . 16.98 -49.21 4.57
O2 EUJ N . 18.44 -47.48 6.14
O3 EUJ N . 17.68 -46.81 8.72
O4 EUJ N . 18.39 -49.24 10.00
O5 EUJ N . 19.09 -51.42 8.32
O6 EUJ N . 17.62 -51.65 5.88
P1 EUJ N . 15.74 -48.73 3.66
O11 EUJ N . 16.22 -47.72 2.67
O12 EUJ N . 14.57 -48.40 4.55
O13 EUJ N . 15.42 -50.09 2.87
P3 EUJ N . 16.68 -45.55 8.81
O31 EUJ N . 16.28 -45.19 7.40
O32 EUJ N . 17.45 -44.43 9.48
O33 EUJ N . 15.50 -46.02 9.65
P5 EUJ N . 18.78 -52.85 9.00
O51 EUJ N . 18.15 -52.55 10.35
O52 EUJ N . 17.84 -53.59 8.08
O53 EUJ N . 20.12 -53.55 9.14
C1A EUJ N . 15.04 -51.69 0.56
C1B EUJ N . 13.76 -55.96 3.03
C1C EUJ N . 14.81 -51.20 3.58
C2A EUJ N . 14.32 -51.59 -0.76
C2B EUJ N . 13.32 -55.94 4.48
C2C EUJ N . 14.93 -52.50 2.82
C3A EUJ N . 13.08 -52.41 -0.85
C3B EUJ N . 12.83 -57.27 4.97
C3C EUJ N . 14.27 -53.66 3.50
C4A EUJ N . 12.36 -52.25 -2.17
C4B EUJ N . 12.57 -57.27 6.47
C5A EUJ N . 13.16 -52.69 -3.37
C5B EUJ N . 12.21 -58.62 7.04
C6A EUJ N . 12.45 -52.56 -4.70
C6B EUJ N . 11.97 -58.61 8.53
C7A EUJ N . 12.12 -51.14 -5.09
C7B EUJ N . 13.12 -58.09 9.36
C8A EUJ N . 11.43 -51.03 -6.43
C8B EUJ N . 14.42 -58.83 9.15
O1A EUJ N . 16.12 -51.24 0.77
O1B EUJ N . 13.70 -56.94 2.33
O2C EUJ N . 14.33 -52.35 1.48
O3C EUJ N . 14.25 -54.79 2.60
C1 A1IVD O . 5.79 -13.08 17.01
C3 A1IVD O . 4.08 -11.54 16.19
C7 A1IVD O . 3.38 -12.42 19.13
C8 A1IVD O . 3.62 -13.63 19.75
C10 A1IVD O . 1.27 -14.05 19.73
C15 A1IVD O . 0.58 -17.10 18.38
C16 A1IVD O . 1.03 -16.76 16.95
C21 A1IVD O . 5.37 -20.00 16.63
C25 A1IVD O . 2.40 -18.84 16.66
C26 A1IVD O . 1.26 -18.00 16.10
C27 A1IVD O . -0.11 -15.90 16.46
C28 A1IVD O . -0.46 -15.54 15.17
C31 A1IVD O . -2.00 -14.68 17.31
C17 A1IVD O . 2.35 -15.98 16.90
C18 A1IVD O . 3.51 -16.80 17.42
C20 A1IVD O . 4.69 -18.88 17.42
C29 A1IVD O . -1.57 -14.74 14.95
C30 A1IVD O . -2.34 -14.31 16.02
C32 A1IVD O . -0.89 -15.47 17.52
C33 A1IVD O . 1.03 -12.84 19.11
C34 A1IVD O . 2.09 -12.02 18.80
C9 A1IVD O . 2.55 -14.45 20.04
F22 A1IVD O . 4.51 -20.91 16.20
F23 A1IVD O . 6.25 -20.66 17.38
F24 A1IVD O . 6.03 -19.56 15.56
N14 A1IVD O . -0.34 -15.99 18.74
N19 A1IVD O . 3.66 -18.09 16.72
N2 A1IVD O . 5.10 -11.81 17.21
O12 A1IVD O . -1.23 -14.32 20.34
O13 A1IVD O . 0.37 -16.03 21.12
O5 A1IVD O . 4.28 -10.03 18.69
O6 A1IVD O . 5.85 -11.73 19.54
S11 A1IVD O . -0.07 -15.11 20.12
S4 A1IVD O . 4.74 -11.37 18.73
H36 A1IVD O . 6.29 -13.05 16.18
H35 A1IVD O . 5.14 -13.81 16.98
H37 A1IVD O . 6.41 -13.23 17.75
H40 A1IVD O . 3.36 -10.99 16.57
H39 A1IVD O . 3.71 -12.39 15.87
H38 A1IVD O . 4.49 -11.06 15.46
H41 A1IVD O . 4.51 -13.90 19.96
H43 A1IVD O . 0.10 -17.97 18.40
H44 A1IVD O . 1.33 -17.15 19.00
H51 A1IVD O . 2.51 -19.62 16.09
H52 A1IVD O . 2.16 -19.15 17.56
H54 A1IVD O . 1.48 -17.73 15.18
H53 A1IVD O . 0.45 -18.53 16.08
H55 A1IVD O . 0.07 -15.83 14.44
H58 A1IVD O . -2.52 -14.39 18.05
H45 A1IVD O . 2.27 -15.17 17.43
H46 A1IVD O . 2.53 -15.73 15.97
H47 A1IVD O . 3.40 -16.98 18.38
H48 A1IVD O . 4.34 -16.29 17.31
H49 A1IVD O . 4.28 -19.27 18.23
H50 A1IVD O . 5.40 -18.26 17.72
H56 A1IVD O . -1.80 -14.48 14.06
H57 A1IVD O . -3.10 -13.76 15.87
H59 A1IVD O . 0.15 -12.57 18.89
H60 A1IVD O . 1.95 -11.18 18.38
H42 A1IVD O . 2.70 -15.29 20.47
O12 PC1 P . -15.51 -15.47 10.75
P PC1 P . -15.17 -14.48 11.82
O14 PC1 P . -14.49 -13.18 11.52
O13 PC1 P . -16.54 -14.07 12.64
C11 PC1 P . -16.69 -12.77 13.18
C12 PC1 P . -18.19 -12.64 13.46
N PC1 P . -19.01 -11.90 12.45
C13 PC1 P . -18.82 -12.45 11.08
C14 PC1 P . -20.44 -12.08 12.83
C15 PC1 P . -18.72 -10.44 12.45
O11 PC1 P . -14.31 -15.31 12.95
C1 PC1 P . -13.70 -16.55 12.63
C2 PC1 P . -12.22 -16.51 12.96
O21 PC1 P . -11.74 -17.80 13.38
C21 PC1 P . -10.80 -18.42 12.67
O22 PC1 P . -11.02 -19.01 11.65
C22 PC1 P . -9.45 -18.30 13.32
C23 PC1 P . -8.53 -17.29 12.66
C24 PC1 P . -7.29 -16.99 13.49
C25 PC1 P . -6.18 -18.02 13.34
C26 PC1 P . -4.79 -17.44 13.62
C27 PC1 P . -3.97 -18.23 14.64
C28 PC1 P . -2.79 -18.97 14.02
C29 PC1 P . -3.19 -20.22 13.24
C2A PC1 P . -2.10 -21.29 13.22
C2B PC1 P . -0.95 -20.99 12.25
C2C PC1 P . 0.37 -20.64 12.93
C2D PC1 P . 1.33 -21.81 13.04
C2E PC1 P . 2.76 -21.37 13.29
C2F PC1 P . 3.78 -22.51 13.21
C2G PC1 P . 4.91 -22.27 12.22
C2H PC1 P . 6.28 -22.68 12.74
C2I PC1 P . 6.36 -24.14 13.14
C3 PC1 P . -11.88 -15.55 14.07
O31 PC1 P . -10.47 -15.53 14.22
C31 PC1 P . -9.95 -15.64 15.44
O32 PC1 P . -10.35 -16.43 16.25
C32 PC1 P . -8.81 -14.67 15.66
C33 PC1 P . -8.19 -14.76 17.05
C34 PC1 P . -7.58 -16.12 17.32
C35 PC1 P . -6.05 -16.11 17.46
C36 PC1 P . -5.58 -16.01 18.90
C37 PC1 P . -4.16 -16.53 19.11
C38 PC1 P . -4.12 -17.92 19.76
C39 PC1 P . -2.72 -18.50 19.85
C3A PC1 P . -2.58 -19.65 20.84
C3B PC1 P . -1.22 -19.70 21.52
C3C PC1 P . -1.00 -20.97 22.33
C3D PC1 P . -0.28 -20.73 23.66
C3E PC1 P . 0.71 -21.84 24.02
C3F PC1 P . 0.06 -23.18 24.34
C3G PC1 P . 0.49 -23.76 25.68
C3H PC1 P . 1.99 -23.99 25.81
C3I PC1 P . 2.41 -24.38 27.23
C1 OCT Q . 16.08 -35.91 14.56
C2 OCT Q . 15.41 -34.56 14.78
C3 OCT Q . 14.43 -34.57 15.94
C4 OCT Q . 13.25 -33.63 15.76
C5 OCT Q . 12.02 -34.30 15.14
C6 OCT Q . 11.50 -33.58 13.91
C7 OCT Q . 10.08 -33.99 13.53
C8 OCT Q . 9.49 -33.11 12.43
C1 OCT R . -7.10 -38.34 5.05
C2 OCT R . -8.44 -37.61 5.12
C3 OCT R . -9.29 -37.82 3.88
C4 OCT R . -10.58 -37.01 3.89
C5 OCT R . -11.44 -37.21 2.64
C6 OCT R . -12.87 -36.75 2.83
C7 OCT R . -13.54 -36.32 1.54
C8 OCT R . -15.01 -35.96 1.73
C1 EUJ S . -7.47 -14.95 49.77
C2 EUJ S . -6.30 -14.73 48.83
C3 EUJ S . -5.19 -13.98 49.53
C4 EUJ S . -4.74 -14.70 50.79
C5 EUJ S . -5.93 -14.89 51.73
C6 EUJ S . -7.05 -15.66 51.04
O1 EUJ S . -8.47 -15.79 49.10
O2 EUJ S . -5.81 -15.99 48.39
O3 EUJ S . -4.04 -13.88 48.63
O4 EUJ S . -3.71 -13.96 51.45
O5 EUJ S . -5.48 -15.64 52.91
O6 EUJ S . -8.16 -15.79 51.93
P1 EUJ S . -9.59 -15.20 48.10
O11 EUJ S . -9.63 -16.06 46.86
O12 EUJ S . -9.40 -13.72 47.94
O13 EUJ S . -10.92 -15.48 48.95
P3 EUJ S . -3.99 -12.90 47.36
O31 EUJ S . -5.11 -13.31 46.42
O32 EUJ S . -2.62 -13.08 46.72
O33 EUJ S . -4.18 -11.50 47.91
P5 EUJ S . -5.77 -15.16 54.42
O51 EUJ S . -5.01 -13.85 54.58
O52 EUJ S . -7.27 -14.96 54.54
O53 EUJ S . -5.25 -16.25 55.32
C1A EUJ S . -13.50 -16.56 49.42
C1B EUJ S . -14.14 -14.50 54.03
C1C EUJ S . -11.18 -14.67 50.12
C2A EUJ S . -14.80 -16.68 48.67
C2B EUJ S . -13.30 -13.33 54.50
C2C EUJ S . -12.24 -15.30 51.00
C3A EUJ S . -15.85 -15.72 49.12
C3B EUJ S . -13.74 -12.76 55.82
C3C EUJ S . -12.57 -14.46 52.22
C4A EUJ S . -17.14 -15.84 48.33
C4B EUJ S . -12.78 -11.73 56.36
C5A EUJ S . -17.81 -17.18 48.42
C5B EUJ S . -13.10 -11.22 57.74
C6A EUJ S . -19.12 -17.29 47.67
C6B EUJ S . -12.13 -10.22 58.28
C7A EUJ S . -19.00 -17.13 46.18
C7B EUJ S . -10.69 -10.69 58.34
C8A EUJ S . -20.32 -17.26 45.45
C8B EUJ S . -10.48 -11.94 59.15
O1A EUJ S . -12.57 -17.32 49.29
O1B EUJ S . -15.10 -14.90 54.62
O2C EUJ S . -13.46 -15.51 50.25
O3C EUJ S . -13.71 -15.03 52.89
C1 A1IVD T . 10.13 3.31 19.51
C3 A1IVD T . 9.27 4.42 17.51
C7 A1IVD T . 10.72 6.52 19.34
C8 A1IVD T . 10.78 6.55 20.73
C10 A1IVD T . 9.37 8.48 20.70
C15 A1IVD T . 6.72 8.08 22.81
C16 A1IVD T . 6.05 6.94 22.01
C21 A1IVD T . 6.70 2.89 25.54
C25 A1IVD T . 5.67 5.48 24.00
C26 A1IVD T . 5.01 6.19 22.84
C27 A1IVD T . 5.44 7.71 20.85
C28 A1IVD T . 4.46 7.33 19.95
C31 A1IVD T . 5.61 9.85 19.77
C17 A1IVD T . 7.03 5.88 21.51
C18 A1IVD T . 7.67 5.13 22.65
C20 A1IVD T . 7.41 3.97 24.73
C29 A1IVD T . 4.05 8.21 18.96
C30 A1IVD T . 4.63 9.46 18.87
C32 A1IVD T . 6.01 8.97 20.75
C33 A1IVD T . 9.30 8.44 19.32
C34 A1IVD T . 9.97 7.46 18.64
C9 A1IVD T . 10.10 7.55 21.40
F22 A1IVD T . 5.55 3.30 26.05
F23 A1IVD T . 7.44 2.49 26.57
F24 A1IVD T . 6.43 1.81 24.82
N14 A1IVD T . 6.98 9.13 21.79
N19 A1IVD T . 6.69 4.52 23.56
N2 A1IVD T . 10.45 4.10 18.32
O12 A1IVD T . 8.40 10.88 20.76
O13 A1IVD T . 9.09 9.82 22.87
O5 A1IVD T . 11.87 5.72 17.16
O6 A1IVD T . 12.60 4.74 19.30
S11 A1IVD T . 8.51 9.73 21.59
S4 A1IVD T . 11.57 5.26 18.47
H36 A1IVD T . 9.78 2.44 19.23
H35 A1IVD T . 9.45 3.77 20.04
H37 A1IVD T . 10.94 3.18 20.04
H40 A1IVD T . 9.41 5.28 17.05
H39 A1IVD T . 8.49 4.48 18.08
H38 A1IVD T . 9.15 3.71 16.84
H41 A1IVD T . 11.30 5.90 21.19
H43 A1IVD T . 6.12 8.41 23.51
H44 A1IVD T . 7.56 7.78 23.23
H51 A1IVD T . 4.97 5.01 24.50
H52 A1IVD T . 6.07 6.14 24.60
H54 A1IVD T . 4.56 5.54 22.26
H53 A1IVD T . 4.35 6.82 23.17
H55 A1IVD T . 4.08 6.46 20.01
H58 A1IVD T . 6.00 10.71 19.71
H45 A1IVD T . 7.71 6.31 20.96
H46 A1IVD T . 6.54 5.25 20.94
H47 A1IVD T . 8.26 5.73 23.16
H48 A1IVD T . 8.24 4.41 22.28
H49 A1IVD T . 7.63 4.72 25.33
H50 A1IVD T . 8.26 3.60 24.41
H56 A1IVD T . 3.39 7.94 18.33
H57 A1IVD T . 4.35 10.07 18.18
H59 A1IVD T . 8.79 9.09 18.85
H60 A1IVD T . 9.94 7.42 17.69
H42 A1IVD T . 10.15 7.58 22.36
O12 PC1 U . -6.65 17.53 15.62
P PC1 U . -5.26 17.89 15.20
O14 PC1 U . -4.58 17.28 14.03
O13 PC1 U . -5.19 19.52 14.94
C11 PC1 U . -4.35 20.05 13.94
C12 PC1 U . -4.85 21.47 13.69
N PC1 U . -5.71 21.67 12.49
C13 PC1 U . -6.87 20.73 12.46
C14 PC1 U . -6.25 23.06 12.55
C15 PC1 U . -4.94 21.54 11.21
O11 PC1 U . -4.33 17.73 16.55
C1 PC1 U . -4.76 16.94 17.65
C2 PC1 U . -3.73 15.88 17.99
O21 PC1 U . -3.71 15.61 19.39
C21 PC1 U . -4.00 14.38 19.84
O22 PC1 U . -5.13 13.98 19.93
C22 PC1 U . -2.77 13.62 20.20
C23 PC1 U . -2.35 12.57 19.17
C24 PC1 U . -0.97 12.01 19.45
C25 PC1 U . -0.95 10.92 20.52
C26 PC1 U . 0.22 9.94 20.34
C27 PC1 U . 1.09 9.77 21.58
C28 PC1 U . 0.96 8.39 22.23
C29 PC1 U . -0.36 8.18 22.96
C2A PC1 U . -0.27 7.17 24.10
C2B PC1 U . -0.26 5.71 23.64
C2C PC1 U . 1.08 5.01 23.81
C2D PC1 U . 1.17 4.17 25.07
C2E PC1 U . 2.29 3.14 25.02
C2F PC1 U . 2.27 2.16 26.18
C2G PC1 U . 2.24 0.70 25.76
C2H PC1 U . 3.17 -0.20 26.57
C2I PC1 U . 2.89 -0.19 28.06
C3 PC1 U . -2.32 16.30 17.62
O31 PC1 U . -1.47 15.19 17.90
C31 PC1 U . -0.33 15.41 18.56
O32 PC1 U . -0.27 16.13 19.53
C32 PC1 U . 0.82 14.67 17.97
C33 PC1 U . 2.15 14.88 18.69
C34 PC1 U . 2.09 14.40 20.14
C35 PC1 U . 2.99 13.20 20.43
C36 PC1 U . 4.36 13.60 21.00
C37 PC1 U . 5.03 12.49 21.79
C38 PC1 U . 4.95 12.69 23.31
C39 PC1 U . 5.52 11.52 24.10
C3A PC1 U . 5.82 11.85 25.55
C3B PC1 U . 7.00 11.06 26.12
C3C PC1 U . 7.20 11.27 27.62
C3D PC1 U . 8.66 11.35 28.02
C3E PC1 U . 8.97 10.63 29.33
C3F PC1 U . 8.31 11.24 30.56
C3G PC1 U . 9.28 11.56 31.69
C3H PC1 U . 10.07 10.37 32.21
C3I PC1 U . 11.18 10.76 33.17
C1 OCT V . 4.07 -8.48 40.89
C2 OCT V . 4.45 -7.73 39.62
C3 OCT V . 4.82 -6.27 39.90
C4 OCT V . 4.46 -5.33 38.77
C5 OCT V . 3.10 -4.65 38.94
C6 OCT V . 2.19 -4.83 37.74
C7 OCT V . 0.99 -3.89 37.74
C8 OCT V . 0.22 -3.91 36.43
C1 OCT W . -16.12 5.52 35.44
C2 OCT W . -16.46 6.73 34.58
C3 OCT W . -17.92 6.76 34.14
C4 OCT W . -18.23 7.90 33.17
C5 OCT W . -19.70 7.94 32.74
C6 OCT W . -20.11 9.28 32.16
C7 OCT W . -21.24 9.17 31.13
C8 OCT W . -21.71 10.53 30.64
C1 EUJ X . 26.69 32.01 31.92
C2 EUJ X . 26.71 30.54 31.55
C3 EUJ X . 28.13 30.05 31.34
C4 EUJ X . 28.99 30.32 32.58
C5 EUJ X . 28.97 31.79 32.92
C6 EUJ X . 27.56 32.30 33.14
O1 EUJ X . 25.31 32.41 32.23
O2 EUJ X . 26.09 29.78 32.59
O3 EUJ X . 28.11 28.61 31.09
O4 EUJ X . 30.32 29.87 32.34
O5 EUJ X . 29.75 32.00 34.14
O6 EUJ X . 27.56 33.69 33.42
P1 EUJ X . 24.24 32.84 31.12
O11 EUJ X . 22.93 32.15 31.40
O12 EUJ X . 24.85 32.73 29.75
O13 EUJ X . 24.06 34.39 31.49
P3 EUJ X . 27.60 27.96 29.70
O31 EUJ X . 26.15 28.35 29.53
O32 EUJ X . 27.78 26.46 29.85
O33 EUJ X . 28.49 28.54 28.63
P5 EUJ X . 30.94 33.08 34.24
O51 EUJ X . 32.01 32.63 33.28
O52 EUJ X . 30.35 34.42 33.86
O53 EUJ X . 31.41 33.05 35.68
C1A EUJ X . 22.61 36.72 32.23
C1B EUJ X . 26.57 39.92 32.08
C1C EUJ X . 25.15 35.32 31.18
C2A EUJ X . 21.32 37.39 31.83
C2B EUJ X . 27.86 39.58 31.36
C2C EUJ X . 24.99 36.63 31.93
C3A EUJ X . 21.53 38.60 30.97
C3B EUJ X . 28.82 40.71 31.29
C3C EUJ X . 26.06 37.63 31.59
C4A EUJ X . 20.21 39.23 30.54
C4B EUJ X . 30.17 40.28 30.74
C5A EUJ X . 19.36 39.74 31.68
C5B EUJ X . 31.23 41.35 30.77
C6A EUJ X . 18.08 40.41 31.25
C6B EUJ X . 32.58 40.91 30.24
C7A EUJ X . 17.10 39.52 30.53
C7B EUJ X . 33.17 39.70 30.92
C8A EUJ X . 15.82 40.21 30.15
C8B EUJ X . 33.35 39.86 32.42
O1A EUJ X . 22.68 35.82 33.02
O1B EUJ X . 26.33 41.01 32.51
O2C EUJ X . 23.69 37.22 31.62
O3C EUJ X . 25.71 38.90 32.18
C1 A1IVD Y . 21.14 2.39 6.42
C3 A1IVD Y . 19.69 2.10 4.48
C7 A1IVD Y . 22.68 2.06 3.55
C8 A1IVD Y . 23.76 2.76 4.07
C10 A1IVD Y . 23.81 4.09 2.09
C15 A1IVD Y . 23.83 7.41 2.85
C16 A1IVD Y . 22.40 7.46 3.44
C21 A1IVD Y . 23.65 8.48 8.62
C25 A1IVD Y . 23.06 8.73 5.49
C26 A1IVD Y . 22.16 8.70 4.27
C27 A1IVD Y . 21.55 7.39 2.19
C28 A1IVD Y . 20.21 7.69 2.01
C31 A1IVD Y . 21.73 6.84 -0.14
C17 A1IVD Y . 22.10 6.27 4.36
C18 A1IVD Y . 22.96 6.29 5.61
C20 A1IVD Y . 23.88 7.53 7.43
C29 A1IVD Y . 19.63 7.57 0.76
C30 A1IVD Y . 20.39 7.14 -0.31
C32 A1IVD Y . 22.30 6.97 1.11
C33 A1IVD Y . 22.73 3.40 1.57
C34 A1IVD Y . 22.17 2.38 2.30
C9 A1IVD Y . 24.32 3.78 3.34
F22 A1IVD Y . 23.59 9.75 8.26
F23 A1IVD Y . 24.64 8.40 9.50
F24 A1IVD Y . 22.53 8.22 9.28
N14 A1IVD Y . 23.65 6.73 1.53
N19 A1IVD Y . 22.87 7.56 6.36
N2 A1IVD Y . 20.77 1.54 5.29
O12 A1IVD Y . 24.36 5.13 -0.21
O13 A1IVD Y . 25.85 5.61 1.69
O5 A1IVD Y . 21.33 -0.15 3.60
O6 A1IVD Y . 22.89 0.32 5.46
S11 A1IVD Y . 24.55 5.39 1.17
S4 A1IVD Y . 21.95 0.78 4.49
H36 A1IVD Y . 20.39 2.45 7.04
H35 A1IVD Y . 21.39 3.28 6.10
H37 A1IVD Y . 21.91 1.99 6.88
H40 A1IVD Y . 19.77 1.81 3.55
H39 A1IVD Y . 19.72 3.08 4.52
H38 A1IVD Y . 18.83 1.79 4.84
H41 A1IVD Y . 24.10 2.54 4.93
H43 A1IVD Y . 24.17 8.32 2.73
H44 A1IVD Y . 24.45 6.91 3.42
H51 A1IVD Y . 22.87 9.54 6.00
H52 A1IVD Y . 24.00 8.77 5.20
H54 A1IVD Y . 21.22 8.71 4.56
H53 A1IVD Y . 22.32 9.49 3.73
H55 A1IVD Y . 19.69 7.98 2.76
H58 A1IVD Y . 22.26 6.55 -0.88
H45 A1IVD Y . 22.23 5.44 3.88
H46 A1IVD Y . 21.15 6.32 4.63
H47 A1IVD Y . 23.90 6.13 5.36
H48 A1IVD Y . 22.68 5.55 6.19
H49 A1IVD Y . 24.74 7.74 7.03
H50 A1IVD Y . 23.92 6.61 7.78
H56 A1IVD Y . 18.71 7.77 0.64
H57 A1IVD Y . 19.99 7.05 -1.18
H59 A1IVD Y . 22.40 3.62 0.71
H60 A1IVD Y . 21.43 1.89 1.95
H42 A1IVD Y . 25.07 4.27 3.69
O12 PC1 Z . 15.49 15.47 -10.77
P PC1 Z . 16.07 14.11 -11.04
O14 PC1 Z . 15.30 12.86 -10.84
O13 PC1 Z . 16.59 14.06 -12.60
C11 PC1 Z . 16.54 12.85 -13.33
C12 PC1 Z . 16.68 13.25 -14.79
N PC1 Z . 15.40 13.33 -15.59
C13 PC1 Z . 14.38 14.20 -14.93
C14 PC1 Z . 15.75 13.93 -16.91
C15 PC1 Z . 14.81 11.99 -15.84
O11 PC1 Z . 17.48 14.05 -10.19
C1 PC1 Z . 17.74 14.95 -9.12
C2 PC1 Z . 18.08 14.19 -7.86
O21 PC1 Z . 19.01 14.90 -7.05
C21 PC1 Z . 18.67 15.29 -5.83
O22 PC1 Z . 17.97 16.25 -5.60
C22 PC1 Z . 19.27 14.40 -4.77
C23 PC1 Z . 18.28 13.41 -4.17
C24 PC1 Z . 18.97 12.34 -3.32
C25 PC1 Z . 19.33 12.80 -1.91
C26 PC1 Z . 19.40 11.64 -0.91
C27 PC1 Z . 20.69 11.59 -0.10
C28 PC1 Z . 20.49 11.95 1.38
C29 PC1 Z . 20.27 13.44 1.62
C2A PC1 Z . 20.75 13.88 3.01
C2B PC1 Z . 19.79 13.51 4.14
C2C PC1 Z . 20.32 12.42 5.07
C2D PC1 Z . 20.96 12.96 6.34
C2E PC1 Z . 21.07 11.91 7.43
C2F PC1 Z . 21.51 12.47 8.79
C2G PC1 Z . 20.56 12.15 9.93
C2H PC1 Z . 21.27 11.74 11.22
C2I PC1 Z . 22.24 12.79 11.74
C3 PC1 Z . 18.71 12.84 -8.13
O31 PC1 Z . 18.89 12.18 -6.88
C31 PC1 Z . 20.07 11.62 -6.63
O32 PC1 Z . 21.12 12.15 -6.88
C32 PC1 Z . 19.93 10.26 -6.00
C33 PC1 Z . 21.25 9.57 -5.69
C34 PC1 Z . 22.09 10.36 -4.70
C35 PC1 Z . 22.28 9.66 -3.35
C36 PC1 Z . 23.57 8.87 -3.25
C37 PC1 Z . 24.04 8.64 -1.82
C38 PC1 Z . 25.21 9.53 -1.42
C39 PC1 Z . 25.59 9.40 0.05
C3A PC1 Z . 26.98 9.95 0.37
C3B PC1 Z . 27.68 9.20 1.49
C3C PC1 Z . 28.96 9.87 1.97
C3D PC1 Z . 30.09 8.90 2.27
C3E PC1 Z . 30.91 9.28 3.49
C3F PC1 Z . 31.74 10.55 3.32
C3G PC1 Z . 33.22 10.38 3.65
C3H PC1 Z . 33.51 9.89 5.07
C3I PC1 Z . 34.97 9.53 5.27
C1 OCT AA . 28.87 18.07 24.52
C2 OCT AA . 28.45 17.13 23.39
C3 OCT AA . 29.46 17.09 22.25
C4 OCT AA . 28.82 16.86 20.89
C5 OCT AA . 28.53 18.14 20.11
C6 OCT AA . 27.08 18.24 19.65
C7 OCT AA . 26.86 19.32 18.59
C8 OCT AA . 25.47 19.25 17.97
C1 OCT BA . 20.18 33.16 6.32
C2 OCT BA . 19.87 33.07 4.83
C3 OCT BA . 18.80 34.06 4.39
C4 OCT BA . 18.40 33.89 2.92
C5 OCT BA . 17.33 34.87 2.48
C6 OCT BA . 17.24 35.01 0.97
C7 OCT BA . 15.85 35.39 0.47
C8 OCT BA . 15.81 35.64 -1.03
#